data_4N54
#
_entry.id   4N54
#
_cell.length_a   85.250
_cell.length_b   99.830
_cell.length_c   192.510
_cell.angle_alpha   90.00
_cell.angle_beta   90.00
_cell.angle_gamma   90.00
#
_symmetry.space_group_name_H-M   'P 21 21 21'
#
loop_
_entity.id
_entity.type
_entity.pdbx_description
1 polymer 'Inositol dehydrogenase'
2 non-polymer '1,4-DIHYDRONICOTINAMIDE ADENINE DINUCLEOTIDE'
3 non-polymer (1r,2r,3r,4r,5r,6r)-cyclohexane-1,2,3,4,5,6-hexol
4 water water
#
_entity_poly.entity_id   1
_entity_poly.type   'polypeptide(L)'
_entity_poly.pdbx_seq_one_letter_code
;MRGSHHHHHHGSKTIKIGIVGLGRLGKIHATNIATKIQHAKLQAATSVVPAELDWAKKELGVEEVFEDFDDMVQHADIDA
VFIVSPSGFHLQQIESALNAGKHVFSEKPIGLDIEAIEHTQQVIAQHANLKFQLGFMRRFDDSYRYAKQLVDQGKIGDIT
LIRSYSIDPAAGMASFVKFATSANSGGLFLDMSIHDIDVIRWFTGKEIDKVWAIGLNRAYPVLDKAGELETGAALMQLED
KTMAILVAGRNAAHGYHVETEIIGTKGMLRIAQVPEKNLVTVMNEEGIIRPTSQNFPERFAQAFLSEEQAFVNSILNNQD
VGITAEDGLQGTKAALALQEAFEKNDIVQVAS
;
_entity_poly.pdbx_strand_id   A,B,C,D
#
# COMPACT_ATOMS: atom_id res chain seq x y z
N LYS A 13 34.13 3.45 -31.20
CA LYS A 13 33.92 4.61 -32.05
C LYS A 13 32.57 5.23 -31.71
N THR A 14 32.19 6.26 -32.44
CA THR A 14 30.97 7.00 -32.17
C THR A 14 29.94 6.80 -33.26
N ILE A 15 28.76 6.32 -32.88
CA ILE A 15 27.68 6.18 -33.83
C ILE A 15 27.00 7.50 -34.06
N LYS A 16 27.19 8.05 -35.25
CA LYS A 16 26.56 9.30 -35.61
C LYS A 16 25.10 9.05 -35.96
N ILE A 17 24.21 9.68 -35.20
CA ILE A 17 22.78 9.44 -35.32
C ILE A 17 22.03 10.62 -35.88
N GLY A 18 21.07 10.35 -36.76
CA GLY A 18 20.18 11.36 -37.27
C GLY A 18 18.75 11.04 -36.93
N ILE A 19 18.02 12.00 -36.36
CA ILE A 19 16.68 11.76 -35.88
C ILE A 19 15.64 12.47 -36.73
N VAL A 20 14.48 11.84 -36.91
CA VAL A 20 13.36 12.50 -37.56
C VAL A 20 12.21 12.59 -36.58
N GLY A 21 11.81 13.80 -36.24
CA GLY A 21 10.75 13.98 -35.28
C GLY A 21 11.29 14.56 -34.00
N LEU A 22 10.71 15.67 -33.58
CA LEU A 22 11.14 16.31 -32.37
C LEU A 22 9.93 16.74 -31.56
N GLY A 23 8.89 15.92 -31.59
CA GLY A 23 7.67 16.21 -30.88
C GLY A 23 7.66 15.70 -29.45
N ARG A 24 6.50 15.25 -29.01
CA ARG A 24 6.32 14.73 -27.66
C ARG A 24 7.42 13.79 -27.21
N LEU A 25 7.82 12.86 -28.08
CA LEU A 25 8.85 11.91 -27.73
C LEU A 25 10.15 12.21 -28.40
N GLY A 26 10.11 12.70 -29.62
CA GLY A 26 11.31 13.01 -30.36
C GLY A 26 12.28 13.92 -29.63
N LYS A 27 11.73 14.90 -28.92
CA LYS A 27 12.56 15.80 -28.15
C LYS A 27 13.24 15.07 -27.00
N ILE A 28 12.66 13.98 -26.56
CA ILE A 28 13.24 13.21 -25.47
C ILE A 28 14.35 12.31 -25.97
N HIS A 29 14.09 11.60 -27.06
CA HIS A 29 15.09 10.79 -27.69
C HIS A 29 16.28 11.63 -28.10
N ALA A 30 16.01 12.80 -28.66
CA ALA A 30 17.07 13.68 -29.12
C ALA A 30 17.92 14.15 -27.97
N THR A 31 17.26 14.63 -26.93
CA THR A 31 17.95 15.12 -25.76
C THR A 31 18.81 14.04 -25.12
N ASN A 32 18.28 12.82 -25.03
CA ASN A 32 19.03 11.71 -24.46
C ASN A 32 20.25 11.35 -25.27
N ILE A 33 20.03 11.16 -26.56
CA ILE A 33 21.10 10.81 -27.48
C ILE A 33 22.25 11.80 -27.43
N ALA A 34 21.92 13.07 -27.41
CA ALA A 34 22.92 14.11 -27.43
C ALA A 34 23.60 14.30 -26.09
N THR A 35 22.95 13.87 -25.03
CA THR A 35 23.40 14.22 -23.68
C THR A 35 23.61 13.04 -22.74
N LYS A 36 23.07 11.87 -23.04
CA LYS A 36 23.14 10.80 -22.05
C LYS A 36 23.65 9.47 -22.58
N ILE A 37 23.60 9.30 -23.89
CA ILE A 37 23.90 8.02 -24.49
C ILE A 37 25.36 7.90 -24.85
N GLN A 38 26.02 6.86 -24.37
CA GLN A 38 27.43 6.64 -24.64
C GLN A 38 27.68 6.24 -26.08
N HIS A 39 28.82 6.68 -26.61
CA HIS A 39 29.25 6.31 -27.95
C HIS A 39 28.24 6.69 -29.02
N ALA A 40 27.47 7.72 -28.77
CA ALA A 40 26.50 8.18 -29.75
C ALA A 40 26.53 9.69 -29.85
N LYS A 41 26.32 10.20 -31.04
CA LYS A 41 26.27 11.62 -31.26
C LYS A 41 25.09 11.96 -32.13
N LEU A 42 24.31 12.94 -31.71
CA LEU A 42 23.18 13.35 -32.51
C LEU A 42 23.65 14.33 -33.56
N GLN A 43 23.95 13.81 -34.74
CA GLN A 43 24.53 14.62 -35.79
C GLN A 43 23.47 15.37 -36.57
N ALA A 44 22.35 14.74 -36.82
CA ALA A 44 21.36 15.30 -37.71
C ALA A 44 19.94 15.21 -37.19
N ALA A 45 19.09 16.12 -37.66
CA ALA A 45 17.69 16.13 -37.24
C ALA A 45 16.77 16.63 -38.33
N THR A 46 15.63 15.97 -38.48
CA THR A 46 14.68 16.29 -39.52
C THR A 46 13.33 16.59 -38.89
N SER A 47 12.67 17.63 -39.38
CA SER A 47 11.34 17.97 -38.90
C SER A 47 10.65 18.96 -39.80
N VAL A 48 9.34 18.91 -39.81
CA VAL A 48 8.56 19.84 -40.59
C VAL A 48 8.23 21.09 -39.79
N VAL A 49 8.90 21.26 -38.66
CA VAL A 49 8.75 22.46 -37.86
C VAL A 49 10.09 23.13 -37.65
N PRO A 50 10.29 24.27 -38.30
CA PRO A 50 11.54 25.02 -38.28
C PRO A 50 11.95 25.41 -36.87
N ALA A 51 11.00 25.75 -36.02
CA ALA A 51 11.33 26.14 -34.67
C ALA A 51 11.97 24.98 -33.94
N GLU A 52 11.61 23.76 -34.31
CA GLU A 52 12.17 22.58 -33.68
C GLU A 52 13.62 22.37 -34.05
N LEU A 53 13.97 22.59 -35.32
CA LEU A 53 15.34 22.43 -35.76
C LEU A 53 16.29 23.45 -35.15
N ASP A 54 15.80 24.66 -34.96
CA ASP A 54 16.55 25.68 -34.27
C ASP A 54 16.86 25.21 -32.89
N TRP A 55 15.85 24.72 -32.20
CA TRP A 55 16.02 24.27 -30.85
C TRP A 55 17.08 23.19 -30.77
N ALA A 56 17.14 22.34 -31.77
CA ALA A 56 18.15 21.30 -31.79
C ALA A 56 19.55 21.89 -31.94
N LYS A 57 19.69 22.85 -32.84
CA LYS A 57 20.95 23.53 -33.04
C LYS A 57 21.34 24.29 -31.79
N LYS A 58 20.45 25.16 -31.32
CA LYS A 58 20.74 25.99 -30.16
C LYS A 58 20.95 25.19 -28.89
N GLU A 59 20.10 24.23 -28.64
CA GLU A 59 20.14 23.55 -27.37
C GLU A 59 20.95 22.26 -27.38
N LEU A 60 20.87 21.49 -28.45
CA LEU A 60 21.54 20.21 -28.47
C LEU A 60 22.81 20.18 -29.32
N GLY A 61 23.04 21.23 -30.09
CA GLY A 61 24.28 21.34 -30.85
C GLY A 61 24.28 20.47 -32.08
N VAL A 62 23.11 20.33 -32.67
CA VAL A 62 22.93 19.53 -33.86
C VAL A 62 23.46 20.28 -35.07
N GLU A 63 24.34 19.64 -35.82
CA GLU A 63 25.06 20.30 -36.90
C GLU A 63 24.26 20.45 -38.18
N GLU A 64 23.49 19.43 -38.53
CA GLU A 64 22.78 19.41 -39.80
C GLU A 64 21.28 19.20 -39.65
N VAL A 65 20.50 20.11 -40.22
CA VAL A 65 19.05 20.06 -40.08
C VAL A 65 18.36 19.91 -41.44
N PHE A 66 17.17 19.34 -41.44
CA PHE A 66 16.47 19.06 -42.67
C PHE A 66 14.96 19.10 -42.48
N GLU A 67 14.23 19.32 -43.57
CA GLU A 67 12.79 19.40 -43.53
C GLU A 67 12.20 18.19 -44.22
N ASP A 68 13.09 17.37 -44.74
CA ASP A 68 12.68 16.20 -45.48
C ASP A 68 13.57 15.06 -45.08
N PHE A 69 12.95 13.91 -44.86
CA PHE A 69 13.66 12.75 -44.41
C PHE A 69 14.66 12.25 -45.44
N ASP A 70 14.19 11.98 -46.66
CA ASP A 70 15.03 11.50 -47.74
C ASP A 70 16.25 12.36 -47.85
N ASP A 71 16.05 13.65 -47.67
CA ASP A 71 17.14 14.61 -47.68
C ASP A 71 18.21 14.28 -46.66
N MET A 72 17.79 14.02 -45.44
CA MET A 72 18.75 13.76 -44.36
C MET A 72 19.53 12.49 -44.60
N VAL A 73 18.89 11.46 -45.12
CA VAL A 73 19.55 10.19 -45.29
C VAL A 73 20.48 10.20 -46.50
N GLN A 74 20.27 11.12 -47.42
CA GLN A 74 21.15 11.17 -48.59
C GLN A 74 22.37 12.01 -48.32
N HIS A 75 22.22 13.03 -47.49
CA HIS A 75 23.22 14.07 -47.40
C HIS A 75 23.90 14.23 -46.05
N ALA A 76 23.40 13.55 -45.03
CA ALA A 76 23.95 13.72 -43.68
C ALA A 76 25.09 12.79 -43.37
N ASP A 77 25.90 13.19 -42.40
CA ASP A 77 27.04 12.42 -41.99
C ASP A 77 26.66 11.52 -40.82
N ILE A 78 25.87 10.49 -41.12
CA ILE A 78 25.32 9.60 -40.08
C ILE A 78 25.47 8.11 -40.39
N ASP A 79 25.51 7.29 -39.35
CA ASP A 79 25.54 5.85 -39.50
C ASP A 79 24.17 5.23 -39.27
N ALA A 80 23.32 5.92 -38.53
CA ALA A 80 22.05 5.37 -38.13
C ALA A 80 21.01 6.44 -37.86
N VAL A 81 19.73 6.02 -37.88
CA VAL A 81 18.63 6.92 -37.66
C VAL A 81 17.67 6.43 -36.58
N PHE A 82 17.07 7.39 -35.90
CA PHE A 82 15.98 7.17 -34.99
C PHE A 82 14.72 7.73 -35.63
N ILE A 83 13.71 6.90 -35.81
CA ILE A 83 12.49 7.35 -36.44
C ILE A 83 11.39 7.59 -35.42
N VAL A 84 11.10 8.87 -35.21
CA VAL A 84 10.12 9.29 -34.24
C VAL A 84 9.12 10.22 -34.93
N SER A 85 8.96 10.02 -36.23
CA SER A 85 7.95 10.71 -36.99
C SER A 85 6.61 10.05 -36.69
N PRO A 86 5.49 10.69 -37.06
CA PRO A 86 4.19 10.06 -36.88
C PRO A 86 4.06 8.72 -37.61
N SER A 87 3.13 7.89 -37.16
CA SER A 87 3.12 6.46 -37.49
C SER A 87 2.94 6.12 -38.97
N GLY A 88 2.13 6.89 -39.66
CA GLY A 88 1.92 6.69 -41.09
C GLY A 88 3.14 6.96 -41.94
N PHE A 89 4.19 7.48 -41.34
CA PHE A 89 5.39 7.80 -42.08
C PHE A 89 6.54 6.84 -41.81
N HIS A 90 6.33 5.88 -40.93
CA HIS A 90 7.41 5.02 -40.49
C HIS A 90 7.98 4.15 -41.59
N LEU A 91 7.11 3.46 -42.30
CA LEU A 91 7.51 2.44 -43.26
C LEU A 91 8.30 2.98 -44.43
N GLN A 92 7.88 4.11 -44.95
CA GLN A 92 8.60 4.75 -46.03
C GLN A 92 9.94 5.30 -45.54
N GLN A 93 10.02 5.62 -44.26
CA GLN A 93 11.25 6.17 -43.72
C GLN A 93 12.21 5.07 -43.33
N ILE A 94 11.68 3.94 -42.92
CA ILE A 94 12.51 2.78 -42.65
C ILE A 94 13.16 2.29 -43.96
N GLU A 95 12.36 2.18 -45.01
CA GLU A 95 12.85 1.72 -46.30
C GLU A 95 13.88 2.69 -46.86
N SER A 96 13.57 3.97 -46.82
CA SER A 96 14.48 4.97 -47.34
C SER A 96 15.82 4.99 -46.66
N ALA A 97 15.82 4.76 -45.35
CA ALA A 97 17.05 4.79 -44.58
C ALA A 97 17.84 3.52 -44.81
N LEU A 98 17.13 2.43 -45.00
CA LEU A 98 17.78 1.16 -45.23
C LEU A 98 18.53 1.14 -46.56
N ASN A 99 17.84 1.51 -47.63
CA ASN A 99 18.45 1.64 -48.94
C ASN A 99 19.70 2.51 -48.91
N ALA A 100 19.69 3.51 -48.03
CA ALA A 100 20.80 4.44 -47.91
C ALA A 100 21.94 3.94 -47.04
N GLY A 101 21.88 2.68 -46.63
CA GLY A 101 22.92 2.11 -45.80
C GLY A 101 22.96 2.49 -44.33
N LYS A 102 21.83 2.89 -43.76
CA LYS A 102 21.78 3.27 -42.34
C LYS A 102 21.05 2.25 -41.46
N HIS A 103 21.58 2.03 -40.26
CA HIS A 103 20.87 1.24 -39.26
C HIS A 103 19.62 1.99 -38.81
N VAL A 104 18.61 1.26 -38.35
CA VAL A 104 17.32 1.87 -38.07
C VAL A 104 16.69 1.53 -36.71
N PHE A 105 16.28 2.56 -36.00
CA PHE A 105 15.38 2.43 -34.87
C PHE A 105 14.09 3.09 -35.30
N SER A 106 12.98 2.41 -35.13
CA SER A 106 11.67 2.97 -35.42
C SER A 106 10.77 2.88 -34.21
N GLU A 107 10.04 3.96 -33.94
CA GLU A 107 9.04 3.92 -32.91
C GLU A 107 7.87 3.05 -33.32
N LYS A 108 7.09 2.68 -32.32
CA LYS A 108 5.87 1.95 -32.48
C LYS A 108 4.78 2.89 -32.97
N PRO A 109 3.75 2.36 -33.63
CA PRO A 109 3.73 1.03 -34.23
C PRO A 109 4.60 1.05 -35.47
N ILE A 110 4.91 -0.10 -36.03
CA ILE A 110 5.82 -0.12 -37.16
C ILE A 110 5.17 0.50 -38.40
N GLY A 111 3.87 0.32 -38.51
CA GLY A 111 3.08 0.85 -39.60
C GLY A 111 1.63 0.65 -39.28
N LEU A 112 0.76 1.01 -40.22
CA LEU A 112 -0.66 0.93 -40.00
C LEU A 112 -1.32 0.02 -41.03
N ASP A 113 -0.58 -0.34 -42.07
CA ASP A 113 -1.10 -1.22 -43.10
C ASP A 113 -0.29 -2.51 -43.18
N ILE A 114 -1.00 -3.63 -43.20
CA ILE A 114 -0.39 -4.94 -43.13
C ILE A 114 0.44 -5.29 -44.36
N GLU A 115 -0.06 -5.01 -45.54
CA GLU A 115 0.67 -5.34 -46.75
C GLU A 115 1.93 -4.50 -46.86
N ALA A 116 1.86 -3.28 -46.35
CA ALA A 116 3.00 -2.40 -46.40
C ALA A 116 4.09 -2.91 -45.48
N ILE A 117 3.71 -3.38 -44.30
CA ILE A 117 4.66 -3.85 -43.32
C ILE A 117 5.39 -5.07 -43.84
N GLU A 118 4.63 -5.99 -44.41
CA GLU A 118 5.17 -7.18 -45.05
C GLU A 118 6.20 -6.84 -46.09
N HIS A 119 5.92 -5.79 -46.85
CA HIS A 119 6.88 -5.29 -47.81
C HIS A 119 8.10 -4.70 -47.15
N THR A 120 7.90 -4.01 -46.04
CA THR A 120 9.01 -3.38 -45.35
C THR A 120 9.81 -4.46 -44.66
N GLN A 121 9.11 -5.51 -44.28
CA GLN A 121 9.72 -6.68 -43.67
C GLN A 121 10.70 -7.34 -44.61
N GLN A 122 10.31 -7.43 -45.87
CA GLN A 122 11.14 -8.07 -46.87
C GLN A 122 12.35 -7.22 -47.23
N VAL A 123 12.22 -5.90 -47.10
CA VAL A 123 13.32 -4.98 -47.35
C VAL A 123 14.39 -5.03 -46.24
N ILE A 124 13.95 -5.25 -45.01
CA ILE A 124 14.84 -5.37 -43.87
C ILE A 124 15.67 -6.63 -44.04
N ALA A 125 15.05 -7.65 -44.61
CA ALA A 125 15.68 -8.94 -44.80
C ALA A 125 16.76 -8.91 -45.88
N GLN A 126 16.65 -7.97 -46.79
CA GLN A 126 17.64 -7.83 -47.84
C GLN A 126 18.87 -7.10 -47.32
N HIS A 127 18.70 -6.39 -46.21
CA HIS A 127 19.79 -5.67 -45.59
C HIS A 127 20.05 -6.25 -44.23
N ALA A 128 20.20 -7.57 -44.18
CA ALA A 128 20.39 -8.26 -42.91
C ALA A 128 21.65 -7.85 -42.15
N ASN A 129 22.50 -7.05 -42.77
CA ASN A 129 23.70 -6.58 -42.13
C ASN A 129 23.48 -5.29 -41.34
N LEU A 130 22.30 -4.69 -41.52
CA LEU A 130 21.93 -3.49 -40.80
C LEU A 130 21.00 -3.79 -39.64
N LYS A 131 21.09 -2.99 -38.59
CA LYS A 131 20.30 -3.20 -37.39
C LYS A 131 18.89 -2.66 -37.55
N PHE A 132 17.91 -3.48 -37.21
CA PHE A 132 16.54 -3.01 -37.09
C PHE A 132 15.98 -3.26 -35.70
N GLN A 133 15.62 -2.18 -35.03
CA GLN A 133 15.04 -2.25 -33.70
C GLN A 133 13.77 -1.44 -33.63
N LEU A 134 12.72 -2.07 -33.16
CA LEU A 134 11.44 -1.42 -32.96
C LEU A 134 11.28 -1.00 -31.49
N GLY A 135 10.62 0.13 -31.27
CA GLY A 135 10.61 0.80 -30.00
C GLY A 135 9.57 0.42 -28.99
N PHE A 136 9.41 -0.88 -28.76
CA PHE A 136 8.62 -1.36 -27.66
C PHE A 136 9.43 -1.27 -26.35
N MET A 137 9.50 -0.06 -25.81
CA MET A 137 10.37 0.23 -24.69
C MET A 137 10.04 -0.49 -23.39
N ARG A 138 8.81 -0.94 -23.22
CA ARG A 138 8.44 -1.66 -22.03
C ARG A 138 9.30 -2.91 -21.81
N ARG A 139 9.77 -3.51 -22.90
CA ARG A 139 10.66 -4.67 -22.83
C ARG A 139 11.95 -4.33 -22.12
N PHE A 140 12.27 -3.05 -22.05
CA PHE A 140 13.45 -2.59 -21.38
C PHE A 140 13.20 -2.05 -19.98
N ASP A 141 11.93 -1.93 -19.60
CA ASP A 141 11.57 -1.41 -18.30
C ASP A 141 11.94 -2.36 -17.14
N ASP A 142 12.60 -1.81 -16.14
CA ASP A 142 13.12 -2.59 -15.02
C ASP A 142 12.06 -3.40 -14.28
N SER A 143 10.89 -2.79 -14.08
CA SER A 143 9.82 -3.48 -13.42
C SER A 143 9.20 -4.58 -14.30
N TYR A 144 9.07 -4.30 -15.59
CA TYR A 144 8.58 -5.32 -16.52
C TYR A 144 9.56 -6.48 -16.63
N ARG A 145 10.86 -6.19 -16.68
CA ARG A 145 11.88 -7.22 -16.74
C ARG A 145 11.88 -8.09 -15.49
N TYR A 146 11.66 -7.48 -14.33
CA TYR A 146 11.62 -8.21 -13.08
C TYR A 146 10.47 -9.19 -13.09
N ALA A 147 9.31 -8.73 -13.56
CA ALA A 147 8.15 -9.59 -13.61
C ALA A 147 8.36 -10.76 -14.59
N LYS A 148 8.99 -10.47 -15.71
CA LYS A 148 9.29 -11.49 -16.72
C LYS A 148 10.23 -12.54 -16.15
N GLN A 149 11.19 -12.09 -15.36
CA GLN A 149 12.10 -12.98 -14.64
C GLN A 149 11.37 -13.89 -13.68
N LEU A 150 10.45 -13.35 -12.89
CA LEU A 150 9.66 -14.14 -11.97
C LEU A 150 8.81 -15.18 -12.68
N VAL A 151 8.25 -14.81 -13.81
CA VAL A 151 7.41 -15.69 -14.59
C VAL A 151 8.22 -16.83 -15.18
N ASP A 152 9.41 -16.51 -15.68
CA ASP A 152 10.32 -17.50 -16.25
C ASP A 152 10.87 -18.46 -15.20
N GLN A 153 10.84 -18.04 -13.96
CA GLN A 153 11.38 -18.84 -12.87
C GLN A 153 10.30 -19.67 -12.21
N GLY A 154 9.11 -19.69 -12.82
CA GLY A 154 8.02 -20.51 -12.37
C GLY A 154 7.31 -20.01 -11.14
N LYS A 155 7.58 -18.77 -10.74
CA LYS A 155 7.05 -18.28 -9.49
C LYS A 155 5.54 -18.10 -9.41
N ILE A 156 4.87 -18.08 -10.56
CA ILE A 156 3.41 -18.06 -10.56
C ILE A 156 2.78 -19.16 -11.41
N GLY A 157 3.58 -20.17 -11.74
CA GLY A 157 3.10 -21.25 -12.58
C GLY A 157 2.88 -20.81 -14.01
N ASP A 158 1.92 -21.43 -14.68
CA ASP A 158 1.64 -21.09 -16.05
C ASP A 158 0.61 -19.99 -16.16
N ILE A 159 0.81 -19.12 -17.14
CA ILE A 159 -0.06 -17.98 -17.35
C ILE A 159 -1.45 -18.41 -17.79
N THR A 160 -2.45 -17.94 -17.08
CA THR A 160 -3.84 -18.14 -17.42
C THR A 160 -4.50 -16.88 -17.98
N LEU A 161 -4.08 -15.71 -17.50
CA LEU A 161 -4.72 -14.44 -17.88
C LEU A 161 -3.79 -13.26 -17.69
N ILE A 162 -3.82 -12.35 -18.65
CA ILE A 162 -3.15 -11.07 -18.54
C ILE A 162 -4.15 -9.95 -18.75
N ARG A 163 -4.23 -9.05 -17.77
CA ARG A 163 -4.99 -7.81 -17.93
C ARG A 163 -4.00 -6.68 -18.05
N SER A 164 -4.18 -5.82 -19.03
CA SER A 164 -3.28 -4.69 -19.19
C SER A 164 -3.99 -3.36 -19.46
N TYR A 165 -3.66 -2.35 -18.66
CA TYR A 165 -4.24 -1.01 -18.78
C TYR A 165 -3.21 -0.02 -19.26
N SER A 166 -3.56 0.79 -20.25
CA SER A 166 -2.75 1.91 -20.66
C SER A 166 -3.62 3.15 -20.82
N ILE A 167 -3.65 3.97 -19.80
CA ILE A 167 -4.55 5.12 -19.78
C ILE A 167 -3.75 6.39 -19.58
N ASP A 168 -3.70 7.22 -20.62
CA ASP A 168 -2.99 8.48 -20.58
C ASP A 168 -3.59 9.41 -19.53
N PRO A 169 -2.80 10.38 -19.07
CA PRO A 169 -3.26 11.35 -18.09
C PRO A 169 -4.19 12.40 -18.70
N ALA A 170 -5.22 12.76 -17.96
CA ALA A 170 -6.12 13.82 -18.37
C ALA A 170 -5.37 15.12 -18.55
N ALA A 171 -4.32 15.31 -17.77
CA ALA A 171 -3.48 16.47 -17.88
C ALA A 171 -2.77 16.57 -19.24
N GLY A 172 -2.56 15.45 -19.90
CA GLY A 172 -1.94 15.46 -21.21
C GLY A 172 -2.91 15.59 -22.37
N MET A 173 -4.17 15.87 -22.07
CA MET A 173 -5.22 15.90 -23.09
C MET A 173 -5.00 16.91 -24.21
N ALA A 174 -4.49 18.09 -23.87
CA ALA A 174 -4.19 19.10 -24.87
C ALA A 174 -3.05 18.70 -25.79
N SER A 175 -1.95 18.24 -25.20
CA SER A 175 -0.84 17.74 -25.96
C SER A 175 -1.24 16.54 -26.83
N PHE A 176 -2.21 15.77 -26.38
CA PHE A 176 -2.70 14.67 -27.19
C PHE A 176 -3.43 15.13 -28.44
N VAL A 177 -4.36 16.07 -28.25
CA VAL A 177 -5.15 16.58 -29.35
C VAL A 177 -4.27 17.18 -30.46
N LYS A 178 -3.21 17.85 -30.08
CA LYS A 178 -2.25 18.37 -31.02
C LYS A 178 -1.60 17.25 -31.82
N PHE A 179 -1.21 16.20 -31.10
CA PHE A 179 -0.63 15.02 -31.68
C PHE A 179 -1.58 14.31 -32.64
N ALA A 180 -2.83 14.18 -32.24
CA ALA A 180 -3.80 13.43 -32.99
C ALA A 180 -4.36 14.20 -34.18
N THR A 181 -4.38 15.51 -34.09
CA THR A 181 -4.91 16.35 -35.14
C THR A 181 -3.88 16.82 -36.13
N SER A 182 -2.60 16.68 -35.80
CA SER A 182 -1.52 17.07 -36.71
C SER A 182 -1.15 15.97 -37.69
N ALA A 183 -1.52 14.75 -37.35
CA ALA A 183 -1.24 13.59 -38.20
C ALA A 183 -2.06 12.41 -37.74
N ASN A 184 -2.14 11.37 -38.56
CA ASN A 184 -2.93 10.22 -38.18
C ASN A 184 -2.19 9.33 -37.19
N SER A 185 -2.83 9.09 -36.06
CA SER A 185 -2.23 8.31 -35.00
C SER A 185 -2.51 6.83 -35.18
N GLY A 186 -3.64 6.51 -35.78
CA GLY A 186 -4.02 5.14 -36.00
C GLY A 186 -5.13 4.73 -35.06
N GLY A 187 -5.47 5.63 -34.13
CA GLY A 187 -6.49 5.36 -33.16
C GLY A 187 -5.94 4.77 -31.89
N LEU A 188 -6.79 4.68 -30.86
CA LEU A 188 -6.41 4.24 -29.54
C LEU A 188 -5.70 2.90 -29.51
N PHE A 189 -6.17 1.98 -30.34
CA PHE A 189 -5.70 0.63 -30.33
C PHE A 189 -4.32 0.47 -30.95
N LEU A 190 -4.07 1.18 -32.04
CA LEU A 190 -2.79 1.15 -32.71
C LEU A 190 -1.76 2.01 -32.00
N ASP A 191 -2.21 3.02 -31.28
CA ASP A 191 -1.32 3.97 -30.64
C ASP A 191 -0.96 3.56 -29.22
N MET A 192 -1.94 3.04 -28.49
CA MET A 192 -1.76 2.68 -27.09
C MET A 192 -1.74 1.18 -26.86
N SER A 193 -2.83 0.53 -27.25
CA SER A 193 -3.06 -0.88 -26.97
C SER A 193 -1.98 -1.77 -27.57
N ILE A 194 -1.21 -1.25 -28.50
CA ILE A 194 -0.19 -2.02 -29.15
C ILE A 194 0.96 -2.39 -28.22
N HIS A 195 1.25 -1.54 -27.24
CA HIS A 195 2.23 -1.86 -26.21
C HIS A 195 1.82 -3.11 -25.43
N ASP A 196 0.54 -3.17 -25.11
CA ASP A 196 -0.01 -4.25 -24.33
C ASP A 196 -0.04 -5.55 -25.12
N ILE A 197 -0.31 -5.44 -26.40
CA ILE A 197 -0.29 -6.60 -27.27
C ILE A 197 1.08 -7.22 -27.27
N ASP A 198 2.10 -6.39 -27.41
CA ASP A 198 3.46 -6.86 -27.39
C ASP A 198 3.87 -7.50 -26.06
N VAL A 199 3.40 -6.93 -24.96
CA VAL A 199 3.63 -7.49 -23.64
C VAL A 199 3.01 -8.86 -23.51
N ILE A 200 1.77 -8.99 -23.97
CA ILE A 200 1.09 -10.27 -23.98
C ILE A 200 1.86 -11.29 -24.80
N ARG A 201 2.40 -10.89 -25.94
CA ARG A 201 3.18 -11.78 -26.78
C ARG A 201 4.54 -12.14 -26.17
N TRP A 202 5.19 -11.12 -25.59
CA TRP A 202 6.48 -11.28 -24.96
C TRP A 202 6.40 -12.25 -23.79
N PHE A 203 5.34 -12.13 -23.01
CA PHE A 203 5.16 -12.97 -21.83
C PHE A 203 4.71 -14.39 -22.12
N THR A 204 3.78 -14.54 -23.05
CA THR A 204 3.16 -15.83 -23.31
C THR A 204 3.90 -16.66 -24.35
N GLY A 205 4.50 -15.98 -25.31
CA GLY A 205 5.06 -16.63 -26.48
C GLY A 205 4.02 -17.06 -27.51
N LYS A 206 2.77 -16.69 -27.26
CA LYS A 206 1.68 -17.07 -28.12
C LYS A 206 1.12 -15.90 -28.94
N GLU A 207 0.20 -16.21 -29.85
CA GLU A 207 -0.43 -15.20 -30.67
C GLU A 207 -1.89 -15.03 -30.35
N ILE A 208 -2.44 -13.89 -30.70
CA ILE A 208 -3.83 -13.61 -30.44
C ILE A 208 -4.71 -14.19 -31.53
N ASP A 209 -5.74 -14.92 -31.13
CA ASP A 209 -6.66 -15.54 -32.06
C ASP A 209 -7.85 -14.66 -32.38
N LYS A 210 -8.69 -14.37 -31.40
CA LYS A 210 -9.83 -13.50 -31.65
C LYS A 210 -10.09 -12.49 -30.55
N VAL A 211 -10.69 -11.37 -30.93
CA VAL A 211 -10.91 -10.24 -30.04
C VAL A 211 -12.32 -9.68 -30.16
N TRP A 212 -12.78 -9.05 -29.09
CA TRP A 212 -13.93 -8.15 -29.14
C TRP A 212 -13.54 -6.87 -28.38
N ALA A 213 -13.85 -5.72 -28.95
CA ALA A 213 -13.52 -4.45 -28.35
C ALA A 213 -14.72 -3.52 -28.34
N ILE A 214 -14.93 -2.84 -27.22
CA ILE A 214 -15.96 -1.82 -27.10
C ILE A 214 -15.32 -0.52 -26.64
N GLY A 215 -16.11 0.53 -26.55
CA GLY A 215 -15.57 1.86 -26.35
C GLY A 215 -16.61 2.91 -26.02
N LEU A 216 -16.16 4.05 -25.52
CA LEU A 216 -17.04 5.09 -24.99
C LEU A 216 -16.33 6.44 -24.88
N ASN A 217 -17.04 7.50 -25.22
CA ASN A 217 -16.59 8.85 -25.01
C ASN A 217 -17.63 9.55 -24.15
N ARG A 218 -17.19 10.20 -23.09
CA ARG A 218 -18.13 10.71 -22.09
C ARG A 218 -17.65 11.98 -21.39
N ALA A 219 -16.37 12.26 -21.49
CA ALA A 219 -15.76 13.36 -20.75
C ALA A 219 -15.33 14.55 -21.61
N TYR A 220 -14.62 14.27 -22.69
CA TYR A 220 -14.03 15.31 -23.51
C TYR A 220 -14.52 15.27 -24.95
N PRO A 221 -15.50 16.12 -25.27
CA PRO A 221 -16.10 16.35 -26.58
C PRO A 221 -15.11 16.55 -27.72
N VAL A 222 -13.91 17.04 -27.45
CA VAL A 222 -12.94 17.22 -28.51
C VAL A 222 -12.53 15.93 -29.20
N LEU A 223 -12.68 14.82 -28.50
CA LEU A 223 -12.10 13.58 -28.97
C LEU A 223 -12.92 13.01 -30.13
N ASP A 224 -14.23 13.03 -29.97
CA ASP A 224 -15.16 12.70 -31.03
C ASP A 224 -14.92 13.59 -32.22
N LYS A 225 -14.74 14.88 -31.97
CA LYS A 225 -14.52 15.85 -33.02
C LYS A 225 -13.26 15.53 -33.78
N ALA A 226 -12.29 14.98 -33.07
CA ALA A 226 -11.01 14.66 -33.65
C ALA A 226 -11.01 13.22 -34.10
N GLY A 227 -12.15 12.56 -33.96
CA GLY A 227 -12.25 11.16 -34.33
C GLY A 227 -11.35 10.26 -33.50
N GLU A 228 -11.36 10.44 -32.18
CA GLU A 228 -10.56 9.61 -31.31
C GLU A 228 -11.41 9.00 -30.22
N LEU A 229 -11.06 7.81 -29.80
CA LEU A 229 -11.74 7.16 -28.71
C LEU A 229 -11.14 7.56 -27.37
N GLU A 230 -12.02 7.84 -26.42
CA GLU A 230 -11.63 8.31 -25.12
C GLU A 230 -11.24 7.17 -24.19
N THR A 231 -12.05 6.12 -24.18
CA THR A 231 -11.77 4.92 -23.41
C THR A 231 -12.26 3.66 -24.12
N GLY A 232 -11.36 2.70 -24.29
CA GLY A 232 -11.71 1.40 -24.85
C GLY A 232 -11.43 0.21 -23.95
N ALA A 233 -12.21 -0.83 -24.12
CA ALA A 233 -12.05 -2.07 -23.39
C ALA A 233 -12.14 -3.25 -24.34
N ALA A 234 -11.43 -4.32 -24.04
CA ALA A 234 -11.38 -5.46 -24.95
C ALA A 234 -11.10 -6.80 -24.28
N LEU A 235 -11.75 -7.82 -24.79
CA LEU A 235 -11.49 -9.21 -24.42
C LEU A 235 -10.81 -9.91 -25.58
N MET A 236 -9.71 -10.60 -25.30
CA MET A 236 -9.00 -11.36 -26.32
C MET A 236 -8.79 -12.81 -25.89
N GLN A 237 -8.82 -13.71 -26.86
CA GLN A 237 -8.52 -15.12 -26.64
C GLN A 237 -7.36 -15.46 -27.49
N LEU A 238 -6.32 -16.01 -26.89
CA LEU A 238 -5.14 -16.36 -27.65
C LEU A 238 -5.27 -17.78 -28.23
N GLU A 239 -4.30 -18.16 -29.03
CA GLU A 239 -4.35 -19.43 -29.74
C GLU A 239 -4.36 -20.66 -28.82
N ASP A 240 -3.81 -20.53 -27.63
CA ASP A 240 -3.80 -21.63 -26.69
C ASP A 240 -4.84 -21.48 -25.60
N LYS A 241 -5.83 -20.62 -25.86
CA LYS A 241 -6.93 -20.33 -24.95
C LYS A 241 -6.56 -19.49 -23.71
N THR A 242 -5.33 -19.04 -23.64
CA THR A 242 -4.91 -18.08 -22.63
C THR A 242 -5.75 -16.81 -22.79
N MET A 243 -6.35 -16.33 -21.71
CA MET A 243 -7.23 -15.16 -21.77
C MET A 243 -6.50 -13.81 -21.60
N ALA A 244 -7.06 -12.75 -22.19
CA ALA A 244 -6.51 -11.41 -22.09
C ALA A 244 -7.58 -10.31 -22.02
N ILE A 245 -7.33 -9.30 -21.20
CA ILE A 245 -8.22 -8.17 -21.05
C ILE A 245 -7.42 -6.90 -21.27
N LEU A 246 -7.94 -5.98 -22.04
CA LEU A 246 -7.28 -4.72 -22.27
C LEU A 246 -8.22 -3.57 -21.92
N VAL A 247 -7.64 -2.51 -21.39
CA VAL A 247 -8.28 -1.21 -21.33
C VAL A 247 -7.26 -0.18 -21.75
N ALA A 248 -7.69 0.76 -22.58
CA ALA A 248 -6.88 1.90 -22.96
C ALA A 248 -7.75 3.13 -22.94
N GLY A 249 -7.12 4.28 -22.85
CA GLY A 249 -7.84 5.52 -22.64
C GLY A 249 -6.99 6.76 -22.65
N ARG A 250 -7.65 7.90 -22.64
CA ARG A 250 -6.96 9.16 -22.68
C ARG A 250 -7.35 10.04 -21.48
N ASN A 251 -8.15 9.52 -20.59
CA ASN A 251 -8.64 10.28 -19.44
C ASN A 251 -8.42 9.63 -18.09
N ALA A 252 -7.17 9.53 -17.68
CA ALA A 252 -6.88 9.10 -16.32
C ALA A 252 -6.69 10.33 -15.46
N ALA A 253 -7.54 10.47 -14.45
CA ALA A 253 -7.53 11.65 -13.60
C ALA A 253 -6.37 11.70 -12.62
N HIS A 254 -5.78 10.55 -12.35
CA HIS A 254 -4.79 10.46 -11.29
C HIS A 254 -3.36 10.52 -11.78
N GLY A 255 -3.17 10.36 -13.08
CA GLY A 255 -1.86 10.31 -13.66
C GLY A 255 -1.80 9.40 -14.87
N TYR A 256 -0.64 8.79 -15.07
CA TYR A 256 -0.41 7.91 -16.19
C TYR A 256 -0.62 6.50 -15.74
N HIS A 257 -1.74 5.91 -16.10
CA HIS A 257 -2.02 4.57 -15.64
C HIS A 257 -1.62 3.49 -16.62
N VAL A 258 -0.40 3.02 -16.47
CA VAL A 258 0.06 1.87 -17.20
C VAL A 258 0.25 0.73 -16.21
N GLU A 259 -0.66 -0.21 -16.25
CA GLU A 259 -0.67 -1.33 -15.33
C GLU A 259 -0.79 -2.65 -16.10
N THR A 260 -0.07 -3.66 -15.66
CA THR A 260 -0.14 -4.97 -16.27
C THR A 260 -0.20 -6.06 -15.21
N GLU A 261 -1.26 -6.84 -15.24
CA GLU A 261 -1.48 -7.92 -14.30
C GLU A 261 -1.35 -9.28 -14.97
N ILE A 262 -0.64 -10.18 -14.32
CA ILE A 262 -0.48 -11.53 -14.83
C ILE A 262 -1.01 -12.56 -13.85
N ILE A 263 -2.02 -13.29 -14.25
CA ILE A 263 -2.60 -14.33 -13.42
C ILE A 263 -2.09 -15.70 -13.87
N GLY A 264 -1.73 -16.52 -12.91
CA GLY A 264 -1.16 -17.83 -13.17
C GLY A 264 -1.74 -18.94 -12.32
N THR A 265 -1.28 -20.15 -12.58
CA THR A 265 -1.81 -21.32 -11.92
C THR A 265 -1.44 -21.41 -10.45
N LYS A 266 -0.38 -20.73 -10.07
CA LYS A 266 0.17 -20.82 -8.72
C LYS A 266 0.26 -19.45 -8.06
N GLY A 267 -0.10 -18.42 -8.79
CA GLY A 267 -0.02 -17.08 -8.26
C GLY A 267 -0.40 -16.00 -9.25
N MET A 268 -0.08 -14.77 -8.90
CA MET A 268 -0.53 -13.62 -9.63
C MET A 268 0.38 -12.46 -9.33
N LEU A 269 0.70 -11.66 -10.33
CA LEU A 269 1.47 -10.44 -10.11
C LEU A 269 0.90 -9.19 -10.78
N ARG A 270 1.27 -8.05 -10.24
CA ARG A 270 0.87 -6.78 -10.83
C ARG A 270 2.01 -5.82 -11.01
N ILE A 271 2.18 -5.34 -12.22
CA ILE A 271 3.14 -4.31 -12.53
C ILE A 271 2.43 -2.97 -12.52
N ALA A 272 2.78 -2.14 -11.55
CA ALA A 272 2.17 -0.83 -11.34
C ALA A 272 0.68 -0.89 -11.13
N GLN A 273 0.29 -1.70 -10.15
CA GLN A 273 -1.08 -1.79 -9.64
C GLN A 273 -1.62 -0.37 -9.49
N VAL A 274 -0.78 0.50 -8.93
CA VAL A 274 -0.93 1.93 -9.05
C VAL A 274 0.40 2.54 -9.43
N PRO A 275 0.38 3.64 -10.17
CA PRO A 275 1.61 4.20 -10.70
C PRO A 275 2.37 5.06 -9.71
N GLU A 276 2.91 4.45 -8.66
CA GLU A 276 3.62 5.17 -7.62
C GLU A 276 4.77 6.01 -8.17
N LYS A 277 4.79 7.27 -7.79
CA LYS A 277 5.78 8.21 -8.29
C LYS A 277 7.15 7.95 -7.74
N ASN A 278 7.19 7.68 -6.45
CA ASN A 278 8.42 7.59 -5.70
C ASN A 278 8.19 6.92 -4.37
N LEU A 279 9.13 7.08 -3.45
CA LEU A 279 9.03 6.41 -2.17
C LEU A 279 8.32 7.25 -1.10
N VAL A 280 7.80 8.41 -1.49
CA VAL A 280 7.15 9.28 -0.53
C VAL A 280 5.67 9.00 -0.34
N THR A 281 5.29 8.82 0.91
CA THR A 281 3.90 8.72 1.32
C THR A 281 3.49 9.97 2.13
N VAL A 282 2.37 10.57 1.78
CA VAL A 282 1.94 11.79 2.43
C VAL A 282 0.69 11.52 3.26
N MET A 283 0.61 12.12 4.44
CA MET A 283 -0.54 11.95 5.28
C MET A 283 -1.11 13.29 5.71
N ASN A 284 -2.38 13.49 5.39
CA ASN A 284 -3.08 14.71 5.74
C ASN A 284 -4.58 14.51 5.79
N GLU A 285 -5.33 15.60 5.68
CA GLU A 285 -6.75 15.55 5.89
C GLU A 285 -7.53 14.70 4.89
N GLU A 286 -6.96 14.48 3.71
CA GLU A 286 -7.59 13.62 2.71
C GLU A 286 -7.36 12.16 3.04
N GLY A 287 -6.41 11.90 3.93
CA GLY A 287 -6.03 10.56 4.30
C GLY A 287 -4.58 10.24 3.97
N ILE A 288 -4.35 9.02 3.51
CA ILE A 288 -3.03 8.60 3.08
C ILE A 288 -2.88 8.74 1.57
N ILE A 289 -1.90 9.51 1.15
CA ILE A 289 -1.69 9.81 -0.24
C ILE A 289 -0.39 9.30 -0.83
N ARG A 290 -0.48 8.58 -1.94
CA ARG A 290 0.69 8.29 -2.75
C ARG A 290 0.66 9.12 -4.02
N PRO A 291 1.66 9.98 -4.22
CA PRO A 291 1.84 10.66 -5.49
C PRO A 291 2.12 9.68 -6.61
N THR A 292 1.75 10.07 -7.81
CA THR A 292 1.82 9.21 -8.96
C THR A 292 2.69 9.79 -10.05
N SER A 293 3.22 8.92 -10.89
CA SER A 293 3.88 9.33 -12.11
C SER A 293 2.81 9.93 -13.02
N GLN A 294 3.19 10.93 -13.79
CA GLN A 294 2.24 11.78 -14.48
C GLN A 294 2.08 11.55 -16.00
N ASN A 295 3.10 10.99 -16.63
CA ASN A 295 3.15 10.88 -18.08
C ASN A 295 4.24 9.92 -18.52
N PHE A 296 4.23 9.55 -19.79
CA PHE A 296 5.24 8.64 -20.32
C PHE A 296 6.70 9.05 -20.15
N PRO A 297 7.04 10.33 -20.32
CA PRO A 297 8.44 10.70 -20.11
C PRO A 297 8.91 10.40 -18.70
N GLU A 298 8.02 10.55 -17.73
CA GLU A 298 8.35 10.26 -16.35
C GLU A 298 8.44 8.75 -16.11
N ARG A 299 7.33 8.05 -16.30
CA ARG A 299 7.23 6.64 -16.03
C ARG A 299 8.27 5.78 -16.74
N PHE A 300 8.53 6.06 -18.02
CA PHE A 300 9.40 5.21 -18.84
C PHE A 300 10.73 5.82 -19.22
N ALA A 301 11.16 6.81 -18.47
CA ALA A 301 12.45 7.46 -18.69
C ALA A 301 13.60 6.47 -18.78
N GLN A 302 13.65 5.54 -17.84
CA GLN A 302 14.69 4.54 -17.79
C GLN A 302 14.65 3.61 -18.99
N ALA A 303 13.45 3.15 -19.32
CA ALA A 303 13.21 2.31 -20.48
C ALA A 303 13.71 2.95 -21.75
N PHE A 304 13.38 4.21 -21.96
CA PHE A 304 13.79 4.95 -23.14
C PHE A 304 15.31 5.01 -23.26
N LEU A 305 16.00 5.25 -22.16
CA LEU A 305 17.44 5.28 -22.15
C LEU A 305 18.02 3.91 -22.48
N SER A 306 17.43 2.88 -21.91
CA SER A 306 17.92 1.54 -22.10
C SER A 306 17.82 1.11 -23.55
N GLU A 307 16.68 1.34 -24.17
CA GLU A 307 16.51 0.96 -25.56
C GLU A 307 17.42 1.75 -26.50
N GLU A 308 17.62 3.03 -26.22
CA GLU A 308 18.54 3.85 -26.99
C GLU A 308 19.96 3.27 -26.97
N GLN A 309 20.47 3.00 -25.77
CA GLN A 309 21.81 2.47 -25.62
C GLN A 309 21.89 1.06 -26.17
N ALA A 310 20.79 0.33 -26.13
CA ALA A 310 20.75 -1.02 -26.65
C ALA A 310 20.91 -0.99 -28.16
N PHE A 311 20.27 -0.03 -28.78
CA PHE A 311 20.38 0.16 -30.21
C PHE A 311 21.82 0.45 -30.61
N VAL A 312 22.41 1.42 -29.92
CA VAL A 312 23.76 1.86 -30.18
C VAL A 312 24.79 0.77 -29.94
N ASN A 313 24.64 0.03 -28.85
CA ASN A 313 25.54 -1.07 -28.56
C ASN A 313 25.42 -2.16 -29.59
N SER A 314 24.22 -2.34 -30.12
CA SER A 314 23.99 -3.38 -31.09
C SER A 314 24.77 -3.10 -32.36
N ILE A 315 24.99 -1.84 -32.67
CA ILE A 315 25.76 -1.47 -33.84
C ILE A 315 27.24 -1.68 -33.59
N LEU A 316 27.69 -1.33 -32.40
CA LEU A 316 29.09 -1.41 -32.06
C LEU A 316 29.57 -2.83 -31.81
N ASN A 317 28.70 -3.65 -31.23
CA ASN A 317 29.07 -4.98 -30.82
C ASN A 317 28.53 -6.03 -31.78
N ASN A 318 27.73 -5.58 -32.74
CA ASN A 318 27.15 -6.45 -33.74
C ASN A 318 26.36 -7.64 -33.19
N GLN A 319 25.46 -7.34 -32.27
CA GLN A 319 24.60 -8.35 -31.67
C GLN A 319 23.18 -7.85 -31.70
N ASP A 320 22.26 -8.70 -32.14
CA ASP A 320 20.86 -8.30 -32.27
C ASP A 320 20.11 -8.16 -30.94
N VAL A 321 19.24 -7.16 -30.87
CA VAL A 321 18.47 -6.87 -29.67
C VAL A 321 17.26 -7.78 -29.54
N GLY A 322 16.62 -8.07 -30.66
CA GLY A 322 15.56 -9.04 -30.67
C GLY A 322 14.13 -8.51 -30.71
N ILE A 323 13.98 -7.27 -31.11
CA ILE A 323 12.66 -6.70 -31.28
C ILE A 323 12.48 -6.39 -32.74
N THR A 324 11.60 -7.14 -33.38
CA THR A 324 11.67 -7.28 -34.81
C THR A 324 10.46 -6.70 -35.53
N ALA A 325 10.59 -6.58 -36.84
CA ALA A 325 9.49 -6.19 -37.68
C ALA A 325 8.35 -7.17 -37.51
N GLU A 326 8.70 -8.43 -37.27
CA GLU A 326 7.69 -9.47 -37.06
C GLU A 326 6.92 -9.20 -35.77
N ASP A 327 7.62 -8.71 -34.77
CA ASP A 327 6.96 -8.24 -33.57
C ASP A 327 6.07 -7.03 -33.90
N GLY A 328 6.56 -6.16 -34.77
CA GLY A 328 5.78 -5.06 -35.25
C GLY A 328 4.56 -5.50 -36.01
N LEU A 329 4.74 -6.44 -36.92
CA LEU A 329 3.65 -6.90 -37.76
C LEU A 329 2.58 -7.60 -36.97
N GLN A 330 2.96 -8.45 -36.03
CA GLN A 330 1.97 -9.16 -35.22
C GLN A 330 1.19 -8.23 -34.30
N GLY A 331 1.85 -7.19 -33.84
CA GLY A 331 1.20 -6.20 -33.01
C GLY A 331 0.20 -5.35 -33.76
N THR A 332 0.61 -4.87 -34.94
CA THR A 332 -0.27 -4.07 -35.78
C THR A 332 -1.44 -4.91 -36.27
N LYS A 333 -1.19 -6.18 -36.52
CA LYS A 333 -2.23 -7.13 -36.91
C LYS A 333 -3.31 -7.30 -35.86
N ALA A 334 -2.93 -7.35 -34.59
CA ALA A 334 -3.91 -7.52 -33.54
C ALA A 334 -4.64 -6.22 -33.22
N ALA A 335 -3.94 -5.11 -33.38
CA ALA A 335 -4.51 -3.81 -33.10
C ALA A 335 -5.59 -3.47 -34.12
N LEU A 336 -5.32 -3.75 -35.39
CA LEU A 336 -6.31 -3.58 -36.44
C LEU A 336 -7.55 -4.38 -36.18
N ALA A 337 -7.37 -5.59 -35.66
CA ALA A 337 -8.49 -6.44 -35.34
C ALA A 337 -9.33 -5.83 -34.24
N LEU A 338 -8.67 -5.21 -33.29
CA LEU A 338 -9.35 -4.53 -32.20
C LEU A 338 -10.16 -3.37 -32.76
N GLN A 339 -9.55 -2.65 -33.68
CA GLN A 339 -10.17 -1.50 -34.30
C GLN A 339 -11.43 -1.94 -35.03
N GLU A 340 -11.29 -2.96 -35.87
CA GLU A 340 -12.42 -3.48 -36.62
C GLU A 340 -13.51 -3.99 -35.72
N ALA A 341 -13.13 -4.75 -34.72
CA ALA A 341 -14.07 -5.22 -33.73
C ALA A 341 -14.83 -4.08 -33.07
N PHE A 342 -14.12 -3.00 -32.77
CA PHE A 342 -14.74 -1.83 -32.15
C PHE A 342 -15.76 -1.21 -33.08
N GLU A 343 -15.33 -0.95 -34.30
CA GLU A 343 -16.17 -0.37 -35.31
C GLU A 343 -17.42 -1.21 -35.57
N LYS A 344 -17.25 -2.52 -35.72
CA LYS A 344 -18.40 -3.39 -35.97
C LYS A 344 -19.15 -3.75 -34.71
N ASN A 345 -18.51 -3.60 -33.56
CA ASN A 345 -19.04 -4.10 -32.30
C ASN A 345 -19.41 -5.57 -32.37
N ASP A 346 -18.41 -6.39 -32.66
CA ASP A 346 -18.59 -7.83 -32.78
C ASP A 346 -17.22 -8.46 -32.73
N ILE A 347 -17.17 -9.76 -32.60
CA ILE A 347 -15.93 -10.50 -32.53
C ILE A 347 -15.17 -10.48 -33.85
N VAL A 348 -13.85 -10.30 -33.79
CA VAL A 348 -13.01 -10.38 -34.97
C VAL A 348 -11.84 -11.39 -34.81
N GLN A 349 -11.51 -12.09 -35.88
CA GLN A 349 -10.38 -13.00 -35.93
C GLN A 349 -9.15 -12.28 -36.39
N VAL A 350 -8.03 -12.50 -35.72
CA VAL A 350 -6.80 -11.83 -36.12
C VAL A 350 -6.26 -12.37 -37.44
N ALA A 351 -6.43 -13.66 -37.69
CA ALA A 351 -5.93 -14.24 -38.95
C ALA A 351 -6.49 -13.50 -40.16
N SER A 352 -7.80 -13.50 -40.29
CA SER A 352 -8.45 -12.90 -41.42
C SER A 352 -8.68 -11.40 -41.20
N LYS B 13 -28.41 -15.55 34.56
CA LYS B 13 -28.57 -15.76 33.12
C LYS B 13 -28.74 -14.44 32.40
N THR B 14 -28.79 -13.35 33.16
CA THR B 14 -28.79 -12.04 32.54
C THR B 14 -28.22 -11.01 33.50
N ILE B 15 -27.22 -10.30 33.02
CA ILE B 15 -26.51 -9.37 33.85
C ILE B 15 -27.05 -7.96 33.73
N LYS B 16 -27.55 -7.45 34.83
CA LYS B 16 -28.03 -6.09 34.90
C LYS B 16 -26.85 -5.22 35.21
N ILE B 17 -26.57 -4.25 34.36
CA ILE B 17 -25.37 -3.45 34.51
C ILE B 17 -25.69 -1.99 34.80
N GLY B 18 -24.94 -1.41 35.72
CA GLY B 18 -25.04 0.00 35.98
C GLY B 18 -23.79 0.68 35.49
N ILE B 19 -23.97 1.62 34.58
CA ILE B 19 -22.84 2.38 34.07
C ILE B 19 -22.72 3.73 34.75
N VAL B 20 -21.50 4.11 35.09
CA VAL B 20 -21.25 5.48 35.45
C VAL B 20 -20.43 6.09 34.34
N GLY B 21 -20.87 7.24 33.85
CA GLY B 21 -20.18 7.93 32.79
C GLY B 21 -20.87 7.74 31.47
N LEU B 22 -21.22 8.86 30.85
CA LEU B 22 -21.90 8.85 29.56
C LEU B 22 -21.33 9.90 28.64
N GLY B 23 -20.02 10.05 28.68
CA GLY B 23 -19.35 11.03 27.85
C GLY B 23 -18.82 10.43 26.56
N ARG B 24 -17.63 10.86 26.18
CA ARG B 24 -16.98 10.46 24.94
C ARG B 24 -17.00 8.95 24.74
N LEU B 25 -16.75 8.21 25.79
CA LEU B 25 -16.77 6.76 25.70
C LEU B 25 -17.94 6.16 26.46
N GLY B 26 -18.45 6.88 27.44
CA GLY B 26 -19.56 6.40 28.24
C GLY B 26 -20.79 6.13 27.40
N LYS B 27 -21.04 7.00 26.44
CA LYS B 27 -22.21 6.86 25.60
C LYS B 27 -22.08 5.66 24.69
N ILE B 28 -20.84 5.24 24.45
CA ILE B 28 -20.58 4.11 23.58
C ILE B 28 -20.82 2.80 24.29
N HIS B 29 -20.26 2.65 25.47
CA HIS B 29 -20.43 1.45 26.24
C HIS B 29 -21.90 1.23 26.57
N ALA B 30 -22.58 2.29 26.99
CA ALA B 30 -23.99 2.22 27.32
C ALA B 30 -24.77 1.69 26.14
N THR B 31 -24.64 2.37 25.03
CA THR B 31 -25.36 2.02 23.82
C THR B 31 -25.09 0.57 23.44
N ASN B 32 -23.84 0.17 23.54
CA ASN B 32 -23.45 -1.20 23.24
C ASN B 32 -24.10 -2.22 24.15
N ILE B 33 -24.07 -1.94 25.44
CA ILE B 33 -24.63 -2.84 26.43
C ILE B 33 -26.13 -3.01 26.24
N ALA B 34 -26.82 -1.92 25.95
CA ALA B 34 -28.26 -1.98 25.82
C ALA B 34 -28.72 -2.69 24.57
N THR B 35 -27.92 -2.62 23.52
CA THR B 35 -28.38 -3.01 22.20
C THR B 35 -27.64 -4.18 21.55
N LYS B 36 -26.39 -4.39 21.92
CA LYS B 36 -25.59 -5.39 21.22
C LYS B 36 -24.99 -6.47 22.11
N ILE B 37 -24.96 -6.26 23.41
CA ILE B 37 -24.31 -7.21 24.29
C ILE B 37 -25.30 -8.20 24.87
N GLN B 38 -25.10 -9.46 24.53
CA GLN B 38 -26.00 -10.52 24.95
C GLN B 38 -25.81 -10.97 26.39
N HIS B 39 -26.93 -11.34 27.01
CA HIS B 39 -26.98 -11.74 28.41
C HIS B 39 -26.62 -10.59 29.30
N ALA B 40 -26.84 -9.38 28.80
CA ALA B 40 -26.63 -8.18 29.57
C ALA B 40 -27.78 -7.24 29.31
N LYS B 41 -28.05 -6.37 30.27
CA LYS B 41 -29.05 -5.34 30.11
C LYS B 41 -28.60 -4.13 30.88
N LEU B 42 -28.61 -2.98 30.22
CA LEU B 42 -28.22 -1.76 30.86
C LEU B 42 -29.35 -1.33 31.80
N GLN B 43 -29.15 -1.60 33.09
CA GLN B 43 -30.20 -1.42 34.07
C GLN B 43 -30.19 -0.03 34.68
N ALA B 44 -29.01 0.51 34.88
CA ALA B 44 -28.89 1.79 35.51
C ALA B 44 -27.83 2.68 34.87
N ALA B 45 -27.78 3.93 35.29
CA ALA B 45 -26.79 4.87 34.79
C ALA B 45 -26.57 5.97 35.81
N THR B 46 -25.41 6.58 35.74
CA THR B 46 -25.05 7.63 36.66
C THR B 46 -24.23 8.67 35.91
N SER B 47 -24.57 9.93 36.09
CA SER B 47 -23.85 11.02 35.47
C SER B 47 -24.18 12.30 36.22
N VAL B 48 -23.27 13.27 36.21
CA VAL B 48 -23.51 14.53 36.87
C VAL B 48 -24.11 15.52 35.91
N VAL B 49 -24.34 15.07 34.68
CA VAL B 49 -24.98 15.88 33.67
C VAL B 49 -26.36 15.31 33.41
N PRO B 50 -27.40 16.10 33.70
CA PRO B 50 -28.78 15.66 33.68
C PRO B 50 -29.29 15.34 32.30
N ALA B 51 -28.76 16.04 31.31
CA ALA B 51 -29.14 15.83 29.93
C ALA B 51 -28.75 14.44 29.46
N GLU B 52 -27.65 13.93 30.00
CA GLU B 52 -27.13 12.62 29.63
C GLU B 52 -28.03 11.51 30.14
N LEU B 53 -28.46 11.64 31.39
CA LEU B 53 -29.34 10.68 32.01
C LEU B 53 -30.71 10.65 31.34
N ASP B 54 -31.17 11.82 30.92
CA ASP B 54 -32.40 11.93 30.16
C ASP B 54 -32.27 11.15 28.89
N TRP B 55 -31.06 11.17 28.35
CA TRP B 55 -30.78 10.48 27.12
C TRP B 55 -30.76 8.99 27.34
N ALA B 56 -30.24 8.55 28.47
CA ALA B 56 -30.21 7.13 28.79
C ALA B 56 -31.62 6.61 28.92
N LYS B 57 -32.46 7.38 29.59
CA LYS B 57 -33.84 6.98 29.82
C LYS B 57 -34.56 6.87 28.51
N LYS B 58 -34.59 7.96 27.76
CA LYS B 58 -35.37 8.03 26.54
C LYS B 58 -34.91 7.08 25.44
N GLU B 59 -33.63 7.16 25.09
CA GLU B 59 -33.15 6.47 23.92
C GLU B 59 -32.70 5.04 24.17
N LEU B 60 -32.25 4.77 25.38
CA LEU B 60 -31.75 3.45 25.73
C LEU B 60 -32.67 2.64 26.63
N GLY B 61 -33.76 3.25 27.09
CA GLY B 61 -34.69 2.54 27.95
C GLY B 61 -34.10 2.12 29.27
N VAL B 62 -33.15 2.91 29.77
CA VAL B 62 -32.50 2.66 31.03
C VAL B 62 -33.48 2.85 32.18
N GLU B 63 -33.53 1.91 33.11
CA GLU B 63 -34.52 1.98 34.17
C GLU B 63 -34.23 3.04 35.21
N GLU B 64 -33.05 2.98 35.80
CA GLU B 64 -32.75 3.76 36.99
C GLU B 64 -31.60 4.74 36.79
N VAL B 65 -31.85 6.02 37.05
CA VAL B 65 -30.81 7.03 36.91
C VAL B 65 -30.39 7.65 38.24
N PHE B 66 -29.10 7.99 38.35
CA PHE B 66 -28.57 8.53 39.57
C PHE B 66 -27.56 9.62 39.26
N GLU B 67 -27.20 10.41 40.25
CA GLU B 67 -26.16 11.40 40.09
C GLU B 67 -25.07 11.14 41.09
N ASP B 68 -25.25 10.08 41.86
CA ASP B 68 -24.24 9.68 42.80
C ASP B 68 -23.90 8.22 42.63
N PHE B 69 -22.63 7.93 42.42
CA PHE B 69 -22.23 6.56 42.20
C PHE B 69 -22.54 5.70 43.40
N ASP B 70 -22.14 6.17 44.57
CA ASP B 70 -22.44 5.49 45.82
C ASP B 70 -23.92 5.18 45.97
N ASP B 71 -24.75 5.99 45.34
CA ASP B 71 -26.19 5.83 45.39
C ASP B 71 -26.64 4.70 44.48
N MET B 72 -26.03 4.62 43.31
CA MET B 72 -26.39 3.60 42.34
C MET B 72 -26.12 2.20 42.85
N VAL B 73 -24.94 1.99 43.38
CA VAL B 73 -24.55 0.65 43.81
C VAL B 73 -25.40 0.18 44.98
N GLN B 74 -25.82 1.09 45.84
CA GLN B 74 -26.67 0.73 46.95
C GLN B 74 -28.07 0.32 46.52
N HIS B 75 -28.66 1.07 45.60
CA HIS B 75 -30.09 0.97 45.37
C HIS B 75 -30.53 0.40 44.04
N ALA B 76 -29.63 0.24 43.09
CA ALA B 76 -30.04 -0.27 41.78
C ALA B 76 -30.15 -1.77 41.80
N ASP B 77 -30.99 -2.32 40.93
CA ASP B 77 -31.06 -3.76 40.73
C ASP B 77 -30.03 -4.16 39.70
N ILE B 78 -28.76 -4.14 40.09
CA ILE B 78 -27.70 -4.48 39.15
C ILE B 78 -26.79 -5.58 39.69
N ASP B 79 -26.13 -6.26 38.77
CA ASP B 79 -25.21 -7.32 39.12
C ASP B 79 -23.77 -6.90 38.89
N ALA B 80 -23.58 -5.78 38.20
CA ALA B 80 -22.24 -5.32 37.84
C ALA B 80 -22.14 -3.85 37.49
N VAL B 81 -20.94 -3.29 37.57
CA VAL B 81 -20.74 -1.90 37.17
C VAL B 81 -19.69 -1.68 36.08
N PHE B 82 -19.95 -0.70 35.24
CA PHE B 82 -19.01 -0.22 34.24
C PHE B 82 -18.58 1.15 34.63
N ILE B 83 -17.30 1.30 34.90
CA ILE B 83 -16.79 2.55 35.35
C ILE B 83 -16.15 3.32 34.20
N VAL B 84 -16.87 4.34 33.75
CA VAL B 84 -16.43 5.19 32.66
C VAL B 84 -16.42 6.65 33.11
N SER B 85 -16.15 6.87 34.38
CA SER B 85 -16.00 8.20 34.94
C SER B 85 -14.62 8.73 34.63
N PRO B 86 -14.37 10.02 34.88
CA PRO B 86 -12.98 10.45 34.65
C PRO B 86 -11.99 9.73 35.56
N SER B 87 -10.75 9.60 35.10
CA SER B 87 -9.74 8.75 35.72
C SER B 87 -9.54 8.98 37.21
N GLY B 88 -9.59 10.24 37.63
CA GLY B 88 -9.43 10.57 39.02
C GLY B 88 -10.49 10.04 39.97
N PHE B 89 -11.51 9.40 39.42
CA PHE B 89 -12.62 8.90 40.22
C PHE B 89 -12.68 7.38 40.29
N HIS B 90 -11.75 6.72 39.62
CA HIS B 90 -11.89 5.29 39.35
C HIS B 90 -11.84 4.43 40.61
N LEU B 91 -10.80 4.63 41.39
CA LEU B 91 -10.52 3.80 42.56
C LEU B 91 -11.61 3.85 43.62
N GLN B 92 -12.14 5.04 43.87
CA GLN B 92 -13.26 5.20 44.79
C GLN B 92 -14.47 4.42 44.33
N GLN B 93 -14.71 4.39 43.04
CA GLN B 93 -15.90 3.77 42.53
C GLN B 93 -15.77 2.25 42.44
N ILE B 94 -14.55 1.78 42.23
CA ILE B 94 -14.26 0.35 42.22
C ILE B 94 -14.49 -0.23 43.61
N GLU B 95 -13.86 0.36 44.62
CA GLU B 95 -13.99 -0.09 45.99
C GLU B 95 -15.43 -0.07 46.46
N SER B 96 -16.11 1.02 46.19
CA SER B 96 -17.50 1.16 46.56
C SER B 96 -18.32 0.02 45.99
N ALA B 97 -18.22 -0.17 44.68
CA ALA B 97 -19.00 -1.17 43.98
C ALA B 97 -18.63 -2.57 44.45
N LEU B 98 -17.35 -2.75 44.77
CA LEU B 98 -16.88 -4.00 45.30
C LEU B 98 -17.50 -4.25 46.66
N ASN B 99 -17.36 -3.26 47.53
CA ASN B 99 -18.02 -3.27 48.83
C ASN B 99 -19.53 -3.40 48.76
N ALA B 100 -20.10 -3.19 47.58
CA ALA B 100 -21.53 -3.38 47.40
C ALA B 100 -21.83 -4.71 46.74
N GLY B 101 -20.80 -5.53 46.57
CA GLY B 101 -20.97 -6.86 45.99
C GLY B 101 -21.36 -6.90 44.54
N LYS B 102 -20.78 -6.03 43.74
CA LYS B 102 -21.05 -5.98 42.30
C LYS B 102 -19.79 -6.29 41.53
N HIS B 103 -19.94 -6.92 40.37
CA HIS B 103 -18.82 -7.10 39.47
C HIS B 103 -18.38 -5.76 38.86
N VAL B 104 -17.08 -5.62 38.60
CA VAL B 104 -16.50 -4.34 38.20
C VAL B 104 -15.70 -4.36 36.90
N PHE B 105 -16.13 -3.54 35.94
CA PHE B 105 -15.28 -3.19 34.80
C PHE B 105 -14.87 -1.73 34.93
N SER B 106 -13.58 -1.46 34.81
CA SER B 106 -13.11 -0.09 34.88
C SER B 106 -12.32 0.30 33.64
N GLU B 107 -12.61 1.48 33.13
CA GLU B 107 -11.78 2.02 32.08
C GLU B 107 -10.39 2.31 32.59
N LYS B 108 -9.48 2.49 31.66
CA LYS B 108 -8.13 2.88 31.95
C LYS B 108 -8.07 4.39 32.11
N PRO B 109 -7.03 4.91 32.77
CA PRO B 109 -6.12 4.15 33.62
C PRO B 109 -6.85 3.72 34.84
N ILE B 110 -6.26 2.87 35.65
CA ILE B 110 -6.98 2.40 36.82
C ILE B 110 -7.05 3.52 37.86
N GLY B 111 -6.02 4.35 37.91
CA GLY B 111 -5.99 5.50 38.79
C GLY B 111 -4.80 6.36 38.48
N LEU B 112 -4.67 7.47 39.20
CA LEU B 112 -3.62 8.43 38.94
C LEU B 112 -2.56 8.47 40.06
N ASP B 113 -2.86 7.79 41.16
CA ASP B 113 -1.99 7.77 42.34
C ASP B 113 -1.63 6.34 42.74
N ILE B 114 -0.33 6.07 42.75
CA ILE B 114 0.19 4.71 42.97
C ILE B 114 -0.23 4.10 44.33
N GLU B 115 -0.05 4.85 45.39
N GLU B 115 -0.02 4.87 45.37
CA GLU B 115 -0.40 4.36 46.71
CA GLU B 115 -0.40 4.52 46.73
C GLU B 115 -1.88 4.06 46.83
C GLU B 115 -1.84 4.07 46.81
N ALA B 116 -2.73 4.81 46.15
CA ALA B 116 -4.16 4.52 46.17
C ALA B 116 -4.47 3.29 45.38
N ILE B 117 -3.74 3.06 44.30
CA ILE B 117 -3.90 1.89 43.47
C ILE B 117 -3.58 0.65 44.27
N GLU B 118 -2.43 0.67 44.95
CA GLU B 118 -2.01 -0.44 45.78
C GLU B 118 -3.09 -0.78 46.79
N HIS B 119 -3.68 0.25 47.37
CA HIS B 119 -4.76 0.05 48.31
C HIS B 119 -5.94 -0.59 47.63
N THR B 120 -6.27 -0.09 46.45
CA THR B 120 -7.43 -0.59 45.74
C THR B 120 -7.22 -2.04 45.31
N GLN B 121 -5.99 -2.36 44.96
CA GLN B 121 -5.69 -3.71 44.53
C GLN B 121 -5.91 -4.70 45.67
N GLN B 122 -5.63 -4.28 46.89
CA GLN B 122 -5.85 -5.17 48.01
C GLN B 122 -7.33 -5.30 48.35
N VAL B 123 -8.13 -4.28 48.03
CA VAL B 123 -9.56 -4.42 48.16
C VAL B 123 -10.09 -5.44 47.15
N ILE B 124 -9.53 -5.41 45.94
CA ILE B 124 -9.93 -6.34 44.89
C ILE B 124 -9.59 -7.74 45.34
N ALA B 125 -8.49 -7.86 46.05
CA ALA B 125 -8.05 -9.13 46.58
C ALA B 125 -9.02 -9.74 47.59
N GLN B 126 -9.66 -8.92 48.42
CA GLN B 126 -10.58 -9.46 49.41
C GLN B 126 -11.78 -10.07 48.73
N HIS B 127 -12.16 -9.51 47.59
CA HIS B 127 -13.32 -9.95 46.87
C HIS B 127 -12.92 -10.81 45.69
N ALA B 128 -12.29 -11.93 46.00
CA ALA B 128 -11.74 -12.80 44.98
C ALA B 128 -12.84 -13.61 44.30
N ASN B 129 -14.08 -13.32 44.63
CA ASN B 129 -15.22 -13.96 44.00
C ASN B 129 -15.94 -13.01 43.05
N LEU B 130 -15.56 -11.75 43.07
CA LEU B 130 -16.10 -10.77 42.14
C LEU B 130 -15.09 -10.52 41.03
N LYS B 131 -15.59 -10.40 39.81
CA LYS B 131 -14.73 -10.22 38.64
C LYS B 131 -14.24 -8.80 38.52
N PHE B 132 -12.95 -8.66 38.23
CA PHE B 132 -12.42 -7.35 37.93
C PHE B 132 -11.70 -7.34 36.60
N GLN B 133 -12.08 -6.40 35.75
CA GLN B 133 -11.53 -6.31 34.41
C GLN B 133 -11.23 -4.88 34.01
N LEU B 134 -10.01 -4.65 33.55
CA LEU B 134 -9.57 -3.34 33.11
C LEU B 134 -9.76 -3.15 31.62
N GLY B 135 -10.02 -1.91 31.21
CA GLY B 135 -10.43 -1.58 29.86
C GLY B 135 -9.35 -1.38 28.80
N PHE B 136 -8.25 -2.10 28.92
CA PHE B 136 -7.23 -2.12 27.92
C PHE B 136 -7.73 -2.87 26.69
N MET B 137 -8.60 -2.22 25.94
CA MET B 137 -9.34 -2.84 24.88
C MET B 137 -8.49 -3.32 23.72
N ARG B 138 -7.29 -2.77 23.59
CA ARG B 138 -6.40 -3.17 22.52
C ARG B 138 -6.09 -4.65 22.55
N ARG B 139 -6.14 -5.25 23.73
CA ARG B 139 -5.96 -6.69 23.85
C ARG B 139 -7.05 -7.50 23.20
N PHE B 140 -8.18 -6.85 22.92
CA PHE B 140 -9.32 -7.49 22.30
C PHE B 140 -9.41 -7.22 20.81
N ASP B 141 -8.56 -6.35 20.31
CA ASP B 141 -8.61 -5.94 18.92
C ASP B 141 -8.12 -7.03 17.99
N ASP B 142 -8.92 -7.33 16.98
CA ASP B 142 -8.62 -8.36 16.01
C ASP B 142 -7.20 -8.26 15.45
N SER B 143 -6.79 -7.06 15.06
CA SER B 143 -5.48 -6.86 14.49
C SER B 143 -4.33 -7.07 15.48
N TYR B 144 -4.47 -6.53 16.68
CA TYR B 144 -3.50 -6.74 17.75
C TYR B 144 -3.39 -8.22 18.12
N ARG B 145 -4.52 -8.89 18.20
CA ARG B 145 -4.56 -10.30 18.51
C ARG B 145 -3.83 -11.12 17.46
N TYR B 146 -4.05 -10.79 16.19
CA TYR B 146 -3.40 -11.47 15.08
C TYR B 146 -1.89 -11.35 15.17
N ALA B 147 -1.43 -10.14 15.47
CA ALA B 147 0.00 -9.91 15.62
C ALA B 147 0.57 -10.67 16.82
N LYS B 148 -0.20 -10.73 17.89
CA LYS B 148 0.18 -11.46 19.08
C LYS B 148 0.38 -12.94 18.76
N GLN B 149 -0.60 -13.50 18.05
CA GLN B 149 -0.53 -14.87 17.57
C GLN B 149 0.73 -15.09 16.77
N LEU B 150 1.00 -14.19 15.83
CA LEU B 150 2.19 -14.30 15.03
C LEU B 150 3.45 -14.32 15.88
N VAL B 151 3.52 -13.43 16.85
CA VAL B 151 4.67 -13.35 17.71
C VAL B 151 4.79 -14.60 18.58
N ASP B 152 3.65 -15.08 19.08
CA ASP B 152 3.59 -16.29 19.88
C ASP B 152 4.05 -17.53 19.13
N GLN B 153 3.82 -17.56 17.83
CA GLN B 153 4.19 -18.69 16.99
C GLN B 153 5.62 -18.60 16.51
N GLY B 154 6.29 -17.50 16.83
CA GLY B 154 7.68 -17.34 16.50
C GLY B 154 8.00 -16.75 15.14
N LYS B 155 7.03 -16.12 14.51
CA LYS B 155 7.17 -15.61 13.15
C LYS B 155 8.21 -14.52 12.97
N ILE B 156 8.47 -13.74 14.01
CA ILE B 156 9.45 -12.66 13.92
C ILE B 156 10.61 -12.86 14.88
N GLY B 157 10.65 -14.01 15.51
CA GLY B 157 11.71 -14.29 16.46
C GLY B 157 11.39 -13.74 17.82
N ASP B 158 12.42 -13.40 18.58
CA ASP B 158 12.23 -12.74 19.86
C ASP B 158 12.19 -11.25 19.62
N ILE B 159 11.35 -10.55 20.36
CA ILE B 159 11.23 -9.13 20.23
C ILE B 159 12.50 -8.40 20.62
N THR B 160 12.94 -7.47 19.78
CA THR B 160 14.05 -6.62 20.09
C THR B 160 13.62 -5.18 20.35
N LEU B 161 12.63 -4.70 19.61
CA LEU B 161 12.17 -3.32 19.75
C LEU B 161 10.68 -3.21 19.46
N ILE B 162 9.98 -2.42 20.27
CA ILE B 162 8.62 -2.05 19.99
C ILE B 162 8.50 -0.53 19.89
N ARG B 163 7.96 -0.06 18.77
CA ARG B 163 7.62 1.34 18.60
C ARG B 163 6.12 1.48 18.55
N SER B 164 5.59 2.36 19.37
CA SER B 164 4.16 2.55 19.40
C SER B 164 3.75 4.01 19.34
N TYR B 165 2.83 4.30 18.43
CA TYR B 165 2.32 5.64 18.23
C TYR B 165 0.85 5.68 18.59
N SER B 166 0.46 6.64 19.43
CA SER B 166 -0.93 6.86 19.78
C SER B 166 -1.26 8.33 19.71
N ILE B 167 -1.81 8.77 18.58
CA ILE B 167 -2.01 10.18 18.29
C ILE B 167 -3.46 10.49 17.94
N ASP B 168 -4.10 11.30 18.77
CA ASP B 168 -5.48 11.72 18.56
C ASP B 168 -5.63 12.66 17.35
N PRO B 169 -6.81 12.66 16.73
CA PRO B 169 -7.06 13.44 15.53
C PRO B 169 -7.21 14.91 15.83
N ALA B 170 -6.69 15.75 14.96
CA ALA B 170 -6.77 17.20 15.11
C ALA B 170 -8.20 17.68 15.21
N ALA B 171 -9.08 16.97 14.53
CA ALA B 171 -10.49 17.32 14.47
C ALA B 171 -11.19 17.15 15.81
N GLY B 172 -10.57 16.44 16.73
CA GLY B 172 -11.17 16.23 18.02
C GLY B 172 -10.59 17.15 19.08
N MET B 173 -9.95 18.22 18.64
CA MET B 173 -9.25 19.10 19.56
C MET B 173 -10.16 19.78 20.57
N ALA B 174 -11.32 20.25 20.11
CA ALA B 174 -12.29 20.90 20.98
C ALA B 174 -12.88 19.95 22.01
N SER B 175 -13.32 18.78 21.59
CA SER B 175 -13.86 17.80 22.51
C SER B 175 -12.81 17.33 23.51
N PHE B 176 -11.55 17.34 23.11
CA PHE B 176 -10.52 16.96 24.04
C PHE B 176 -10.34 18.03 25.09
N VAL B 177 -10.31 19.28 24.65
CA VAL B 177 -10.13 20.40 25.57
C VAL B 177 -11.21 20.41 26.64
N LYS B 178 -12.42 20.04 26.28
CA LYS B 178 -13.50 19.98 27.23
C LYS B 178 -13.30 18.86 28.25
N PHE B 179 -12.93 17.69 27.76
CA PHE B 179 -12.58 16.54 28.59
C PHE B 179 -11.45 16.92 29.51
N ALA B 180 -10.43 17.56 28.96
CA ALA B 180 -9.23 17.87 29.71
C ALA B 180 -9.42 18.93 30.77
N THR B 181 -10.45 19.75 30.65
CA THR B 181 -10.61 20.85 31.55
C THR B 181 -11.76 20.66 32.51
N SER B 182 -12.51 19.58 32.32
CA SER B 182 -13.60 19.26 33.19
C SER B 182 -13.18 18.35 34.34
N ALA B 183 -11.95 17.84 34.24
CA ALA B 183 -11.40 16.91 35.23
C ALA B 183 -9.98 16.56 34.88
N ASN B 184 -9.22 16.14 35.88
CA ASN B 184 -7.84 15.77 35.67
C ASN B 184 -7.73 14.53 34.80
N SER B 185 -7.05 14.63 33.67
CA SER B 185 -6.89 13.51 32.78
C SER B 185 -5.67 12.69 33.16
N GLY B 186 -4.76 13.31 33.90
CA GLY B 186 -3.54 12.67 34.31
C GLY B 186 -2.44 13.02 33.36
N GLY B 187 -2.81 13.55 32.21
CA GLY B 187 -1.85 13.96 31.21
C GLY B 187 -1.67 12.98 30.07
N LEU B 188 -0.88 13.40 29.09
CA LEU B 188 -0.71 12.66 27.86
C LEU B 188 -0.27 11.21 28.08
N PHE B 189 0.70 11.02 28.96
CA PHE B 189 1.30 9.72 29.17
C PHE B 189 0.38 8.77 29.90
N LEU B 190 -0.45 9.30 30.77
CA LEU B 190 -1.38 8.51 31.54
C LEU B 190 -2.68 8.30 30.81
N ASP B 191 -3.02 9.22 29.92
CA ASP B 191 -4.28 9.13 29.20
C ASP B 191 -4.15 8.39 27.87
N MET B 192 -3.04 8.58 27.18
CA MET B 192 -2.79 7.92 25.89
C MET B 192 -1.80 6.77 25.97
N SER B 193 -0.56 7.08 26.35
CA SER B 193 0.55 6.16 26.27
C SER B 193 0.39 4.91 27.12
N ILE B 194 -0.51 4.96 28.08
CA ILE B 194 -0.75 3.86 28.96
C ILE B 194 -1.22 2.60 28.19
N HIS B 195 -1.89 2.82 27.07
CA HIS B 195 -2.27 1.74 26.17
C HIS B 195 -1.04 1.08 25.58
N ASP B 196 -0.08 1.90 25.19
CA ASP B 196 1.14 1.41 24.60
C ASP B 196 2.00 0.67 25.60
N ILE B 197 2.03 1.17 26.83
CA ILE B 197 2.78 0.56 27.92
C ILE B 197 2.26 -0.82 28.17
N ASP B 198 0.95 -0.95 28.14
CA ASP B 198 0.32 -2.21 28.35
C ASP B 198 0.56 -3.17 27.19
N VAL B 199 0.62 -2.64 25.99
CA VAL B 199 0.88 -3.45 24.81
C VAL B 199 2.28 -4.02 24.87
N ILE B 200 3.25 -3.17 25.17
CA ILE B 200 4.62 -3.59 25.39
C ILE B 200 4.69 -4.68 26.46
N ARG B 201 3.92 -4.55 27.51
CA ARG B 201 3.93 -5.54 28.57
C ARG B 201 3.26 -6.84 28.12
N TRP B 202 2.11 -6.71 27.48
CA TRP B 202 1.41 -7.83 26.89
C TRP B 202 2.32 -8.67 25.99
N PHE B 203 3.09 -8.01 25.14
CA PHE B 203 3.87 -8.69 24.11
C PHE B 203 5.19 -9.28 24.63
N THR B 204 5.90 -8.55 25.47
CA THR B 204 7.21 -9.00 25.92
C THR B 204 7.18 -9.82 27.19
N GLY B 205 6.13 -9.65 27.97
CA GLY B 205 6.07 -10.23 29.29
C GLY B 205 7.05 -9.60 30.26
N LYS B 206 7.71 -8.53 29.82
CA LYS B 206 8.72 -7.85 30.62
C LYS B 206 8.24 -6.51 31.17
N GLU B 207 9.03 -5.92 32.04
CA GLU B 207 8.68 -4.67 32.66
C GLU B 207 9.67 -3.59 32.29
N ILE B 208 9.20 -2.35 32.32
CA ILE B 208 10.02 -1.23 31.90
C ILE B 208 10.96 -0.79 33.01
N ASP B 209 12.24 -0.66 32.69
CA ASP B 209 13.25 -0.27 33.65
C ASP B 209 13.43 1.24 33.80
N LYS B 210 13.89 1.89 32.75
CA LYS B 210 14.04 3.33 32.78
C LYS B 210 13.60 4.04 31.51
N VAL B 211 13.30 5.33 31.63
CA VAL B 211 12.69 6.09 30.55
C VAL B 211 13.20 7.54 30.46
N TRP B 212 13.12 8.10 29.27
CA TRP B 212 13.31 9.54 29.05
C TRP B 212 12.23 10.04 28.06
N ALA B 213 11.64 11.18 28.37
CA ALA B 213 10.53 11.72 27.61
C ALA B 213 10.80 13.16 27.28
N ILE B 214 10.47 13.56 26.05
CA ILE B 214 10.48 14.95 25.65
C ILE B 214 9.13 15.36 25.03
N GLY B 215 8.90 16.65 24.93
CA GLY B 215 7.61 17.15 24.52
C GLY B 215 7.67 18.50 23.83
N LEU B 216 6.57 18.91 23.23
CA LEU B 216 6.56 20.06 22.35
C LEU B 216 5.15 20.51 22.03
N ASN B 217 4.88 21.80 22.22
CA ASN B 217 3.65 22.37 21.72
CA ASN B 217 3.65 22.38 21.70
C ASN B 217 3.98 23.38 20.62
N ARG B 218 3.38 23.17 19.45
CA ARG B 218 3.72 23.97 18.28
C ARG B 218 2.52 24.30 17.40
N ALA B 219 1.46 23.50 17.50
CA ALA B 219 0.29 23.67 16.67
C ALA B 219 -0.87 24.33 17.40
N TYR B 220 -1.23 23.80 18.56
CA TYR B 220 -2.40 24.27 19.28
C TYR B 220 -2.04 24.75 20.69
N PRO B 221 -1.75 26.05 20.82
CA PRO B 221 -1.42 26.77 22.04
C PRO B 221 -2.47 26.63 23.13
N VAL B 222 -3.69 26.31 22.77
CA VAL B 222 -4.72 26.12 23.76
C VAL B 222 -4.40 24.95 24.70
N LEU B 223 -3.62 23.99 24.21
CA LEU B 223 -3.28 22.84 25.02
C LEU B 223 -2.40 23.23 26.22
N ASP B 224 -1.45 24.10 25.97
CA ASP B 224 -0.63 24.66 27.02
C ASP B 224 -1.49 25.28 28.12
N LYS B 225 -2.51 26.01 27.70
CA LYS B 225 -3.35 26.72 28.62
C LYS B 225 -4.22 25.75 29.40
N ALA B 226 -4.35 24.56 28.86
CA ALA B 226 -5.04 23.50 29.57
C ALA B 226 -4.01 22.62 30.25
N GLY B 227 -2.75 22.98 30.13
CA GLY B 227 -1.70 22.23 30.76
C GLY B 227 -1.53 20.84 30.21
N GLU B 228 -1.94 20.66 28.96
CA GLU B 228 -1.84 19.38 28.30
C GLU B 228 -0.75 19.41 27.25
N LEU B 229 -0.14 18.26 27.02
CA LEU B 229 0.93 18.15 26.06
C LEU B 229 0.38 17.74 24.69
N GLU B 230 0.85 18.44 23.66
CA GLU B 230 0.38 18.25 22.31
C GLU B 230 1.03 17.05 21.63
N THR B 231 2.33 16.90 21.80
CA THR B 231 3.06 15.80 21.22
C THR B 231 4.18 15.42 22.17
N GLY B 232 4.26 14.12 22.45
CA GLY B 232 5.29 13.59 23.30
C GLY B 232 6.04 12.44 22.67
N ALA B 233 7.33 12.35 22.99
CA ALA B 233 8.20 11.27 22.52
C ALA B 233 9.04 10.72 23.65
N ALA B 234 9.26 9.40 23.64
CA ALA B 234 9.97 8.73 24.72
C ALA B 234 10.82 7.55 24.26
N LEU B 235 11.93 7.34 24.95
CA LEU B 235 12.75 6.15 24.78
C LEU B 235 12.70 5.36 26.08
N MET B 236 12.46 4.07 25.98
CA MET B 236 12.38 3.22 27.15
C MET B 236 13.25 1.98 27.00
N GLN B 237 13.80 1.52 28.10
CA GLN B 237 14.59 0.32 28.12
C GLN B 237 13.98 -0.65 29.11
N LEU B 238 13.68 -1.84 28.65
CA LEU B 238 13.02 -2.80 29.51
C LEU B 238 14.03 -3.50 30.43
N GLU B 239 13.51 -4.33 31.31
CA GLU B 239 14.33 -5.01 32.29
C GLU B 239 15.33 -5.95 31.66
N ASP B 240 15.02 -6.49 30.50
CA ASP B 240 15.93 -7.39 29.77
C ASP B 240 16.64 -6.69 28.62
N LYS B 241 16.65 -5.38 28.64
CA LYS B 241 17.27 -4.56 27.61
C LYS B 241 16.53 -4.57 26.26
N THR B 242 15.31 -5.07 26.25
CA THR B 242 14.43 -4.88 25.12
C THR B 242 14.17 -3.37 24.95
N MET B 243 14.29 -2.87 23.72
CA MET B 243 14.14 -1.44 23.44
C MET B 243 12.69 -1.06 23.12
N ALA B 244 12.32 0.18 23.42
CA ALA B 244 11.01 0.69 23.09
C ALA B 244 10.95 2.20 22.85
N ILE B 245 10.13 2.59 21.88
CA ILE B 245 9.96 3.96 21.47
C ILE B 245 8.48 4.28 21.49
N LEU B 246 8.13 5.43 22.06
CA LEU B 246 6.75 5.87 22.07
C LEU B 246 6.59 7.27 21.52
N VAL B 247 5.48 7.50 20.84
CA VAL B 247 5.01 8.83 20.50
C VAL B 247 3.53 8.91 20.79
N ALA B 248 3.13 9.97 21.47
CA ALA B 248 1.74 10.25 21.70
C ALA B 248 1.45 11.71 21.35
N GLY B 249 0.18 12.03 21.13
CA GLY B 249 -0.19 13.37 20.77
C GLY B 249 -1.66 13.63 20.56
N ARG B 250 -1.99 14.88 20.27
CA ARG B 250 -3.37 15.30 20.12
C ARG B 250 -3.61 15.93 18.77
N ASN B 251 -2.62 15.86 17.89
CA ASN B 251 -2.69 16.52 16.60
C ASN B 251 -2.24 15.66 15.42
N ALA B 252 -2.99 14.64 15.11
CA ALA B 252 -2.77 13.92 13.86
C ALA B 252 -3.71 14.53 12.81
N ALA B 253 -3.14 15.08 11.76
CA ALA B 253 -3.93 15.74 10.74
C ALA B 253 -4.74 14.79 9.87
N HIS B 254 -4.29 13.55 9.77
CA HIS B 254 -4.91 12.59 8.86
C HIS B 254 -6.00 11.74 9.48
N GLY B 255 -6.04 11.71 10.81
CA GLY B 255 -7.04 10.98 11.52
C GLY B 255 -6.56 10.48 12.85
N TYR B 256 -6.93 9.26 13.19
CA TYR B 256 -6.55 8.60 14.44
C TYR B 256 -5.38 7.68 14.18
N HIS B 257 -4.18 8.16 14.47
CA HIS B 257 -2.99 7.38 14.23
C HIS B 257 -2.59 6.57 15.46
N VAL B 258 -3.05 5.33 15.49
CA VAL B 258 -2.62 4.37 16.49
C VAL B 258 -1.92 3.24 15.75
N GLU B 259 -0.62 3.15 15.97
CA GLU B 259 0.24 2.24 15.24
C GLU B 259 1.23 1.56 16.18
N THR B 260 1.40 0.26 16.03
CA THR B 260 2.37 -0.46 16.82
C THR B 260 3.29 -1.30 15.94
N GLU B 261 4.58 -1.01 16.01
CA GLU B 261 5.55 -1.77 15.27
C GLU B 261 6.32 -2.64 16.24
N ILE B 262 6.47 -3.91 15.88
CA ILE B 262 7.22 -4.84 16.69
C ILE B 262 8.38 -5.38 15.87
N ILE B 263 9.59 -5.07 16.31
CA ILE B 263 10.78 -5.56 15.66
C ILE B 263 11.35 -6.78 16.38
N GLY B 264 11.63 -7.82 15.61
CA GLY B 264 12.18 -9.04 16.15
C GLY B 264 13.47 -9.45 15.49
N THR B 265 14.00 -10.60 15.93
CA THR B 265 15.25 -11.15 15.43
C THR B 265 15.17 -11.80 14.04
N LYS B 266 13.96 -12.12 13.60
CA LYS B 266 13.74 -12.78 12.31
C LYS B 266 12.81 -12.04 11.38
N GLY B 267 12.38 -10.86 11.79
CA GLY B 267 11.49 -10.05 11.00
C GLY B 267 10.83 -8.99 11.85
N MET B 268 9.89 -8.28 11.26
CA MET B 268 9.16 -7.27 11.99
C MET B 268 7.74 -7.18 11.48
N LEU B 269 6.91 -6.48 12.23
CA LEU B 269 5.54 -6.27 11.84
C LEU B 269 5.02 -4.94 12.33
N ARG B 270 4.01 -4.43 11.64
CA ARG B 270 3.38 -3.19 12.00
C ARG B 270 1.90 -3.34 12.00
N ILE B 271 1.29 -2.88 13.07
CA ILE B 271 -0.14 -2.86 13.21
C ILE B 271 -0.61 -1.44 12.94
N ALA B 272 -1.40 -1.30 11.89
CA ALA B 272 -1.86 -0.03 11.37
C ALA B 272 -0.70 0.90 11.08
N GLN B 273 0.18 0.45 10.21
CA GLN B 273 1.24 1.25 9.64
C GLN B 273 0.68 2.58 9.21
N VAL B 274 -0.50 2.51 8.58
CA VAL B 274 -1.39 3.63 8.37
C VAL B 274 -2.79 3.20 8.78
N PRO B 275 -3.56 4.14 9.35
CA PRO B 275 -4.87 3.82 9.88
C PRO B 275 -5.94 3.67 8.80
N GLU B 276 -5.83 2.60 8.02
CA GLU B 276 -6.72 2.32 6.91
C GLU B 276 -8.16 2.19 7.33
N LYS B 277 -9.03 3.02 6.75
CA LYS B 277 -10.43 3.06 7.12
C LYS B 277 -11.21 1.84 6.68
N ASN B 278 -10.94 1.39 5.46
CA ASN B 278 -11.66 0.29 4.87
C ASN B 278 -10.90 -0.29 3.70
N LEU B 279 -11.61 -0.95 2.81
CA LEU B 279 -10.98 -1.57 1.67
C LEU B 279 -10.99 -0.69 0.43
N VAL B 280 -11.43 0.55 0.59
CA VAL B 280 -11.56 1.44 -0.55
C VAL B 280 -10.32 2.26 -0.84
N THR B 281 -9.86 2.16 -2.07
CA THR B 281 -8.76 2.94 -2.60
C THR B 281 -9.33 3.93 -3.61
N VAL B 282 -8.93 5.19 -3.50
CA VAL B 282 -9.46 6.23 -4.35
C VAL B 282 -8.36 6.90 -5.14
N MET B 283 -8.59 7.06 -6.44
CA MET B 283 -7.62 7.67 -7.31
C MET B 283 -8.16 8.89 -8.02
N ASN B 284 -7.48 10.00 -7.85
CA ASN B 284 -7.84 11.24 -8.47
C ASN B 284 -6.64 12.16 -8.61
N GLU B 285 -6.92 13.44 -8.81
CA GLU B 285 -5.86 14.37 -9.14
C GLU B 285 -4.82 14.55 -8.04
N GLU B 286 -5.15 14.20 -6.81
CA GLU B 286 -4.17 14.23 -5.74
C GLU B 286 -3.23 13.01 -5.75
N GLY B 287 -3.66 11.94 -6.39
CA GLY B 287 -2.88 10.72 -6.45
C GLY B 287 -3.66 9.53 -5.97
N ILE B 288 -2.97 8.58 -5.37
CA ILE B 288 -3.62 7.44 -4.76
C ILE B 288 -3.96 7.73 -3.29
N ILE B 289 -5.22 7.64 -2.96
CA ILE B 289 -5.68 7.99 -1.65
C ILE B 289 -6.31 6.82 -0.90
N ARG B 290 -5.92 6.66 0.35
CA ARG B 290 -6.63 5.77 1.24
C ARG B 290 -7.28 6.58 2.35
N PRO B 291 -8.60 6.51 2.45
CA PRO B 291 -9.30 7.13 3.56
C PRO B 291 -8.89 6.46 4.86
N THR B 292 -9.02 7.18 5.96
CA THR B 292 -8.55 6.72 7.24
C THR B 292 -9.64 6.65 8.29
N SER B 293 -9.43 5.80 9.29
CA SER B 293 -10.24 5.82 10.48
C SER B 293 -9.96 7.13 11.21
N GLN B 294 -10.98 7.68 11.84
CA GLN B 294 -10.93 9.05 12.29
C GLN B 294 -10.78 9.22 13.80
N ASN B 295 -11.28 8.28 14.56
CA ASN B 295 -11.33 8.41 16.01
C ASN B 295 -11.38 7.06 16.69
N PHE B 296 -11.18 7.03 18.01
CA PHE B 296 -11.26 5.78 18.74
C PHE B 296 -12.57 4.99 18.63
N PRO B 297 -13.73 5.67 18.56
CA PRO B 297 -14.94 4.87 18.46
C PRO B 297 -15.01 4.12 17.13
N GLU B 298 -14.48 4.70 16.08
CA GLU B 298 -14.45 4.03 14.78
C GLU B 298 -13.38 2.94 14.77
N ARG B 299 -12.15 3.31 15.06
CA ARG B 299 -11.04 2.37 15.07
C ARG B 299 -11.24 1.18 15.99
N PHE B 300 -11.72 1.44 17.20
CA PHE B 300 -11.77 0.42 18.23
C PHE B 300 -13.15 -0.08 18.60
N ALA B 301 -14.10 0.14 17.71
CA ALA B 301 -15.47 -0.32 17.88
C ALA B 301 -15.56 -1.79 18.24
N GLN B 302 -14.84 -2.61 17.50
CA GLN B 302 -14.87 -4.05 17.67
C GLN B 302 -14.28 -4.45 18.99
N ALA B 303 -13.16 -3.82 19.33
CA ALA B 303 -12.49 -4.09 20.56
C ALA B 303 -13.39 -3.80 21.75
N PHE B 304 -14.03 -2.64 21.75
CA PHE B 304 -14.92 -2.25 22.81
C PHE B 304 -16.04 -3.27 22.99
N LEU B 305 -16.62 -3.72 21.90
CA LEU B 305 -17.66 -4.73 21.95
C LEU B 305 -17.14 -6.02 22.55
N SER B 306 -15.97 -6.45 22.11
CA SER B 306 -15.37 -7.69 22.56
C SER B 306 -15.06 -7.71 24.05
N GLU B 307 -14.49 -6.63 24.57
CA GLU B 307 -14.20 -6.56 25.98
C GLU B 307 -15.47 -6.49 26.83
N GLU B 308 -16.52 -5.89 26.31
CA GLU B 308 -17.78 -5.82 27.01
C GLU B 308 -18.37 -7.23 27.16
N GLN B 309 -18.40 -7.97 26.05
CA GLN B 309 -18.96 -9.31 26.06
C GLN B 309 -18.09 -10.27 26.82
N ALA B 310 -16.80 -10.01 26.83
CA ALA B 310 -15.88 -10.86 27.55
C ALA B 310 -16.09 -10.64 29.05
N PHE B 311 -16.33 -9.39 29.41
CA PHE B 311 -16.63 -9.05 30.78
C PHE B 311 -17.89 -9.74 31.25
N VAL B 312 -18.92 -9.70 30.41
CA VAL B 312 -20.20 -10.30 30.72
C VAL B 312 -20.11 -11.81 30.74
N ASN B 313 -19.38 -12.39 29.81
CA ASN B 313 -19.24 -13.83 29.77
C ASN B 313 -18.43 -14.38 30.94
N SER B 314 -17.56 -13.57 31.50
CA SER B 314 -16.70 -14.01 32.58
C SER B 314 -17.51 -14.19 33.86
N ILE B 315 -18.56 -13.38 34.00
CA ILE B 315 -19.47 -13.46 35.12
C ILE B 315 -20.27 -14.74 35.08
N LEU B 316 -20.77 -15.10 33.90
CA LEU B 316 -21.59 -16.28 33.78
C LEU B 316 -20.80 -17.57 33.85
N ASN B 317 -19.52 -17.53 33.48
CA ASN B 317 -18.71 -18.72 33.39
C ASN B 317 -17.72 -18.86 34.53
N ASN B 318 -17.69 -17.87 35.41
CA ASN B 318 -16.68 -17.78 36.46
C ASN B 318 -15.28 -18.08 35.99
N GLN B 319 -14.84 -17.39 34.94
CA GLN B 319 -13.43 -17.44 34.62
C GLN B 319 -12.86 -16.10 34.20
N ASP B 320 -11.66 -15.84 34.70
CA ASP B 320 -11.05 -14.54 34.61
C ASP B 320 -10.54 -14.25 33.22
N VAL B 321 -10.44 -12.97 32.90
CA VAL B 321 -10.10 -12.51 31.58
C VAL B 321 -8.61 -12.25 31.47
N GLY B 322 -8.01 -11.84 32.56
CA GLY B 322 -6.58 -11.72 32.61
C GLY B 322 -6.06 -10.32 32.51
N ILE B 323 -6.96 -9.35 32.58
CA ILE B 323 -6.53 -7.97 32.57
C ILE B 323 -6.73 -7.42 33.97
N THR B 324 -5.62 -7.28 34.67
CA THR B 324 -5.67 -7.23 36.10
C THR B 324 -5.32 -5.89 36.68
N ALA B 325 -5.59 -5.76 37.96
CA ALA B 325 -5.23 -4.59 38.71
C ALA B 325 -3.74 -4.36 38.61
N GLU B 326 -2.98 -5.45 38.57
CA GLU B 326 -1.53 -5.37 38.50
C GLU B 326 -1.09 -4.79 37.15
N ASP B 327 -1.85 -5.08 36.12
CA ASP B 327 -1.59 -4.51 34.82
C ASP B 327 -1.87 -3.01 34.86
N GLY B 328 -2.94 -2.62 35.54
CA GLY B 328 -3.25 -1.22 35.78
C GLY B 328 -2.18 -0.48 36.56
N LEU B 329 -1.77 -1.08 37.66
CA LEU B 329 -0.73 -0.52 38.50
C LEU B 329 0.59 -0.30 37.77
N GLN B 330 1.03 -1.31 37.04
CA GLN B 330 2.32 -1.22 36.37
C GLN B 330 2.29 -0.25 35.19
N GLY B 331 1.14 -0.15 34.55
CA GLY B 331 0.93 0.82 33.51
C GLY B 331 1.02 2.23 34.06
N THR B 332 0.20 2.51 35.06
CA THR B 332 0.21 3.83 35.68
C THR B 332 1.59 4.18 36.20
N LYS B 333 2.28 3.21 36.77
CA LYS B 333 3.61 3.47 37.29
C LYS B 333 4.56 3.95 36.21
N ALA B 334 4.56 3.27 35.07
CA ALA B 334 5.43 3.66 33.97
C ALA B 334 4.99 4.98 33.35
N ALA B 335 3.70 5.24 33.36
CA ALA B 335 3.19 6.50 32.83
C ALA B 335 3.65 7.68 33.67
N LEU B 336 3.63 7.49 34.98
CA LEU B 336 4.11 8.51 35.89
C LEU B 336 5.59 8.76 35.74
N ALA B 337 6.34 7.73 35.36
CA ALA B 337 7.76 7.88 35.16
C ALA B 337 8.04 8.68 33.91
N LEU B 338 7.18 8.54 32.92
CA LEU B 338 7.31 9.30 31.70
C LEU B 338 6.99 10.76 32.00
N GLN B 339 5.92 10.99 32.73
CA GLN B 339 5.58 12.33 33.17
C GLN B 339 6.72 12.98 33.92
N GLU B 340 7.25 12.27 34.91
CA GLU B 340 8.39 12.75 35.67
C GLU B 340 9.60 13.03 34.81
N ALA B 341 9.95 12.09 33.93
CA ALA B 341 11.08 12.28 33.03
C ALA B 341 10.87 13.49 32.10
N PHE B 342 9.63 13.70 31.71
CA PHE B 342 9.26 14.86 30.90
C PHE B 342 9.49 16.16 31.67
N GLU B 343 8.95 16.22 32.87
CA GLU B 343 9.09 17.40 33.72
C GLU B 343 10.55 17.74 34.02
N LYS B 344 11.37 16.72 34.25
CA LYS B 344 12.75 16.95 34.62
C LYS B 344 13.64 17.06 33.41
N ASN B 345 13.11 16.67 32.26
CA ASN B 345 13.93 16.49 31.07
C ASN B 345 15.18 15.66 31.35
N ASP B 346 14.97 14.44 31.83
CA ASP B 346 16.05 13.56 32.24
C ASP B 346 15.54 12.12 32.42
N ILE B 347 16.47 11.18 32.46
CA ILE B 347 16.15 9.76 32.60
C ILE B 347 15.62 9.45 33.99
N VAL B 348 14.55 8.67 34.03
CA VAL B 348 13.92 8.29 35.27
C VAL B 348 13.69 6.79 35.37
N GLN B 349 14.16 6.22 36.47
CA GLN B 349 13.95 4.82 36.77
C GLN B 349 12.53 4.63 37.25
N VAL B 350 11.88 3.60 36.76
CA VAL B 350 10.49 3.37 37.08
C VAL B 350 10.36 2.94 38.53
N ALA B 351 11.45 2.38 39.05
CA ALA B 351 11.53 1.99 40.44
C ALA B 351 11.15 3.16 41.35
N SER B 352 11.61 4.35 41.01
CA SER B 352 11.11 5.55 41.66
C SER B 352 9.94 6.14 40.90
N LYS C 13 -42.09 -6.03 19.16
CA LYS C 13 -41.62 -7.22 19.85
C LYS C 13 -40.44 -7.86 19.12
N THR C 14 -40.26 -9.15 19.35
CA THR C 14 -39.17 -9.90 18.78
C THR C 14 -39.68 -10.69 17.59
N ILE C 15 -38.92 -10.64 16.50
CA ILE C 15 -39.30 -11.28 15.25
C ILE C 15 -38.86 -12.72 15.23
N LYS C 16 -39.82 -13.62 15.26
CA LYS C 16 -39.52 -15.04 15.30
C LYS C 16 -39.25 -15.54 13.89
N ILE C 17 -38.13 -16.23 13.74
CA ILE C 17 -37.66 -16.63 12.43
C ILE C 17 -37.43 -18.13 12.33
N GLY C 18 -37.95 -18.73 11.28
CA GLY C 18 -37.66 -20.10 10.98
C GLY C 18 -36.76 -20.13 9.78
N ILE C 19 -35.65 -20.84 9.89
CA ILE C 19 -34.70 -20.92 8.81
C ILE C 19 -34.80 -22.25 8.06
N VAL C 20 -34.67 -22.19 6.75
CA VAL C 20 -34.54 -23.41 5.99
C VAL C 20 -33.16 -23.53 5.37
N GLY C 21 -32.42 -24.54 5.80
CA GLY C 21 -31.12 -24.79 5.25
C GLY C 21 -30.05 -24.49 6.28
N LEU C 22 -29.20 -25.48 6.54
CA LEU C 22 -28.14 -25.32 7.50
C LEU C 22 -26.85 -25.91 6.96
N GLY C 23 -26.55 -25.60 5.70
CA GLY C 23 -25.27 -25.94 5.13
C GLY C 23 -24.22 -24.91 5.52
N ARG C 24 -23.31 -24.63 4.59
CA ARG C 24 -22.27 -23.62 4.75
C ARG C 24 -22.81 -22.36 5.35
N LEU C 25 -23.77 -21.79 4.65
CA LEU C 25 -24.23 -20.44 4.91
C LEU C 25 -25.39 -20.45 5.87
N GLY C 26 -26.14 -21.55 5.86
CA GLY C 26 -27.23 -21.72 6.78
C GLY C 26 -26.76 -21.59 8.20
N LYS C 27 -25.68 -22.28 8.52
CA LYS C 27 -25.11 -22.25 9.86
C LYS C 27 -24.68 -20.84 10.30
N ILE C 28 -24.21 -20.03 9.36
CA ILE C 28 -23.81 -18.66 9.66
C ILE C 28 -25.02 -17.81 9.96
N HIS C 29 -26.02 -17.86 9.10
CA HIS C 29 -27.23 -17.12 9.30
C HIS C 29 -27.95 -17.57 10.56
N ALA C 30 -28.00 -18.87 10.75
CA ALA C 30 -28.61 -19.44 11.93
C ALA C 30 -27.97 -18.85 13.17
N THR C 31 -26.66 -19.02 13.29
CA THR C 31 -25.89 -18.57 14.42
C THR C 31 -26.01 -17.08 14.68
N ASN C 32 -26.08 -16.30 13.60
CA ASN C 32 -26.17 -14.85 13.72
C ASN C 32 -27.50 -14.38 14.28
N ILE C 33 -28.57 -14.86 13.66
CA ILE C 33 -29.92 -14.56 14.10
C ILE C 33 -30.09 -14.97 15.56
N ALA C 34 -29.63 -16.15 15.90
CA ALA C 34 -29.76 -16.66 17.25
C ALA C 34 -29.04 -15.80 18.26
N THR C 35 -27.85 -15.33 17.89
CA THR C 35 -26.95 -14.77 18.88
C THR C 35 -26.54 -13.34 18.67
N LYS C 36 -26.65 -12.82 17.46
CA LYS C 36 -26.19 -11.45 17.24
C LYS C 36 -27.28 -10.48 16.84
N ILE C 37 -28.33 -10.98 16.19
CA ILE C 37 -29.33 -10.08 15.66
C ILE C 37 -30.33 -9.64 16.72
N GLN C 38 -30.44 -8.33 16.90
CA GLN C 38 -31.38 -7.80 17.87
C GLN C 38 -32.81 -7.86 17.35
N HIS C 39 -33.76 -7.98 18.28
CA HIS C 39 -35.18 -8.10 17.95
C HIS C 39 -35.50 -9.35 17.16
N ALA C 40 -34.63 -10.33 17.29
CA ALA C 40 -34.79 -11.55 16.53
C ALA C 40 -34.63 -12.79 17.40
N LYS C 41 -35.42 -13.79 17.07
CA LYS C 41 -35.35 -15.07 17.71
C LYS C 41 -35.42 -16.14 16.65
N LEU C 42 -34.44 -17.03 16.65
CA LEU C 42 -34.48 -18.16 15.76
C LEU C 42 -35.31 -19.24 16.42
N GLN C 43 -36.51 -19.44 15.91
CA GLN C 43 -37.49 -20.30 16.54
C GLN C 43 -37.52 -21.69 15.91
N ALA C 44 -37.63 -21.72 14.58
CA ALA C 44 -37.68 -22.98 13.88
C ALA C 44 -36.45 -23.18 13.00
N ALA C 45 -36.37 -24.34 12.39
CA ALA C 45 -35.23 -24.71 11.60
C ALA C 45 -35.58 -25.93 10.80
N THR C 46 -35.30 -25.89 9.52
CA THR C 46 -35.62 -26.99 8.64
C THR C 46 -34.38 -27.49 7.95
N SER C 47 -34.24 -28.80 7.88
CA SER C 47 -33.22 -29.43 7.08
C SER C 47 -33.57 -30.88 6.89
N VAL C 48 -33.11 -31.45 5.78
CA VAL C 48 -33.36 -32.86 5.53
C VAL C 48 -32.30 -33.69 6.20
N VAL C 49 -31.34 -33.02 6.83
CA VAL C 49 -30.31 -33.70 7.60
C VAL C 49 -30.56 -33.52 9.09
N PRO C 50 -30.68 -34.63 9.82
CA PRO C 50 -31.06 -34.72 11.24
C PRO C 50 -29.96 -34.19 12.12
N ALA C 51 -28.74 -34.45 11.73
CA ALA C 51 -27.59 -33.99 12.48
C ALA C 51 -27.58 -32.47 12.60
N GLU C 52 -28.02 -31.79 11.55
CA GLU C 52 -28.03 -30.34 11.57
C GLU C 52 -29.07 -29.82 12.54
N LEU C 53 -30.21 -30.50 12.59
CA LEU C 53 -31.29 -30.08 13.46
C LEU C 53 -30.91 -30.37 14.90
N ASP C 54 -30.15 -31.43 15.10
CA ASP C 54 -29.64 -31.71 16.42
C ASP C 54 -28.61 -30.67 16.79
N TRP C 55 -27.83 -30.20 15.82
CA TRP C 55 -26.90 -29.13 16.10
C TRP C 55 -27.71 -27.88 16.36
N ALA C 56 -28.79 -27.73 15.61
CA ALA C 56 -29.65 -26.59 15.77
C ALA C 56 -30.18 -26.52 17.18
N LYS C 57 -30.73 -27.63 17.66
CA LYS C 57 -31.32 -27.69 18.99
C LYS C 57 -30.28 -27.67 20.10
N LYS C 58 -29.35 -28.60 20.08
CA LYS C 58 -28.40 -28.71 21.18
C LYS C 58 -27.18 -27.82 21.00
N GLU C 59 -27.35 -26.71 20.29
CA GLU C 59 -26.33 -25.66 20.23
C GLU C 59 -26.93 -24.26 20.18
N LEU C 60 -27.95 -24.06 19.35
CA LEU C 60 -28.59 -22.77 19.27
C LEU C 60 -29.89 -22.69 20.05
N GLY C 61 -30.37 -23.84 20.54
CA GLY C 61 -31.64 -23.88 21.24
C GLY C 61 -32.83 -23.65 20.33
N VAL C 62 -32.91 -24.44 19.27
CA VAL C 62 -34.03 -24.34 18.37
C VAL C 62 -35.21 -25.16 18.91
N GLU C 63 -36.42 -24.64 18.71
CA GLU C 63 -37.61 -25.22 19.29
C GLU C 63 -38.29 -26.21 18.38
N GLU C 64 -38.70 -25.75 17.21
CA GLU C 64 -39.45 -26.58 16.28
C GLU C 64 -38.60 -26.95 15.07
N VAL C 65 -38.34 -28.23 14.91
CA VAL C 65 -37.53 -28.70 13.79
C VAL C 65 -38.39 -29.46 12.80
N PHE C 66 -37.96 -29.47 11.55
CA PHE C 66 -38.73 -30.10 10.50
C PHE C 66 -37.82 -30.75 9.49
N GLU C 67 -38.42 -31.42 8.53
CA GLU C 67 -37.68 -32.10 7.50
C GLU C 67 -38.34 -31.68 6.19
N ASP C 68 -39.44 -30.94 6.32
CA ASP C 68 -40.18 -30.44 5.19
C ASP C 68 -40.48 -28.99 5.46
N PHE C 69 -40.23 -28.13 4.48
CA PHE C 69 -40.38 -26.69 4.65
C PHE C 69 -41.81 -26.33 4.99
N ASP C 70 -42.73 -26.78 4.16
CA ASP C 70 -44.15 -26.51 4.34
C ASP C 70 -44.64 -26.94 5.72
N ASP C 71 -44.10 -28.05 6.23
CA ASP C 71 -44.40 -28.48 7.58
C ASP C 71 -44.01 -27.39 8.56
N MET C 72 -42.83 -26.81 8.35
CA MET C 72 -42.36 -25.72 9.19
C MET C 72 -43.27 -24.53 9.03
N VAL C 73 -43.68 -24.25 7.81
CA VAL C 73 -44.43 -23.05 7.58
C VAL C 73 -45.83 -23.11 8.18
N GLN C 74 -46.44 -24.29 8.15
CA GLN C 74 -47.82 -24.42 8.64
C GLN C 74 -47.97 -24.51 10.17
N HIS C 75 -46.97 -25.06 10.84
CA HIS C 75 -47.12 -25.39 12.25
C HIS C 75 -46.27 -24.54 13.15
N ALA C 76 -45.28 -23.85 12.58
CA ALA C 76 -44.33 -23.14 13.42
C ALA C 76 -44.81 -21.77 13.83
N ASP C 77 -44.32 -21.33 14.96
CA ASP C 77 -44.68 -20.04 15.53
C ASP C 77 -43.70 -18.97 15.07
N ILE C 78 -43.75 -18.64 13.79
CA ILE C 78 -42.80 -17.71 13.20
C ILE C 78 -43.49 -16.68 12.35
N ASP C 79 -42.82 -15.54 12.19
CA ASP C 79 -43.35 -14.45 11.38
C ASP C 79 -42.63 -14.36 10.04
N ALA C 80 -41.45 -14.94 9.98
CA ALA C 80 -40.61 -14.82 8.81
C ALA C 80 -39.72 -16.04 8.58
N VAL C 81 -39.25 -16.18 7.34
CA VAL C 81 -38.31 -17.23 7.00
C VAL C 81 -37.04 -16.74 6.33
N PHE C 82 -35.96 -17.48 6.58
CA PHE C 82 -34.71 -17.30 5.91
C PHE C 82 -34.51 -18.49 5.02
N ILE C 83 -34.47 -18.29 3.72
CA ILE C 83 -34.27 -19.40 2.80
C ILE C 83 -32.82 -19.62 2.41
N VAL C 84 -32.20 -20.62 3.01
CA VAL C 84 -30.81 -20.94 2.74
C VAL C 84 -30.71 -22.37 2.27
N SER C 85 -31.65 -22.74 1.42
CA SER C 85 -31.71 -24.06 0.80
C SER C 85 -31.05 -23.94 -0.56
N PRO C 86 -30.82 -25.08 -1.23
CA PRO C 86 -30.21 -24.93 -2.55
C PRO C 86 -31.11 -24.21 -3.56
N SER C 87 -30.48 -23.60 -4.55
CA SER C 87 -31.12 -22.70 -5.50
C SER C 87 -32.39 -23.22 -6.16
N GLY C 88 -32.40 -24.50 -6.48
CA GLY C 88 -33.53 -25.10 -7.16
C GLY C 88 -34.78 -25.09 -6.32
N PHE C 89 -34.63 -24.84 -5.03
CA PHE C 89 -35.73 -24.90 -4.09
C PHE C 89 -36.33 -23.56 -3.72
N HIS C 90 -35.67 -22.46 -4.10
CA HIS C 90 -36.01 -21.13 -3.58
C HIS C 90 -37.40 -20.65 -3.95
N LEU C 91 -37.73 -20.73 -5.23
CA LEU C 91 -38.96 -20.15 -5.74
C LEU C 91 -40.23 -20.75 -5.17
N GLN C 92 -40.29 -22.07 -5.08
CA GLN C 92 -41.44 -22.70 -4.46
C GLN C 92 -41.47 -22.38 -2.98
N GLN C 93 -40.29 -22.28 -2.36
CA GLN C 93 -40.25 -21.97 -0.94
C GLN C 93 -40.67 -20.54 -0.66
N ILE C 94 -40.38 -19.64 -1.60
CA ILE C 94 -40.79 -18.26 -1.44
C ILE C 94 -42.31 -18.15 -1.59
N GLU C 95 -42.83 -18.70 -2.67
CA GLU C 95 -44.27 -18.74 -2.87
C GLU C 95 -44.98 -19.37 -1.70
N SER C 96 -44.46 -20.50 -1.22
CA SER C 96 -45.07 -21.22 -0.13
C SER C 96 -45.16 -20.47 1.19
N ALA C 97 -44.14 -19.69 1.52
CA ALA C 97 -44.13 -19.00 2.80
C ALA C 97 -44.96 -17.73 2.74
N LEU C 98 -45.04 -17.14 1.56
CA LEU C 98 -45.85 -15.97 1.35
C LEU C 98 -47.30 -16.36 1.45
N ASN C 99 -47.62 -17.50 0.85
CA ASN C 99 -48.96 -18.03 0.92
C ASN C 99 -49.33 -18.31 2.37
N ALA C 100 -48.35 -18.64 3.19
CA ALA C 100 -48.64 -18.78 4.60
C ALA C 100 -48.51 -17.48 5.36
N GLY C 101 -48.26 -16.40 4.64
CA GLY C 101 -48.21 -15.09 5.25
C GLY C 101 -46.94 -14.83 6.01
N LYS C 102 -45.85 -15.43 5.57
CA LYS C 102 -44.57 -15.16 6.18
C LYS C 102 -43.84 -14.09 5.40
N HIS C 103 -43.08 -13.27 6.11
CA HIS C 103 -42.09 -12.42 5.47
C HIS C 103 -40.97 -13.31 4.99
N VAL C 104 -40.32 -12.91 3.90
CA VAL C 104 -39.38 -13.80 3.24
C VAL C 104 -38.02 -13.20 2.98
N PHE C 105 -36.99 -13.95 3.36
CA PHE C 105 -35.63 -13.68 2.96
C PHE C 105 -35.16 -14.89 2.22
N SER C 106 -34.60 -14.64 1.05
CA SER C 106 -34.08 -15.70 0.21
C SER C 106 -32.67 -15.38 -0.20
N GLU C 107 -31.80 -16.36 -0.11
CA GLU C 107 -30.47 -16.21 -0.63
C GLU C 107 -30.49 -16.10 -2.14
N LYS C 108 -29.39 -15.63 -2.70
CA LYS C 108 -29.22 -15.63 -4.13
C LYS C 108 -28.74 -17.01 -4.55
N PRO C 109 -28.94 -17.37 -5.82
CA PRO C 109 -29.80 -16.68 -6.76
C PRO C 109 -31.24 -16.88 -6.37
N ILE C 110 -32.13 -16.07 -6.89
CA ILE C 110 -33.53 -16.18 -6.54
C ILE C 110 -34.08 -17.48 -7.10
N GLY C 111 -33.50 -17.94 -8.20
CA GLY C 111 -33.85 -19.18 -8.84
C GLY C 111 -33.06 -19.37 -10.13
N LEU C 112 -33.38 -20.41 -10.87
CA LEU C 112 -32.61 -20.77 -12.04
C LEU C 112 -33.35 -20.57 -13.34
N ASP C 113 -34.63 -20.87 -13.35
CA ASP C 113 -35.42 -20.74 -14.58
C ASP C 113 -36.17 -19.43 -14.62
N ILE C 114 -35.99 -18.72 -15.72
CA ILE C 114 -36.53 -17.38 -15.87
C ILE C 114 -38.05 -17.32 -15.73
N GLU C 115 -38.74 -18.22 -16.42
CA GLU C 115 -40.19 -18.27 -16.39
C GLU C 115 -40.70 -18.36 -14.96
N ALA C 116 -40.11 -19.26 -14.19
CA ALA C 116 -40.50 -19.45 -12.81
C ALA C 116 -40.25 -18.19 -12.01
N ILE C 117 -39.17 -17.50 -12.35
CA ILE C 117 -38.80 -16.29 -11.65
C ILE C 117 -39.82 -15.21 -11.93
N GLU C 118 -40.15 -15.07 -13.20
CA GLU C 118 -41.14 -14.11 -13.64
C GLU C 118 -42.46 -14.39 -12.97
N HIS C 119 -42.71 -15.66 -12.69
CA HIS C 119 -43.95 -16.07 -12.05
C HIS C 119 -43.93 -15.71 -10.59
N THR C 120 -42.81 -16.00 -9.93
CA THR C 120 -42.69 -15.72 -8.51
C THR C 120 -42.64 -14.23 -8.25
N GLN C 121 -42.12 -13.47 -9.21
CA GLN C 121 -42.04 -12.01 -9.15
C GLN C 121 -43.41 -11.32 -9.07
N GLN C 122 -44.48 -12.08 -9.18
CA GLN C 122 -45.82 -11.51 -9.06
C GLN C 122 -46.50 -11.96 -7.80
N VAL C 123 -46.16 -13.15 -7.36
CA VAL C 123 -46.71 -13.67 -6.15
C VAL C 123 -46.28 -12.75 -5.04
N ILE C 124 -45.02 -12.35 -5.12
CA ILE C 124 -44.43 -11.39 -4.21
C ILE C 124 -45.12 -10.04 -4.39
N ALA C 125 -45.46 -9.72 -5.63
CA ALA C 125 -46.10 -8.46 -5.93
C ALA C 125 -47.51 -8.42 -5.36
N GLN C 126 -48.18 -9.55 -5.40
CA GLN C 126 -49.54 -9.63 -4.92
C GLN C 126 -49.60 -9.82 -3.42
N HIS C 127 -48.44 -10.05 -2.81
CA HIS C 127 -48.35 -10.07 -1.36
C HIS C 127 -47.61 -8.84 -0.84
N ALA C 128 -47.97 -7.67 -1.37
CA ALA C 128 -47.30 -6.42 -1.01
C ALA C 128 -47.44 -6.07 0.46
N ASN C 129 -48.11 -6.93 1.21
CA ASN C 129 -48.25 -6.77 2.63
C ASN C 129 -47.13 -7.51 3.31
N LEU C 130 -46.32 -8.20 2.52
CA LEU C 130 -45.20 -8.92 3.07
C LEU C 130 -43.88 -8.42 2.53
N LYS C 131 -42.88 -8.42 3.40
CA LYS C 131 -41.54 -7.98 3.06
C LYS C 131 -40.78 -9.04 2.31
N PHE C 132 -40.25 -8.70 1.14
CA PHE C 132 -39.38 -9.62 0.45
C PHE C 132 -38.00 -9.02 0.23
N GLN C 133 -36.98 -9.82 0.51
CA GLN C 133 -35.60 -9.39 0.39
C GLN C 133 -34.74 -10.53 -0.14
N LEU C 134 -33.78 -10.17 -0.97
CA LEU C 134 -32.90 -11.12 -1.59
C LEU C 134 -31.47 -10.90 -1.07
N GLY C 135 -30.71 -11.97 -0.95
CA GLY C 135 -29.40 -11.92 -0.29
C GLY C 135 -28.20 -11.46 -1.07
N PHE C 136 -28.29 -10.28 -1.68
CA PHE C 136 -27.15 -9.62 -2.28
C PHE C 136 -26.43 -8.79 -1.23
N MET C 137 -25.69 -9.46 -0.35
CA MET C 137 -25.16 -8.82 0.84
C MET C 137 -24.07 -7.80 0.57
N ARG C 138 -23.48 -7.85 -0.62
CA ARG C 138 -22.47 -6.87 -1.00
C ARG C 138 -23.02 -5.47 -0.89
N ARG C 139 -24.32 -5.32 -1.11
CA ARG C 139 -24.97 -4.05 -0.94
C ARG C 139 -24.88 -3.51 0.48
N PHE C 140 -24.63 -4.39 1.44
CA PHE C 140 -24.51 -4.01 2.84
C PHE C 140 -23.10 -3.91 3.34
N ASP C 141 -22.13 -4.25 2.49
CA ASP C 141 -20.74 -4.21 2.89
C ASP C 141 -20.24 -2.78 3.04
N ASP C 142 -19.65 -2.48 4.20
CA ASP C 142 -19.22 -1.13 4.50
C ASP C 142 -18.35 -0.50 3.41
N SER C 143 -17.43 -1.28 2.86
CA SER C 143 -16.56 -0.78 1.83
C SER C 143 -17.30 -0.46 0.54
N TYR C 144 -18.15 -1.38 0.09
CA TYR C 144 -19.00 -1.12 -1.09
C TYR C 144 -19.91 0.08 -0.88
N ARG C 145 -20.54 0.16 0.27
CA ARG C 145 -21.37 1.31 0.61
C ARG C 145 -20.58 2.61 0.64
N TYR C 146 -19.36 2.57 1.14
CA TYR C 146 -18.49 3.74 1.13
C TYR C 146 -18.24 4.24 -0.29
N ALA C 147 -17.98 3.32 -1.21
CA ALA C 147 -17.73 3.69 -2.58
C ALA C 147 -18.99 4.21 -3.23
N LYS C 148 -20.11 3.57 -2.92
CA LYS C 148 -21.40 3.89 -3.48
C LYS C 148 -21.77 5.33 -3.16
N GLN C 149 -21.47 5.73 -1.93
CA GLN C 149 -21.64 7.09 -1.48
C GLN C 149 -20.73 8.07 -2.22
N LEU C 150 -19.51 7.67 -2.51
CA LEU C 150 -18.60 8.55 -3.23
C LEU C 150 -19.10 8.77 -4.63
N VAL C 151 -19.60 7.71 -5.24
CA VAL C 151 -20.10 7.80 -6.58
C VAL C 151 -21.34 8.66 -6.62
N ASP C 152 -22.26 8.42 -5.69
CA ASP C 152 -23.49 9.18 -5.62
C ASP C 152 -23.22 10.65 -5.33
N GLN C 153 -22.10 10.94 -4.67
CA GLN C 153 -21.71 12.29 -4.39
C GLN C 153 -21.08 12.95 -5.59
N GLY C 154 -20.79 12.17 -6.62
CA GLY C 154 -20.19 12.69 -7.83
C GLY C 154 -18.70 12.85 -7.76
N LYS C 155 -18.06 12.13 -6.84
CA LYS C 155 -16.63 12.27 -6.62
C LYS C 155 -15.77 11.68 -7.74
N ILE C 156 -16.34 10.83 -8.58
CA ILE C 156 -15.57 10.32 -9.72
C ILE C 156 -16.22 10.66 -11.07
N GLY C 157 -17.25 11.48 -11.05
CA GLY C 157 -17.91 11.88 -12.27
C GLY C 157 -18.86 10.82 -12.70
N ASP C 158 -18.99 10.62 -14.00
CA ASP C 158 -19.88 9.62 -14.50
C ASP C 158 -19.13 8.31 -14.78
N ILE C 159 -19.69 7.21 -14.31
CA ILE C 159 -19.12 5.88 -14.53
C ILE C 159 -18.92 5.52 -16.00
N THR C 160 -17.70 5.22 -16.37
CA THR C 160 -17.39 4.73 -17.70
C THR C 160 -17.15 3.21 -17.77
N LEU C 161 -16.57 2.65 -16.72
CA LEU C 161 -16.20 1.24 -16.71
C LEU C 161 -16.20 0.67 -15.31
N ILE C 162 -16.72 -0.53 -15.19
CA ILE C 162 -16.61 -1.31 -13.96
C ILE C 162 -15.90 -2.64 -14.25
N ARG C 163 -14.85 -2.93 -13.50
CA ARG C 163 -14.20 -4.23 -13.54
C ARG C 163 -14.42 -4.89 -12.20
N SER C 164 -14.86 -6.14 -12.23
CA SER C 164 -15.13 -6.85 -10.99
C SER C 164 -14.57 -8.26 -11.01
N TYR C 165 -13.78 -8.59 -10.00
CA TYR C 165 -13.17 -9.90 -9.87
C TYR C 165 -13.79 -10.66 -8.71
N SER C 166 -14.17 -11.90 -8.97
CA SER C 166 -14.63 -12.81 -7.94
C SER C 166 -13.96 -14.16 -8.13
N ILE C 167 -12.93 -14.40 -7.33
CA ILE C 167 -12.12 -15.61 -7.44
C ILE C 167 -12.01 -16.32 -6.10
N ASP C 168 -12.52 -17.55 -6.07
CA ASP C 168 -12.44 -18.40 -4.90
C ASP C 168 -11.01 -18.87 -4.63
N PRO C 169 -10.70 -19.14 -3.36
CA PRO C 169 -9.34 -19.48 -2.93
C PRO C 169 -8.94 -20.90 -3.32
N ALA C 170 -7.68 -21.06 -3.65
CA ALA C 170 -7.17 -22.32 -4.15
C ALA C 170 -7.27 -23.42 -3.12
N ALA C 171 -7.36 -23.04 -1.85
CA ALA C 171 -7.56 -24.01 -0.79
C ALA C 171 -8.87 -24.76 -0.94
N GLY C 172 -9.77 -24.20 -1.73
CA GLY C 172 -11.05 -24.83 -1.97
C GLY C 172 -11.16 -25.68 -3.21
N MET C 173 -10.10 -25.73 -3.99
CA MET C 173 -10.13 -26.49 -5.23
C MET C 173 -10.29 -27.98 -4.96
N ALA C 174 -9.60 -28.47 -3.95
CA ALA C 174 -9.66 -29.87 -3.58
C ALA C 174 -11.10 -30.34 -3.48
N SER C 175 -11.88 -29.68 -2.65
CA SER C 175 -13.25 -30.08 -2.51
C SER C 175 -14.10 -29.66 -3.70
N PHE C 176 -13.64 -28.69 -4.49
CA PHE C 176 -14.39 -28.35 -5.69
C PHE C 176 -14.28 -29.44 -6.72
N VAL C 177 -13.06 -29.84 -7.03
CA VAL C 177 -12.81 -31.11 -7.69
C VAL C 177 -13.39 -32.10 -6.68
N LYS C 178 -13.62 -33.34 -7.05
CA LYS C 178 -14.39 -34.28 -6.22
C LYS C 178 -15.86 -33.94 -6.32
N PHE C 179 -16.23 -32.77 -5.83
CA PHE C 179 -17.60 -32.32 -6.01
C PHE C 179 -17.93 -32.27 -7.50
N ALA C 180 -17.10 -31.55 -8.25
CA ALA C 180 -17.22 -31.43 -9.69
C ALA C 180 -17.23 -32.79 -10.37
N THR C 181 -16.56 -33.76 -9.78
CA THR C 181 -16.50 -35.09 -10.35
C THR C 181 -17.68 -35.94 -9.91
N SER C 182 -18.50 -35.40 -9.03
CA SER C 182 -19.66 -36.13 -8.51
C SER C 182 -20.93 -35.48 -9.00
N ALA C 183 -20.88 -34.19 -9.22
CA ALA C 183 -22.05 -33.42 -9.56
C ALA C 183 -21.68 -32.29 -10.49
N ASN C 184 -22.66 -31.48 -10.83
CA ASN C 184 -22.48 -30.46 -11.85
C ASN C 184 -23.07 -29.14 -11.40
N SER C 185 -22.85 -28.09 -12.20
CA SER C 185 -23.63 -26.86 -12.14
C SER C 185 -23.27 -26.09 -10.87
N GLY C 186 -23.78 -24.87 -10.67
CA GLY C 186 -24.58 -24.11 -11.62
C GLY C 186 -23.78 -23.44 -12.71
N GLY C 187 -22.49 -23.69 -12.72
CA GLY C 187 -21.63 -23.06 -13.68
C GLY C 187 -20.86 -21.92 -13.05
N LEU C 188 -19.70 -21.62 -13.62
CA LEU C 188 -18.80 -20.66 -13.05
C LEU C 188 -19.42 -19.27 -12.84
N PHE C 189 -20.12 -18.78 -13.84
CA PHE C 189 -20.63 -17.42 -13.82
C PHE C 189 -21.88 -17.28 -12.99
N LEU C 190 -22.58 -18.38 -12.80
CA LEU C 190 -23.80 -18.39 -12.02
C LEU C 190 -23.46 -18.54 -10.54
N ASP C 191 -22.32 -19.15 -10.26
CA ASP C 191 -21.81 -19.29 -8.91
C ASP C 191 -21.09 -18.03 -8.42
N MET C 192 -20.24 -17.47 -9.26
CA MET C 192 -19.34 -16.42 -8.81
C MET C 192 -19.71 -15.01 -9.26
N SER C 193 -20.26 -14.86 -10.45
CA SER C 193 -20.39 -13.56 -11.07
C SER C 193 -21.69 -12.80 -10.84
N ILE C 194 -22.68 -13.46 -10.25
CA ILE C 194 -23.97 -12.83 -10.11
C ILE C 194 -23.99 -11.69 -9.08
N HIS C 195 -23.17 -11.78 -8.05
CA HIS C 195 -22.95 -10.67 -7.16
C HIS C 195 -22.34 -9.48 -7.89
N ASP C 196 -21.42 -9.76 -8.79
CA ASP C 196 -20.81 -8.73 -9.60
C ASP C 196 -21.80 -8.05 -10.54
N ILE C 197 -22.72 -8.83 -11.11
CA ILE C 197 -23.75 -8.30 -11.98
C ILE C 197 -24.60 -7.32 -11.20
N ASP C 198 -25.04 -7.74 -10.03
CA ASP C 198 -25.83 -6.89 -9.16
C ASP C 198 -25.09 -5.63 -8.72
N VAL C 199 -23.80 -5.76 -8.43
CA VAL C 199 -22.99 -4.61 -8.08
C VAL C 199 -22.94 -3.63 -9.24
N ILE C 200 -22.79 -4.16 -10.44
CA ILE C 200 -22.80 -3.34 -11.64
C ILE C 200 -24.12 -2.60 -11.84
N ARG C 201 -25.24 -3.31 -11.68
CA ARG C 201 -26.55 -2.68 -11.81
C ARG C 201 -26.80 -1.65 -10.71
N TRP C 202 -26.41 -1.97 -9.50
CA TRP C 202 -26.56 -1.09 -8.35
C TRP C 202 -25.87 0.24 -8.58
N PHE C 203 -24.63 0.20 -9.03
CA PHE C 203 -23.83 1.41 -9.19
C PHE C 203 -24.30 2.26 -10.37
N THR C 204 -24.57 1.63 -11.50
CA THR C 204 -24.87 2.36 -12.72
C THR C 204 -26.34 2.72 -12.87
N GLY C 205 -27.21 1.89 -12.35
CA GLY C 205 -28.63 2.04 -12.57
C GLY C 205 -29.05 1.56 -13.93
N LYS C 206 -28.13 0.92 -14.63
CA LYS C 206 -28.36 0.48 -15.98
C LYS C 206 -28.46 -1.04 -16.07
N GLU C 207 -28.81 -1.55 -17.24
CA GLU C 207 -28.91 -2.97 -17.45
C GLU C 207 -27.91 -3.40 -18.50
N ILE C 208 -27.61 -4.68 -18.52
CA ILE C 208 -26.63 -5.24 -19.44
C ILE C 208 -27.27 -5.63 -20.76
N ASP C 209 -26.62 -5.24 -21.85
CA ASP C 209 -27.13 -5.42 -23.19
C ASP C 209 -26.58 -6.71 -23.82
N LYS C 210 -25.26 -6.80 -23.96
CA LYS C 210 -24.65 -8.01 -24.49
C LYS C 210 -23.32 -8.37 -23.85
N VAL C 211 -23.01 -9.66 -23.88
CA VAL C 211 -21.85 -10.19 -23.18
C VAL C 211 -21.08 -11.19 -24.04
N TRP C 212 -19.77 -11.29 -23.80
CA TRP C 212 -18.96 -12.37 -24.33
C TRP C 212 -18.08 -12.93 -23.23
N ALA C 213 -17.97 -14.25 -23.16
CA ALA C 213 -17.18 -14.92 -22.12
C ALA C 213 -16.27 -15.98 -22.69
N ILE C 214 -15.08 -16.06 -22.12
CA ILE C 214 -14.14 -17.13 -22.42
C ILE C 214 -13.69 -17.82 -21.12
N GLY C 215 -13.07 -18.97 -21.23
CA GLY C 215 -12.73 -19.76 -20.07
C GLY C 215 -11.53 -20.64 -20.33
N LEU C 216 -10.91 -21.10 -19.26
CA LEU C 216 -9.69 -21.88 -19.38
C LEU C 216 -9.48 -22.77 -18.15
N ASN C 217 -9.17 -24.03 -18.40
CA ASN C 217 -8.72 -24.92 -17.35
C ASN C 217 -7.26 -25.22 -17.59
N ARG C 218 -6.39 -24.70 -16.74
CA ARG C 218 -4.96 -24.85 -16.94
C ARG C 218 -4.23 -25.41 -15.73
N ALA C 219 -4.72 -25.08 -14.55
CA ALA C 219 -4.20 -25.62 -13.33
C ALA C 219 -4.71 -27.04 -13.15
N TYR C 220 -5.98 -27.24 -13.44
CA TYR C 220 -6.60 -28.54 -13.32
C TYR C 220 -7.40 -28.92 -14.55
N PRO C 221 -6.69 -29.34 -15.60
CA PRO C 221 -7.24 -29.73 -16.90
C PRO C 221 -8.32 -30.80 -16.80
N VAL C 222 -8.29 -31.61 -15.75
CA VAL C 222 -9.32 -32.60 -15.50
C VAL C 222 -10.71 -31.98 -15.44
N LEU C 223 -10.79 -30.67 -15.20
CA LEU C 223 -12.08 -30.02 -15.16
C LEU C 223 -12.77 -30.00 -16.54
N ASP C 224 -11.98 -30.15 -17.59
CA ASP C 224 -12.51 -30.26 -18.95
C ASP C 224 -13.33 -31.54 -19.08
N LYS C 225 -12.94 -32.56 -18.34
CA LYS C 225 -13.62 -33.84 -18.41
C LYS C 225 -14.82 -33.84 -17.50
N ALA C 226 -14.85 -32.92 -16.55
CA ALA C 226 -15.93 -32.84 -15.59
C ALA C 226 -16.93 -31.76 -15.95
N GLY C 227 -16.69 -31.10 -17.06
CA GLY C 227 -17.58 -30.05 -17.52
C GLY C 227 -17.67 -28.89 -16.57
N GLU C 228 -16.52 -28.49 -16.04
CA GLU C 228 -16.49 -27.34 -15.17
C GLU C 228 -15.41 -26.39 -15.58
N LEU C 229 -15.32 -25.28 -14.88
CA LEU C 229 -14.37 -24.23 -15.20
C LEU C 229 -13.65 -23.71 -13.99
N GLU C 230 -12.36 -23.53 -14.14
CA GLU C 230 -11.51 -23.05 -13.08
C GLU C 230 -11.35 -21.52 -13.14
N THR C 231 -11.31 -20.96 -14.34
CA THR C 231 -11.15 -19.53 -14.53
C THR C 231 -11.96 -19.01 -15.72
N GLY C 232 -12.59 -17.86 -15.56
CA GLY C 232 -13.35 -17.25 -16.63
C GLY C 232 -13.26 -15.74 -16.73
N ALA C 233 -13.32 -15.21 -17.93
CA ALA C 233 -13.32 -13.77 -18.17
C ALA C 233 -14.42 -13.35 -19.14
N ALA C 234 -14.95 -12.16 -18.96
CA ALA C 234 -16.04 -11.67 -19.78
C ALA C 234 -15.97 -10.17 -20.04
N LEU C 235 -16.53 -9.77 -21.16
CA LEU C 235 -16.71 -8.38 -21.51
C LEU C 235 -18.21 -8.13 -21.71
N MET C 236 -18.71 -7.03 -21.17
CA MET C 236 -20.13 -6.72 -21.26
C MET C 236 -20.31 -5.27 -21.71
N GLN C 237 -21.36 -5.02 -22.47
CA GLN C 237 -21.72 -3.66 -22.81
C GLN C 237 -23.09 -3.35 -22.27
N LEU C 238 -23.17 -2.36 -21.40
CA LEU C 238 -24.44 -1.99 -20.81
C LEU C 238 -25.31 -1.25 -21.82
N GLU C 239 -26.55 -0.98 -21.46
CA GLU C 239 -27.51 -0.35 -22.34
C GLU C 239 -27.12 1.06 -22.78
N ASP C 240 -26.41 1.79 -21.92
CA ASP C 240 -25.94 3.12 -22.25
C ASP C 240 -24.48 3.15 -22.67
N LYS C 241 -23.98 2.01 -23.13
CA LYS C 241 -22.61 1.83 -23.61
C LYS C 241 -21.54 1.94 -22.53
N THR C 242 -21.97 2.00 -21.28
CA THR C 242 -21.08 1.83 -20.15
C THR C 242 -20.42 0.46 -20.27
N MET C 243 -19.12 0.38 -20.00
CA MET C 243 -18.35 -0.84 -20.14
C MET C 243 -18.23 -1.64 -18.84
N ALA C 244 -18.15 -2.95 -18.98
CA ALA C 244 -17.96 -3.84 -17.84
C ALA C 244 -17.08 -5.07 -18.14
N ILE C 245 -16.21 -5.39 -17.18
CA ILE C 245 -15.29 -6.51 -17.27
C ILE C 245 -15.46 -7.39 -16.05
N LEU C 246 -15.52 -8.68 -16.26
CA LEU C 246 -15.59 -9.62 -15.15
C LEU C 246 -14.47 -10.65 -15.25
N VAL C 247 -13.99 -11.08 -14.09
CA VAL C 247 -13.23 -12.30 -14.00
C VAL C 247 -13.84 -13.14 -12.89
N ALA C 248 -14.04 -14.42 -13.17
CA ALA C 248 -14.53 -15.34 -12.18
C ALA C 248 -13.53 -16.48 -12.09
N GLY C 249 -13.47 -17.12 -10.93
CA GLY C 249 -12.45 -18.11 -10.70
C GLY C 249 -12.61 -18.92 -9.45
N ARG C 250 -11.77 -19.94 -9.34
CA ARG C 250 -11.83 -20.87 -8.24
C ARG C 250 -10.45 -21.19 -7.72
N ASN C 251 -9.44 -20.59 -8.34
CA ASN C 251 -8.05 -20.88 -8.04
C ASN C 251 -7.17 -19.66 -7.68
N ALA C 252 -7.59 -18.87 -6.71
CA ALA C 252 -6.76 -17.76 -6.26
C ALA C 252 -5.76 -18.21 -5.20
N ALA C 253 -4.48 -18.12 -5.54
CA ALA C 253 -3.41 -18.55 -4.67
C ALA C 253 -3.32 -17.78 -3.37
N HIS C 254 -3.66 -16.50 -3.40
CA HIS C 254 -3.51 -15.65 -2.22
C HIS C 254 -4.68 -15.68 -1.25
N GLY C 255 -5.85 -16.06 -1.73
CA GLY C 255 -7.01 -16.12 -0.88
C GLY C 255 -8.29 -15.91 -1.63
N TYR C 256 -9.20 -15.15 -1.03
CA TYR C 256 -10.47 -14.83 -1.62
C TYR C 256 -10.42 -13.45 -2.24
N HIS C 257 -10.29 -13.41 -3.55
CA HIS C 257 -10.17 -12.17 -4.25
C HIS C 257 -11.49 -11.70 -4.79
N VAL C 258 -12.13 -10.80 -4.06
CA VAL C 258 -13.25 -10.07 -4.56
C VAL C 258 -12.87 -8.60 -4.56
N GLU C 259 -12.81 -8.04 -5.76
CA GLU C 259 -12.34 -6.70 -6.00
C GLU C 259 -13.28 -6.06 -7.01
N THR C 260 -13.63 -4.80 -6.79
CA THR C 260 -14.48 -4.08 -7.70
C THR C 260 -13.90 -2.73 -8.00
N GLU C 261 -13.58 -2.51 -9.26
CA GLU C 261 -13.03 -1.25 -9.70
C GLU C 261 -14.06 -0.47 -10.51
N ILE C 262 -14.11 0.83 -10.27
CA ILE C 262 -15.02 1.72 -10.96
C ILE C 262 -14.26 2.91 -11.54
N ILE C 263 -14.33 3.03 -12.85
CA ILE C 263 -13.67 4.09 -13.56
C ILE C 263 -14.68 5.17 -13.98
N GLY C 264 -14.30 6.41 -13.76
CA GLY C 264 -15.17 7.52 -14.06
C GLY C 264 -14.51 8.62 -14.85
N THR C 265 -15.29 9.63 -15.18
CA THR C 265 -14.82 10.78 -15.94
C THR C 265 -13.89 11.70 -15.14
N LYS C 266 -13.97 11.62 -13.81
CA LYS C 266 -13.22 12.51 -12.95
C LYS C 266 -12.35 11.76 -11.96
N GLY C 267 -12.44 10.44 -11.97
CA GLY C 267 -11.63 9.65 -11.09
C GLY C 267 -11.85 8.17 -11.22
N MET C 268 -11.38 7.44 -10.23
CA MET C 268 -11.34 6.01 -10.31
C MET C 268 -11.26 5.47 -8.90
N LEU C 269 -11.96 4.39 -8.63
CA LEU C 269 -11.81 3.71 -7.36
C LEU C 269 -11.75 2.20 -7.43
N ARG C 270 -11.17 1.61 -6.41
CA ARG C 270 -11.12 0.17 -6.26
C ARG C 270 -11.50 -0.25 -4.85
N ILE C 271 -12.39 -1.22 -4.77
CA ILE C 271 -12.78 -1.81 -3.51
C ILE C 271 -12.06 -3.14 -3.39
N ALA C 272 -11.20 -3.23 -2.37
CA ALA C 272 -10.30 -4.34 -2.18
C ALA C 272 -9.48 -4.65 -3.41
N GLN C 273 -8.69 -3.67 -3.81
CA GLN C 273 -7.67 -3.82 -4.83
C GLN C 273 -6.91 -5.10 -4.51
N VAL C 274 -6.60 -5.27 -3.24
CA VAL C 274 -6.17 -6.54 -2.66
C VAL C 274 -6.97 -6.85 -1.39
N PRO C 275 -7.28 -8.13 -1.17
CA PRO C 275 -8.12 -8.56 -0.05
C PRO C 275 -7.43 -8.53 1.31
N GLU C 276 -7.08 -7.33 1.75
CA GLU C 276 -6.46 -7.08 3.03
C GLU C 276 -7.21 -7.72 4.19
N LYS C 277 -6.53 -8.57 4.94
CA LYS C 277 -7.14 -9.30 6.02
C LYS C 277 -7.41 -8.40 7.21
N ASN C 278 -6.42 -7.58 7.55
CA ASN C 278 -6.53 -6.67 8.68
C ASN C 278 -5.57 -5.47 8.59
N LEU C 279 -5.19 -4.92 9.73
CA LEU C 279 -4.27 -3.81 9.77
C LEU C 279 -2.80 -4.22 9.97
N VAL C 280 -2.56 -5.52 10.00
CA VAL C 280 -1.22 -6.02 10.18
C VAL C 280 -0.46 -6.19 8.89
N THR C 281 0.73 -5.65 8.87
CA THR C 281 1.65 -5.81 7.77
C THR C 281 2.87 -6.54 8.33
N VAL C 282 3.35 -7.54 7.61
CA VAL C 282 4.45 -8.36 8.05
C VAL C 282 5.67 -8.13 7.16
N MET C 283 6.83 -8.00 7.75
CA MET C 283 8.05 -7.84 6.99
C MET C 283 9.07 -8.92 7.31
N ASN C 284 9.44 -9.69 6.30
CA ASN C 284 10.45 -10.72 6.47
C ASN C 284 11.24 -10.91 5.19
N GLU C 285 11.95 -12.01 5.08
CA GLU C 285 12.84 -12.19 3.94
C GLU C 285 12.12 -12.31 2.60
N GLU C 286 10.81 -12.55 2.63
CA GLU C 286 9.97 -12.54 1.44
C GLU C 286 9.80 -11.13 0.90
N GLY C 287 9.91 -10.16 1.78
CA GLY C 287 9.66 -8.78 1.46
C GLY C 287 8.57 -8.25 2.34
N ILE C 288 7.85 -7.27 1.86
CA ILE C 288 6.72 -6.73 2.59
C ILE C 288 5.47 -7.56 2.31
N ILE C 289 4.86 -8.05 3.37
CA ILE C 289 3.74 -8.96 3.24
C ILE C 289 2.49 -8.41 3.91
N ARG C 290 1.39 -8.53 3.20
CA ARG C 290 0.10 -8.24 3.75
C ARG C 290 -0.76 -9.49 3.71
N PRO C 291 -1.16 -10.00 4.89
CA PRO C 291 -2.05 -11.15 5.00
C PRO C 291 -3.42 -10.83 4.40
N THR C 292 -4.10 -11.86 3.92
CA THR C 292 -5.31 -11.68 3.15
C THR C 292 -6.49 -12.39 3.75
N SER C 293 -7.69 -11.97 3.36
CA SER C 293 -8.89 -12.69 3.71
C SER C 293 -8.98 -13.96 2.86
N GLN C 294 -9.58 -15.00 3.42
CA GLN C 294 -9.43 -16.34 2.89
C GLN C 294 -10.71 -16.93 2.31
N ASN C 295 -11.85 -16.40 2.69
CA ASN C 295 -13.11 -16.95 2.27
C ASN C 295 -14.25 -15.95 2.48
N PHE C 296 -15.39 -16.21 1.85
CA PHE C 296 -16.55 -15.33 1.99
C PHE C 296 -17.12 -15.10 3.40
N PRO C 297 -17.14 -16.12 4.27
CA PRO C 297 -17.61 -15.85 5.63
C PRO C 297 -16.70 -14.89 6.37
N GLU C 298 -15.42 -14.92 6.08
CA GLU C 298 -14.49 -13.95 6.64
C GLU C 298 -14.72 -12.58 6.02
N ARG C 299 -14.56 -12.49 4.70
CA ARG C 299 -14.68 -11.23 3.98
C ARG C 299 -16.02 -10.53 4.17
N PHE C 300 -17.10 -11.29 4.16
CA PHE C 300 -18.41 -10.69 4.16
C PHE C 300 -19.22 -10.91 5.42
N ALA C 301 -18.55 -11.20 6.52
CA ALA C 301 -19.18 -11.40 7.82
C ALA C 301 -20.05 -10.23 8.20
N GLN C 302 -19.49 -9.04 8.10
CA GLN C 302 -20.20 -7.83 8.44
C GLN C 302 -21.42 -7.63 7.57
N ALA C 303 -21.25 -7.84 6.28
CA ALA C 303 -22.32 -7.71 5.32
C ALA C 303 -23.47 -8.64 5.62
N PHE C 304 -23.17 -9.86 6.05
CA PHE C 304 -24.22 -10.80 6.37
C PHE C 304 -25.05 -10.32 7.56
N LEU C 305 -24.38 -9.85 8.60
CA LEU C 305 -25.07 -9.36 9.78
C LEU C 305 -25.93 -8.16 9.47
N SER C 306 -25.41 -7.28 8.62
CA SER C 306 -26.12 -6.07 8.28
C SER C 306 -27.36 -6.34 7.45
N GLU C 307 -27.27 -7.31 6.55
CA GLU C 307 -28.43 -7.69 5.77
C GLU C 307 -29.46 -8.43 6.63
N GLU C 308 -28.98 -9.22 7.58
CA GLU C 308 -29.84 -9.90 8.52
C GLU C 308 -30.65 -8.89 9.34
N GLN C 309 -29.97 -7.90 9.90
CA GLN C 309 -30.62 -6.93 10.76
C GLN C 309 -31.53 -6.02 9.96
N ALA C 310 -31.16 -5.77 8.71
CA ALA C 310 -31.95 -4.95 7.81
C ALA C 310 -33.32 -5.57 7.60
N PHE C 311 -33.32 -6.87 7.33
CA PHE C 311 -34.53 -7.64 7.14
C PHE C 311 -35.48 -7.51 8.32
N VAL C 312 -35.00 -7.88 9.50
CA VAL C 312 -35.76 -7.73 10.72
C VAL C 312 -36.31 -6.33 10.83
N ASN C 313 -35.43 -5.34 10.72
CA ASN C 313 -35.82 -3.96 10.87
C ASN C 313 -36.83 -3.49 9.86
N SER C 314 -36.81 -4.11 8.68
CA SER C 314 -37.72 -3.73 7.61
C SER C 314 -39.11 -4.22 7.93
N ILE C 315 -39.18 -5.24 8.76
CA ILE C 315 -40.44 -5.79 9.19
C ILE C 315 -41.02 -4.96 10.32
N LEU C 316 -40.19 -4.59 11.28
CA LEU C 316 -40.64 -3.82 12.43
C LEU C 316 -41.05 -2.41 12.07
N ASN C 317 -40.37 -1.82 11.11
CA ASN C 317 -40.62 -0.44 10.76
C ASN C 317 -41.40 -0.32 9.49
N ASN C 318 -41.82 -1.47 8.95
CA ASN C 318 -42.48 -1.51 7.67
C ASN C 318 -41.78 -0.63 6.65
N GLN C 319 -40.58 -1.02 6.28
CA GLN C 319 -39.82 -0.26 5.29
C GLN C 319 -39.15 -1.20 4.30
N ASP C 320 -39.26 -0.89 3.02
CA ASP C 320 -38.62 -1.68 1.98
C ASP C 320 -37.11 -1.49 1.96
N VAL C 321 -36.39 -2.58 1.77
CA VAL C 321 -34.94 -2.58 1.74
C VAL C 321 -34.46 -2.17 0.36
N GLY C 322 -35.19 -2.56 -0.66
CA GLY C 322 -34.87 -2.14 -2.01
C GLY C 322 -34.15 -3.16 -2.85
N ILE C 323 -34.04 -4.38 -2.34
CA ILE C 323 -33.45 -5.47 -3.10
C ILE C 323 -34.56 -6.41 -3.53
N THR C 324 -34.95 -6.32 -4.78
CA THR C 324 -36.17 -6.95 -5.24
C THR C 324 -35.96 -8.16 -6.13
N ALA C 325 -37.06 -8.84 -6.42
CA ALA C 325 -37.04 -10.01 -7.27
C ALA C 325 -36.52 -9.64 -8.64
N GLU C 326 -36.83 -8.43 -9.07
CA GLU C 326 -36.32 -7.92 -10.33
C GLU C 326 -34.80 -7.90 -10.34
N ASP C 327 -34.21 -7.60 -9.20
CA ASP C 327 -32.78 -7.63 -9.09
C ASP C 327 -32.32 -9.06 -9.18
N GLY C 328 -33.09 -9.94 -8.58
CA GLY C 328 -32.82 -11.36 -8.67
C GLY C 328 -32.94 -11.86 -10.07
N LEU C 329 -33.96 -11.38 -10.77
CA LEU C 329 -34.21 -11.85 -12.10
C LEU C 329 -33.08 -11.48 -13.02
N GLN C 330 -32.68 -10.23 -12.97
CA GLN C 330 -31.69 -9.75 -13.89
C GLN C 330 -30.32 -10.32 -13.56
N GLY C 331 -30.11 -10.67 -12.31
CA GLY C 331 -28.89 -11.33 -11.92
C GLY C 331 -28.76 -12.66 -12.64
N THR C 332 -29.71 -13.54 -12.37
CA THR C 332 -29.79 -14.86 -12.97
C THR C 332 -29.75 -14.78 -14.49
N LYS C 333 -30.46 -13.82 -15.04
CA LYS C 333 -30.57 -13.67 -16.47
C LYS C 333 -29.22 -13.39 -17.10
N ALA C 334 -28.52 -12.40 -16.59
CA ALA C 334 -27.21 -12.03 -17.13
C ALA C 334 -26.18 -13.12 -16.89
N ALA C 335 -26.29 -13.81 -15.77
CA ALA C 335 -25.46 -14.96 -15.50
C ALA C 335 -25.65 -16.03 -16.56
N LEU C 336 -26.90 -16.33 -16.90
CA LEU C 336 -27.18 -17.31 -17.92
C LEU C 336 -26.58 -16.93 -19.27
N ALA C 337 -26.63 -15.65 -19.61
CA ALA C 337 -26.11 -15.17 -20.87
C ALA C 337 -24.60 -15.33 -20.98
N LEU C 338 -23.93 -15.24 -19.84
CA LEU C 338 -22.49 -15.42 -19.79
C LEU C 338 -22.14 -16.87 -20.06
N GLN C 339 -22.92 -17.76 -19.45
CA GLN C 339 -22.75 -19.18 -19.59
C GLN C 339 -22.97 -19.59 -21.03
N GLU C 340 -24.05 -19.09 -21.62
CA GLU C 340 -24.35 -19.34 -23.02
C GLU C 340 -23.29 -18.79 -23.95
N ALA C 341 -22.78 -17.61 -23.64
CA ALA C 341 -21.76 -17.02 -24.48
C ALA C 341 -20.46 -17.81 -24.39
N PHE C 342 -20.22 -18.38 -23.23
CA PHE C 342 -19.07 -19.23 -23.04
C PHE C 342 -19.19 -20.49 -23.89
N GLU C 343 -20.35 -21.12 -23.84
CA GLU C 343 -20.56 -22.37 -24.54
C GLU C 343 -20.47 -22.18 -26.04
N LYS C 344 -20.95 -21.03 -26.52
CA LYS C 344 -20.91 -20.75 -27.94
C LYS C 344 -19.64 -20.07 -28.37
N ASN C 345 -18.88 -19.60 -27.40
CA ASN C 345 -17.75 -18.71 -27.67
C ASN C 345 -18.15 -17.63 -28.68
N ASP C 346 -19.15 -16.85 -28.30
CA ASP C 346 -19.68 -15.81 -29.15
C ASP C 346 -20.44 -14.82 -28.29
N ILE C 347 -20.74 -13.65 -28.86
CA ILE C 347 -21.51 -12.64 -28.15
C ILE C 347 -22.97 -13.02 -28.03
N VAL C 348 -23.56 -12.76 -26.87
CA VAL C 348 -24.93 -13.10 -26.59
C VAL C 348 -25.69 -11.88 -26.06
N GLN C 349 -26.89 -11.64 -26.59
CA GLN C 349 -27.78 -10.59 -26.11
C GLN C 349 -28.52 -11.12 -24.92
N VAL C 350 -28.58 -10.32 -23.86
CA VAL C 350 -29.17 -10.76 -22.61
C VAL C 350 -30.67 -10.95 -22.70
N ALA C 351 -31.32 -10.15 -23.53
CA ALA C 351 -32.77 -10.15 -23.64
C ALA C 351 -33.29 -11.42 -24.28
N SER C 352 -32.40 -12.11 -24.98
CA SER C 352 -32.67 -13.42 -25.54
C SER C 352 -31.92 -14.51 -24.78
N LYS D 13 33.57 22.32 -20.43
CA LYS D 13 34.58 21.49 -21.06
C LYS D 13 34.43 20.04 -20.64
N THR D 14 35.56 19.46 -20.28
CA THR D 14 35.62 18.20 -19.57
C THR D 14 36.42 18.40 -18.29
N ILE D 15 35.86 17.95 -17.17
CA ILE D 15 36.58 17.92 -15.91
C ILE D 15 37.35 16.62 -15.83
N LYS D 16 38.63 16.73 -15.50
CA LYS D 16 39.47 15.57 -15.30
C LYS D 16 39.55 15.26 -13.83
N ILE D 17 39.27 14.02 -13.47
CA ILE D 17 39.15 13.65 -12.07
C ILE D 17 39.99 12.44 -11.74
N GLY D 18 40.65 12.48 -10.60
CA GLY D 18 41.33 11.32 -10.09
C GLY D 18 40.70 10.82 -8.81
N ILE D 19 40.60 9.52 -8.67
CA ILE D 19 39.88 8.94 -7.55
C ILE D 19 40.81 8.17 -6.64
N VAL D 20 40.64 8.32 -5.34
CA VAL D 20 41.39 7.46 -4.45
C VAL D 20 40.45 6.56 -3.70
N GLY D 21 40.81 5.29 -3.61
CA GLY D 21 39.97 4.31 -2.96
C GLY D 21 39.08 3.67 -4.00
N LEU D 22 39.11 2.35 -4.07
CA LEU D 22 38.37 1.63 -5.08
C LEU D 22 37.92 0.30 -4.54
N GLY D 23 37.29 0.33 -3.38
CA GLY D 23 36.63 -0.85 -2.87
C GLY D 23 35.13 -0.71 -2.98
N ARG D 24 34.40 -1.31 -2.04
CA ARG D 24 32.94 -1.38 -2.04
C ARG D 24 32.18 -0.22 -2.62
N LEU D 25 32.59 1.00 -2.32
CA LEU D 25 31.92 2.15 -2.84
C LEU D 25 32.77 2.79 -3.91
N GLY D 26 34.09 2.73 -3.72
CA GLY D 26 35.01 3.28 -4.70
C GLY D 26 34.78 2.75 -6.09
N LYS D 27 34.53 1.45 -6.22
CA LYS D 27 34.27 0.89 -7.53
C LYS D 27 33.00 1.43 -8.18
N ILE D 28 32.02 1.77 -7.35
CA ILE D 28 30.79 2.37 -7.84
C ILE D 28 31.04 3.75 -8.43
N HIS D 29 31.62 4.63 -7.63
CA HIS D 29 31.87 6.00 -8.06
C HIS D 29 32.71 6.05 -9.33
N ALA D 30 33.78 5.28 -9.37
CA ALA D 30 34.71 5.26 -10.49
C ALA D 30 34.00 4.82 -11.76
N THR D 31 33.26 3.73 -11.63
CA THR D 31 32.49 3.19 -12.73
C THR D 31 31.47 4.19 -13.22
N ASN D 32 30.93 5.01 -12.32
CA ASN D 32 29.99 6.03 -12.73
C ASN D 32 30.65 7.18 -13.48
N ILE D 33 31.73 7.70 -12.93
CA ILE D 33 32.45 8.83 -13.52
C ILE D 33 32.96 8.50 -14.93
N ALA D 34 33.48 7.30 -15.10
CA ALA D 34 33.99 6.87 -16.38
C ALA D 34 32.92 6.88 -17.46
N THR D 35 31.76 6.33 -17.12
CA THR D 35 30.80 5.91 -18.12
C THR D 35 29.52 6.70 -18.17
N LYS D 36 29.05 7.24 -17.05
CA LYS D 36 27.74 7.87 -17.06
C LYS D 36 27.78 9.34 -16.69
N ILE D 37 28.92 9.77 -16.18
CA ILE D 37 29.06 11.15 -15.74
C ILE D 37 29.47 12.09 -16.86
N GLN D 38 28.67 13.13 -17.06
CA GLN D 38 28.81 14.03 -18.20
C GLN D 38 29.76 15.17 -17.96
N HIS D 39 30.49 15.51 -19.01
CA HIS D 39 31.50 16.57 -18.99
C HIS D 39 32.53 16.24 -17.97
N ALA D 40 32.84 14.97 -17.84
CA ALA D 40 33.79 14.53 -16.84
C ALA D 40 34.57 13.37 -17.35
N LYS D 41 35.76 13.20 -16.79
CA LYS D 41 36.67 12.17 -17.27
C LYS D 41 37.42 11.58 -16.10
N LEU D 42 37.33 10.27 -15.95
CA LEU D 42 38.17 9.60 -14.98
C LEU D 42 39.53 9.43 -15.61
N GLN D 43 40.56 9.66 -14.81
CA GLN D 43 41.91 9.66 -15.31
C GLN D 43 42.81 9.01 -14.29
N ALA D 44 42.91 9.62 -13.12
CA ALA D 44 43.76 9.09 -12.07
C ALA D 44 43.01 8.16 -11.14
N ALA D 45 43.74 7.24 -10.52
CA ALA D 45 43.21 6.37 -9.49
C ALA D 45 44.33 5.83 -8.61
N THR D 46 44.02 5.57 -7.34
CA THR D 46 45.01 5.19 -6.34
C THR D 46 44.43 4.21 -5.36
N SER D 47 45.22 3.21 -4.99
CA SER D 47 44.88 2.38 -3.86
C SER D 47 46.03 1.55 -3.34
N VAL D 48 45.76 0.85 -2.24
CA VAL D 48 46.70 -0.09 -1.63
C VAL D 48 46.69 -1.33 -2.46
N VAL D 49 46.07 -1.24 -3.62
CA VAL D 49 45.93 -2.43 -4.40
C VAL D 49 46.59 -2.28 -5.74
N PRO D 50 47.40 -3.26 -6.11
CA PRO D 50 47.72 -3.50 -7.51
C PRO D 50 46.50 -4.24 -8.02
N ALA D 51 46.05 -5.22 -7.23
CA ALA D 51 44.82 -5.94 -7.47
C ALA D 51 43.68 -4.92 -7.40
N GLU D 52 42.42 -5.35 -7.44
CA GLU D 52 41.30 -4.39 -7.46
C GLU D 52 41.49 -3.28 -8.50
N LEU D 53 42.67 -2.68 -8.46
CA LEU D 53 43.18 -1.90 -9.55
C LEU D 53 43.58 -2.85 -10.69
N ASP D 54 43.99 -4.07 -10.36
CA ASP D 54 44.16 -5.07 -11.41
C ASP D 54 42.82 -5.18 -12.13
N TRP D 55 41.75 -5.18 -11.34
CA TRP D 55 40.41 -5.04 -11.89
C TRP D 55 40.23 -3.68 -12.56
N ALA D 56 40.66 -2.62 -11.89
CA ALA D 56 40.48 -1.28 -12.41
C ALA D 56 41.20 -1.14 -13.70
N LYS D 57 42.43 -1.67 -13.72
CA LYS D 57 43.34 -1.49 -14.84
C LYS D 57 42.67 -1.88 -16.13
N LYS D 58 42.20 -3.11 -16.15
CA LYS D 58 41.71 -3.73 -17.37
C LYS D 58 40.37 -3.14 -17.82
N GLU D 59 39.28 -3.58 -17.19
CA GLU D 59 37.93 -3.20 -17.64
C GLU D 59 37.35 -1.94 -17.02
N LEU D 60 38.20 -0.97 -16.71
CA LEU D 60 37.73 0.38 -16.50
C LEU D 60 38.53 1.31 -17.39
N GLY D 61 39.77 0.91 -17.66
CA GLY D 61 40.65 1.71 -18.47
C GLY D 61 41.47 2.63 -17.62
N VAL D 62 41.79 2.17 -16.42
CA VAL D 62 42.55 2.96 -15.48
C VAL D 62 44.03 2.94 -15.86
N GLU D 63 44.58 4.09 -16.25
CA GLU D 63 45.96 4.19 -16.70
C GLU D 63 46.96 4.17 -15.58
N GLU D 64 46.66 4.94 -14.54
CA GLU D 64 47.65 5.28 -13.56
C GLU D 64 47.25 4.74 -12.22
N VAL D 65 48.15 3.99 -11.61
CA VAL D 65 47.88 3.38 -10.33
C VAL D 65 48.93 3.86 -9.33
N PHE D 66 48.55 4.02 -8.08
CA PHE D 66 49.45 4.59 -7.08
C PHE D 66 49.21 3.93 -5.73
N GLU D 67 49.73 4.55 -4.69
CA GLU D 67 49.54 4.03 -3.34
C GLU D 67 49.65 5.15 -2.34
N ASP D 68 49.45 6.36 -2.83
CA ASP D 68 49.69 7.54 -2.04
C ASP D 68 49.03 8.67 -2.81
N PHE D 69 47.95 9.18 -2.21
CA PHE D 69 47.19 10.29 -2.74
C PHE D 69 48.16 11.36 -3.21
N ASP D 70 49.04 11.73 -2.29
CA ASP D 70 50.14 12.62 -2.57
C ASP D 70 50.96 12.15 -3.77
N ASP D 71 51.41 10.90 -3.75
CA ASP D 71 52.15 10.34 -4.89
C ASP D 71 51.30 10.53 -6.12
N MET D 72 50.04 10.10 -6.01
CA MET D 72 49.09 10.22 -7.12
C MET D 72 48.78 11.63 -7.55
N VAL D 73 48.51 12.53 -6.63
CA VAL D 73 48.17 13.88 -7.05
C VAL D 73 49.34 14.59 -7.66
N GLN D 74 50.53 14.00 -7.57
CA GLN D 74 51.72 14.70 -8.04
C GLN D 74 51.77 14.89 -9.55
N HIS D 75 51.66 13.81 -10.31
CA HIS D 75 51.91 13.87 -11.75
C HIS D 75 50.68 14.04 -12.64
N ALA D 76 49.48 13.85 -12.09
CA ALA D 76 48.28 13.72 -12.91
C ALA D 76 47.73 15.00 -13.51
N ASP D 77 47.22 14.89 -14.73
CA ASP D 77 46.47 15.95 -15.37
C ASP D 77 45.01 15.88 -14.91
N ILE D 78 44.69 16.61 -13.85
CA ILE D 78 43.34 16.64 -13.29
C ILE D 78 43.02 18.01 -12.75
N ASP D 79 41.74 18.25 -12.50
CA ASP D 79 41.33 19.47 -11.82
C ASP D 79 40.85 19.12 -10.41
N ALA D 80 40.60 17.85 -10.18
CA ALA D 80 39.89 17.48 -8.97
C ALA D 80 40.05 16.02 -8.59
N VAL D 81 39.94 15.75 -7.29
CA VAL D 81 39.91 14.40 -6.80
C VAL D 81 38.54 14.06 -6.26
N PHE D 82 38.41 12.80 -5.90
CA PHE D 82 37.19 12.22 -5.44
C PHE D 82 37.65 11.24 -4.40
N ILE D 83 37.46 11.59 -3.13
CA ILE D 83 38.08 10.84 -2.05
C ILE D 83 37.20 9.75 -1.49
N VAL D 84 37.59 8.51 -1.77
CA VAL D 84 36.84 7.34 -1.33
C VAL D 84 37.81 6.41 -0.63
N SER D 85 38.74 7.01 0.10
CA SER D 85 39.68 6.27 0.93
C SER D 85 39.01 6.09 2.26
N PRO D 86 39.59 5.29 3.16
CA PRO D 86 38.95 5.11 4.47
C PRO D 86 38.89 6.39 5.28
N SER D 87 38.01 6.39 6.29
CA SER D 87 37.70 7.59 7.06
C SER D 87 38.94 8.37 7.45
N GLY D 88 39.87 7.68 8.09
CA GLY D 88 41.06 8.29 8.65
C GLY D 88 41.88 9.11 7.70
N PHE D 89 41.77 8.81 6.42
CA PHE D 89 42.63 9.40 5.42
C PHE D 89 42.03 10.63 4.79
N HIS D 90 40.74 10.85 5.04
CA HIS D 90 40.04 11.89 4.32
C HIS D 90 40.74 13.20 4.47
N LEU D 91 40.86 13.65 5.72
CA LEU D 91 41.30 14.99 6.02
C LEU D 91 42.67 15.29 5.46
N GLN D 92 43.64 14.44 5.76
CA GLN D 92 44.99 14.69 5.27
C GLN D 92 44.98 14.73 3.76
N GLN D 93 44.20 13.83 3.17
CA GLN D 93 44.03 13.81 1.74
C GLN D 93 43.21 15.00 1.29
N ILE D 94 42.39 15.52 2.18
CA ILE D 94 41.59 16.67 1.79
C ILE D 94 42.51 17.86 1.56
N GLU D 95 43.29 18.20 2.56
CA GLU D 95 44.18 19.36 2.49
C GLU D 95 45.20 19.27 1.34
N SER D 96 45.77 18.09 1.17
CA SER D 96 46.73 17.86 0.10
C SER D 96 46.26 18.35 -1.26
N ALA D 97 45.03 18.00 -1.64
CA ALA D 97 44.52 18.36 -2.94
C ALA D 97 44.25 19.84 -3.03
N LEU D 98 43.76 20.39 -1.93
CA LEU D 98 43.59 21.83 -1.82
C LEU D 98 44.99 22.45 -1.78
N ASN D 99 45.94 21.73 -1.19
CA ASN D 99 47.35 22.14 -1.26
C ASN D 99 47.86 21.98 -2.67
N ALA D 100 47.18 21.13 -3.46
CA ALA D 100 47.56 20.93 -4.85
C ALA D 100 46.76 21.83 -5.79
N GLY D 101 45.77 22.51 -5.23
CA GLY D 101 44.98 23.46 -5.99
C GLY D 101 43.78 22.85 -6.70
N LYS D 102 43.46 21.61 -6.32
CA LYS D 102 42.38 20.84 -6.95
C LYS D 102 41.06 21.07 -6.26
N HIS D 103 39.97 20.89 -6.99
CA HIS D 103 38.66 20.82 -6.37
C HIS D 103 38.54 19.45 -5.69
N VAL D 104 37.69 19.31 -4.67
CA VAL D 104 37.63 18.06 -3.90
C VAL D 104 36.22 17.53 -3.57
N PHE D 105 36.03 16.24 -3.80
CA PHE D 105 34.91 15.51 -3.23
C PHE D 105 35.40 14.46 -2.26
N SER D 106 34.80 14.43 -1.08
CA SER D 106 35.13 13.40 -0.11
C SER D 106 33.87 12.75 0.42
N GLU D 107 34.02 11.52 0.89
CA GLU D 107 32.92 10.76 1.43
C GLU D 107 32.71 11.04 2.90
N LYS D 108 31.62 10.51 3.42
CA LYS D 108 31.31 10.66 4.83
C LYS D 108 31.88 9.49 5.59
N PRO D 109 32.20 9.69 6.88
CA PRO D 109 32.17 10.98 7.55
C PRO D 109 33.34 11.81 7.09
N ILE D 110 33.38 13.08 7.43
CA ILE D 110 34.47 13.91 6.96
C ILE D 110 35.75 13.46 7.63
N GLY D 111 35.61 12.94 8.83
CA GLY D 111 36.72 12.43 9.59
C GLY D 111 36.20 11.90 10.88
N LEU D 112 37.10 11.59 11.81
CA LEU D 112 36.71 10.91 13.04
C LEU D 112 37.11 11.64 14.32
N ASP D 113 38.07 12.56 14.22
CA ASP D 113 38.53 13.35 15.36
C ASP D 113 38.12 14.79 15.22
N ILE D 114 37.40 15.28 16.21
CA ILE D 114 36.83 16.60 16.16
C ILE D 114 37.84 17.72 15.96
N GLU D 115 38.92 17.75 16.73
CA GLU D 115 39.90 18.82 16.62
C GLU D 115 40.56 18.85 15.24
N ALA D 116 40.74 17.68 14.66
CA ALA D 116 41.28 17.57 13.31
C ALA D 116 40.35 18.18 12.28
N ILE D 117 39.08 17.90 12.44
CA ILE D 117 38.08 18.35 11.50
C ILE D 117 38.02 19.86 11.53
N GLU D 118 37.97 20.43 12.74
CA GLU D 118 37.94 21.86 12.91
C GLU D 118 39.12 22.56 12.21
N HIS D 119 40.25 21.86 12.15
CA HIS D 119 41.43 22.38 11.48
C HIS D 119 41.22 22.50 9.99
N THR D 120 40.85 21.38 9.36
CA THR D 120 40.66 21.33 7.92
C THR D 120 39.60 22.30 7.47
N GLN D 121 38.60 22.49 8.30
CA GLN D 121 37.56 23.44 8.03
C GLN D 121 38.14 24.83 7.80
N GLN D 122 39.23 25.15 8.48
CA GLN D 122 39.83 26.44 8.30
C GLN D 122 40.51 26.48 6.94
N VAL D 123 41.12 25.37 6.56
CA VAL D 123 41.77 25.26 5.26
C VAL D 123 40.82 25.53 4.10
N ILE D 124 39.77 24.72 4.00
CA ILE D 124 38.78 24.81 2.94
C ILE D 124 38.34 26.23 2.73
N ALA D 125 38.11 26.93 3.84
CA ALA D 125 37.66 28.30 3.77
C ALA D 125 38.76 29.20 3.20
N GLN D 126 40.00 28.75 3.31
CA GLN D 126 41.13 29.49 2.79
C GLN D 126 41.41 29.21 1.34
N HIS D 127 40.80 28.16 0.80
CA HIS D 127 40.88 27.90 -0.63
C HIS D 127 39.52 28.19 -1.23
N ALA D 128 39.02 29.39 -0.97
CA ALA D 128 37.71 29.80 -1.44
C ALA D 128 37.61 29.90 -2.96
N ASN D 129 38.55 29.29 -3.66
CA ASN D 129 38.48 29.20 -5.11
C ASN D 129 38.18 27.77 -5.51
N LEU D 130 38.33 26.88 -4.54
CA LEU D 130 38.14 25.48 -4.78
C LEU D 130 36.82 24.94 -4.24
N LYS D 131 36.39 23.85 -4.83
CA LYS D 131 35.15 23.19 -4.46
C LYS D 131 35.43 22.10 -3.47
N PHE D 132 34.70 22.12 -2.36
CA PHE D 132 34.69 21.00 -1.45
C PHE D 132 33.26 20.49 -1.29
N GLN D 133 33.09 19.21 -1.50
CA GLN D 133 31.79 18.61 -1.41
C GLN D 133 31.85 17.36 -0.59
N LEU D 134 30.91 17.23 0.32
CA LEU D 134 30.84 16.05 1.15
C LEU D 134 29.73 15.12 0.68
N GLY D 135 29.92 13.83 0.90
CA GLY D 135 29.08 12.83 0.30
C GLY D 135 27.87 12.36 1.09
N PHE D 136 27.08 13.31 1.54
CA PHE D 136 25.78 12.98 2.08
C PHE D 136 24.78 12.83 0.94
N MET D 137 24.78 11.65 0.34
CA MET D 137 24.11 11.43 -0.92
C MET D 137 22.60 11.47 -0.83
N ARG D 138 22.06 11.24 0.35
CA ARG D 138 20.62 11.26 0.54
C ARG D 138 20.00 12.61 0.18
N ARG D 139 20.80 13.66 0.25
CA ARG D 139 20.36 14.98 -0.15
C ARG D 139 20.04 15.09 -1.63
N PHE D 140 20.61 14.19 -2.41
CA PHE D 140 20.39 14.14 -3.84
C PHE D 140 19.39 13.09 -4.22
N ASP D 141 18.86 12.37 -3.24
CA ASP D 141 17.87 11.35 -3.52
C ASP D 141 16.55 11.99 -3.95
N ASP D 142 16.00 11.50 -5.06
CA ASP D 142 14.76 12.03 -5.62
C ASP D 142 13.62 12.05 -4.62
N SER D 143 13.51 11.00 -3.82
CA SER D 143 12.43 10.90 -2.86
C SER D 143 12.63 11.85 -1.68
N TYR D 144 13.85 11.91 -1.14
CA TYR D 144 14.19 12.88 -0.11
C TYR D 144 13.98 14.32 -0.59
N ARG D 145 14.38 14.60 -1.82
CA ARG D 145 14.22 15.93 -2.38
C ARG D 145 12.75 16.30 -2.53
N TYR D 146 11.92 15.35 -2.94
CA TYR D 146 10.49 15.56 -3.08
C TYR D 146 9.88 15.95 -1.76
N ALA D 147 10.21 15.18 -0.73
CA ALA D 147 9.73 15.48 0.60
C ALA D 147 10.21 16.86 1.07
N LYS D 148 11.45 17.18 0.77
CA LYS D 148 12.04 18.46 1.14
C LYS D 148 11.29 19.62 0.50
N GLN D 149 10.99 19.47 -0.78
CA GLN D 149 10.16 20.43 -1.50
C GLN D 149 8.77 20.58 -0.89
N LEU D 150 8.15 19.49 -0.49
CA LEU D 150 6.85 19.56 0.16
C LEU D 150 6.91 20.33 1.48
N VAL D 151 7.92 20.05 2.27
CA VAL D 151 8.10 20.69 3.57
C VAL D 151 8.36 22.15 3.37
N ASP D 152 9.23 22.47 2.44
CA ASP D 152 9.56 23.85 2.12
C ASP D 152 8.37 24.63 1.55
N GLN D 153 7.41 23.93 0.97
CA GLN D 153 6.21 24.55 0.43
C GLN D 153 5.16 24.75 1.50
N GLY D 154 5.42 24.24 2.70
CA GLY D 154 4.48 24.37 3.78
C GLY D 154 3.39 23.33 3.83
N LYS D 155 3.56 22.23 3.12
CA LYS D 155 2.51 21.23 3.01
C LYS D 155 2.21 20.47 4.29
N ILE D 156 3.17 20.41 5.20
CA ILE D 156 2.96 19.72 6.46
C ILE D 156 3.06 20.67 7.64
N GLY D 157 3.19 21.96 7.35
CA GLY D 157 3.35 22.97 8.36
C GLY D 157 4.75 23.00 8.93
N ASP D 158 4.84 23.23 10.23
CA ASP D 158 6.11 23.20 10.92
C ASP D 158 6.41 21.81 11.49
N ILE D 159 7.65 21.38 11.29
CA ILE D 159 8.13 20.10 11.74
C ILE D 159 8.17 20.00 13.26
N THR D 160 7.48 19.01 13.81
CA THR D 160 7.56 18.74 15.23
C THR D 160 8.46 17.56 15.59
N LEU D 161 8.48 16.54 14.74
CA LEU D 161 9.25 15.33 15.01
C LEU D 161 9.74 14.73 13.71
N ILE D 162 10.97 14.24 13.72
CA ILE D 162 11.52 13.43 12.67
C ILE D 162 11.99 12.08 13.21
N ARG D 163 11.47 10.98 12.67
CA ARG D 163 11.97 9.65 12.98
C ARG D 163 12.71 9.07 11.79
N SER D 164 13.87 8.51 12.04
CA SER D 164 14.67 7.99 10.96
C SER D 164 15.27 6.62 11.28
N TYR D 165 14.98 5.65 10.41
CA TYR D 165 15.52 4.30 10.50
C TYR D 165 16.58 4.06 9.42
N SER D 166 17.69 3.47 9.82
CA SER D 166 18.74 3.08 8.92
C SER D 166 19.23 1.72 9.38
N ILE D 167 18.65 0.66 8.81
CA ILE D 167 18.96 -0.69 9.21
C ILE D 167 19.50 -1.50 8.04
N ASP D 168 20.71 -1.99 8.18
CA ASP D 168 21.35 -2.81 7.16
C ASP D 168 20.65 -4.16 7.04
N PRO D 169 20.74 -4.77 5.86
CA PRO D 169 20.09 -6.05 5.61
C PRO D 169 20.79 -7.22 6.30
N ALA D 170 20.01 -8.11 6.88
CA ALA D 170 20.52 -9.30 7.52
C ALA D 170 21.31 -10.16 6.55
N ALA D 171 20.89 -10.17 5.30
CA ALA D 171 21.57 -10.91 4.26
C ALA D 171 23.00 -10.47 4.07
N GLY D 172 23.32 -9.28 4.54
CA GLY D 172 24.68 -8.78 4.45
C GLY D 172 25.51 -9.01 5.70
N MET D 173 25.02 -9.85 6.59
CA MET D 173 25.65 -10.04 7.88
C MET D 173 27.02 -10.70 7.83
N ALA D 174 27.20 -11.69 6.96
CA ALA D 174 28.48 -12.37 6.88
C ALA D 174 29.57 -11.48 6.28
N SER D 175 29.23 -10.74 5.23
CA SER D 175 30.17 -9.80 4.68
C SER D 175 30.47 -8.68 5.67
N PHE D 176 29.53 -8.34 6.54
CA PHE D 176 29.79 -7.37 7.58
C PHE D 176 30.81 -7.87 8.59
N VAL D 177 30.58 -9.10 9.08
CA VAL D 177 31.47 -9.72 10.05
C VAL D 177 32.84 -9.89 9.47
N LYS D 178 32.90 -10.32 8.22
CA LYS D 178 34.15 -10.48 7.52
C LYS D 178 34.93 -9.18 7.48
N PHE D 179 34.20 -8.12 7.14
CA PHE D 179 34.69 -6.75 7.04
C PHE D 179 35.13 -6.28 8.40
N ALA D 180 34.27 -6.50 9.39
CA ALA D 180 34.49 -5.93 10.72
C ALA D 180 35.61 -6.59 11.49
N THR D 181 35.63 -7.90 11.50
CA THR D 181 36.57 -8.65 12.29
C THR D 181 38.00 -8.37 11.90
N SER D 182 38.16 -7.82 10.71
CA SER D 182 39.47 -7.53 10.19
C SER D 182 39.83 -6.03 10.14
N ALA D 183 38.85 -5.14 10.12
CA ALA D 183 39.17 -3.71 10.09
C ALA D 183 38.09 -2.75 10.59
N ASN D 184 37.86 -2.74 11.89
CA ASN D 184 36.96 -1.80 12.57
C ASN D 184 36.67 -0.48 11.87
N SER D 185 35.41 -0.06 11.91
CA SER D 185 34.97 1.23 11.36
C SER D 185 33.46 1.38 11.41
N GLY D 186 32.93 2.29 12.22
CA GLY D 186 33.64 2.96 13.29
C GLY D 186 32.61 3.03 14.42
N GLY D 187 31.83 1.97 14.52
CA GLY D 187 30.73 1.93 15.43
C GLY D 187 29.44 2.08 14.68
N LEU D 188 28.36 1.61 15.27
CA LEU D 188 27.06 1.62 14.62
C LEU D 188 26.53 3.02 14.29
N PHE D 189 26.55 3.90 15.28
CA PHE D 189 25.95 5.19 15.14
C PHE D 189 26.73 6.06 14.18
N LEU D 190 28.03 5.83 14.16
CA LEU D 190 28.91 6.60 13.30
C LEU D 190 28.85 6.10 11.87
N ASP D 191 28.57 4.82 11.71
CA ASP D 191 28.48 4.22 10.40
C ASP D 191 27.10 4.42 9.77
N MET D 192 26.05 4.18 10.54
CA MET D 192 24.70 4.19 10.02
C MET D 192 23.93 5.49 10.27
N SER D 193 24.05 6.04 11.47
CA SER D 193 23.17 7.11 11.92
C SER D 193 23.53 8.51 11.46
N ILE D 194 24.68 8.66 10.83
CA ILE D 194 25.18 9.97 10.49
C ILE D 194 24.42 10.61 9.33
N HIS D 195 23.96 9.77 8.41
CA HIS D 195 23.10 10.22 7.33
C HIS D 195 21.82 10.79 7.89
N ASP D 196 21.31 10.15 8.94
CA ASP D 196 20.06 10.53 9.55
C ASP D 196 20.17 11.84 10.32
N ILE D 197 21.31 12.05 10.95
CA ILE D 197 21.63 13.29 11.61
C ILE D 197 21.62 14.41 10.59
N ASP D 198 22.29 14.18 9.47
CA ASP D 198 22.38 15.14 8.40
C ASP D 198 21.01 15.47 7.77
N VAL D 199 20.16 14.47 7.62
CA VAL D 199 18.81 14.66 7.14
C VAL D 199 18.03 15.53 8.11
N ILE D 200 18.19 15.26 9.39
CA ILE D 200 17.51 16.00 10.43
C ILE D 200 17.91 17.48 10.42
N ARG D 201 19.20 17.76 10.27
CA ARG D 201 19.70 19.11 10.18
C ARG D 201 19.24 19.78 8.90
N TRP D 202 19.20 19.00 7.82
CA TRP D 202 18.81 19.49 6.51
C TRP D 202 17.38 20.00 6.50
N PHE D 203 16.45 19.17 6.94
CA PHE D 203 15.05 19.55 6.97
C PHE D 203 14.71 20.63 7.99
N THR D 204 15.35 20.59 9.16
CA THR D 204 15.01 21.53 10.23
C THR D 204 15.75 22.85 10.18
N GLY D 205 16.99 22.82 9.73
CA GLY D 205 17.85 23.97 9.82
C GLY D 205 18.34 24.18 11.24
N LYS D 206 18.09 23.20 12.08
CA LYS D 206 18.47 23.26 13.49
C LYS D 206 19.58 22.28 13.85
N GLU D 207 20.06 22.38 15.07
CA GLU D 207 21.14 21.55 15.56
C GLU D 207 20.71 20.73 16.78
N ILE D 208 21.35 19.59 16.97
CA ILE D 208 20.96 18.67 18.04
C ILE D 208 21.60 19.07 19.36
N ASP D 209 20.80 19.11 20.41
CA ASP D 209 21.26 19.55 21.72
C ASP D 209 21.72 18.42 22.62
N LYS D 210 20.83 17.48 22.92
CA LYS D 210 21.22 16.34 23.71
C LYS D 210 20.52 15.07 23.28
N VAL D 211 21.18 13.93 23.53
CA VAL D 211 20.75 12.65 23.02
C VAL D 211 20.88 11.56 24.08
N TRP D 212 20.05 10.53 23.99
CA TRP D 212 20.27 9.29 24.72
C TRP D 212 20.09 8.12 23.77
N ALA D 213 21.00 7.17 23.82
CA ALA D 213 21.00 6.00 22.96
C ALA D 213 21.08 4.73 23.79
N ILE D 214 20.35 3.72 23.37
CA ILE D 214 20.47 2.38 23.95
C ILE D 214 20.71 1.35 22.84
N GLY D 215 21.00 0.12 23.23
CA GLY D 215 21.40 -0.89 22.28
C GLY D 215 21.15 -2.32 22.75
N LEU D 216 21.13 -3.24 21.79
CA LEU D 216 20.85 -4.62 22.06
C LEU D 216 21.45 -5.54 21.02
N ASN D 217 22.03 -6.64 21.49
CA ASN D 217 22.44 -7.73 20.63
C ASN D 217 21.65 -8.95 21.04
N ARG D 218 20.85 -9.48 20.12
CA ARG D 218 20.00 -10.59 20.44
C ARG D 218 19.93 -11.68 19.36
N ALA D 219 20.15 -11.29 18.11
CA ALA D 219 19.96 -12.21 17.00
C ALA D 219 21.23 -12.95 16.58
N TYR D 220 22.33 -12.24 16.46
CA TYR D 220 23.54 -12.81 15.91
C TYR D 220 24.69 -12.74 16.90
N PRO D 221 24.94 -13.85 17.60
CA PRO D 221 26.03 -13.99 18.57
C PRO D 221 27.40 -13.64 18.03
N VAL D 222 27.63 -13.68 16.73
CA VAL D 222 28.94 -13.28 16.23
C VAL D 222 29.26 -11.81 16.44
N LEU D 223 28.23 -10.99 16.56
CA LEU D 223 28.47 -9.58 16.74
C LEU D 223 29.03 -9.31 18.14
N ASP D 224 28.59 -10.11 19.10
CA ASP D 224 29.17 -10.07 20.43
C ASP D 224 30.65 -10.36 20.33
N LYS D 225 30.99 -11.43 19.62
CA LYS D 225 32.37 -11.82 19.47
C LYS D 225 33.16 -10.71 18.80
N ALA D 226 32.57 -10.05 17.82
CA ALA D 226 33.26 -8.98 17.11
C ALA D 226 33.19 -7.62 17.82
N GLY D 227 32.45 -7.56 18.92
CA GLY D 227 32.30 -6.31 19.64
C GLY D 227 31.51 -5.26 18.86
N GLU D 228 30.50 -5.69 18.14
CA GLU D 228 29.68 -4.79 17.36
C GLU D 228 28.26 -4.73 17.86
N LEU D 229 27.62 -3.58 17.68
CA LEU D 229 26.23 -3.43 18.05
C LEU D 229 25.27 -3.88 16.95
N GLU D 230 24.28 -4.66 17.34
CA GLU D 230 23.31 -5.24 16.43
C GLU D 230 22.18 -4.28 16.12
N THR D 231 21.51 -3.79 17.15
CA THR D 231 20.47 -2.78 17.00
C THR D 231 20.62 -1.68 18.03
N GLY D 232 20.45 -0.44 17.59
CA GLY D 232 20.44 0.69 18.49
C GLY D 232 19.26 1.63 18.29
N ALA D 233 18.81 2.23 19.37
CA ALA D 233 17.74 3.23 19.28
C ALA D 233 18.10 4.46 20.10
N ALA D 234 17.62 5.61 19.66
CA ALA D 234 17.96 6.87 20.29
C ALA D 234 16.84 7.89 20.24
N LEU D 235 16.82 8.75 21.25
CA LEU D 235 15.96 9.92 21.28
C LEU D 235 16.86 11.13 21.29
N MET D 236 16.47 12.17 20.56
CA MET D 236 17.25 13.40 20.47
C MET D 236 16.34 14.62 20.61
N GLN D 237 16.84 15.64 21.27
CA GLN D 237 16.13 16.90 21.41
C GLN D 237 16.94 17.96 20.71
N LEU D 238 16.33 18.64 19.76
CA LEU D 238 17.07 19.67 19.05
C LEU D 238 17.06 20.99 19.81
N GLU D 239 17.82 21.95 19.34
CA GLU D 239 17.97 23.22 20.02
C GLU D 239 16.66 23.99 20.16
N ASP D 240 15.69 23.74 19.31
CA ASP D 240 14.40 24.39 19.43
C ASP D 240 13.31 23.46 19.93
N LYS D 241 13.72 22.42 20.63
CA LYS D 241 12.83 21.42 21.21
C LYS D 241 12.07 20.58 20.17
N THR D 242 12.51 20.65 18.92
CA THR D 242 12.02 19.74 17.90
C THR D 242 12.52 18.35 18.28
N MET D 243 11.65 17.36 18.17
CA MET D 243 11.96 15.99 18.56
C MET D 243 12.55 15.14 17.42
N ALA D 244 13.39 14.19 17.77
CA ALA D 244 13.93 13.24 16.81
C ALA D 244 14.17 11.83 17.39
N ILE D 245 13.76 10.83 16.61
CA ILE D 245 13.90 9.42 16.98
C ILE D 245 14.78 8.72 15.95
N LEU D 246 15.72 7.91 16.43
CA LEU D 246 16.58 7.15 15.54
C LEU D 246 16.61 5.65 15.90
N VAL D 247 16.63 4.81 14.88
CA VAL D 247 16.99 3.42 15.05
C VAL D 247 18.05 3.08 14.01
N ALA D 248 19.12 2.44 14.46
CA ALA D 248 20.11 1.91 13.56
C ALA D 248 20.28 0.44 13.87
N GLY D 249 20.81 -0.30 12.91
CA GLY D 249 20.97 -1.72 13.08
C GLY D 249 21.64 -2.47 11.95
N ARG D 250 21.76 -3.78 12.13
CA ARG D 250 22.38 -4.63 11.13
C ARG D 250 21.51 -5.81 10.77
N ASN D 251 20.32 -5.89 11.35
CA ASN D 251 19.48 -7.05 11.16
C ASN D 251 18.08 -6.75 10.64
N ALA D 252 18.00 -6.23 9.43
CA ALA D 252 16.71 -6.06 8.77
C ALA D 252 16.47 -7.27 7.89
N ALA D 253 15.51 -8.10 8.27
CA ALA D 253 15.28 -9.36 7.61
C ALA D 253 14.70 -9.19 6.20
N HIS D 254 14.05 -8.06 5.96
CA HIS D 254 13.34 -7.88 4.71
C HIS D 254 14.11 -7.14 3.64
N GLY D 255 15.25 -6.59 4.00
CA GLY D 255 16.04 -5.82 3.07
C GLY D 255 16.78 -4.68 3.74
N TYR D 256 17.07 -3.64 2.98
CA TYR D 256 17.71 -2.44 3.48
C TYR D 256 16.64 -1.46 3.91
N HIS D 257 16.42 -1.35 5.20
CA HIS D 257 15.41 -0.45 5.70
C HIS D 257 15.97 0.94 5.99
N VAL D 258 15.86 1.83 5.01
CA VAL D 258 16.17 3.23 5.23
C VAL D 258 14.92 4.03 5.05
N GLU D 259 14.34 4.43 6.17
CA GLU D 259 13.08 5.15 6.20
C GLU D 259 13.22 6.44 7.00
N THR D 260 12.60 7.50 6.53
CA THR D 260 12.57 8.75 7.27
C THR D 260 11.15 9.30 7.34
N GLU D 261 10.68 9.52 8.55
CA GLU D 261 9.35 10.05 8.82
C GLU D 261 9.44 11.48 9.34
N ILE D 262 8.60 12.35 8.82
CA ILE D 262 8.59 13.73 9.23
C ILE D 262 7.20 14.10 9.64
N ILE D 263 7.01 14.37 10.93
CA ILE D 263 5.74 14.81 11.44
C ILE D 263 5.73 16.33 11.55
N GLY D 264 4.68 16.94 11.05
CA GLY D 264 4.52 18.38 11.09
C GLY D 264 3.23 18.85 11.74
N THR D 265 3.01 20.15 11.79
CA THR D 265 1.83 20.68 12.46
C THR D 265 0.54 20.52 11.67
N LYS D 266 0.67 20.25 10.38
CA LYS D 266 -0.48 20.15 9.50
C LYS D 266 -0.51 18.85 8.72
N GLY D 267 0.49 18.01 8.93
CA GLY D 267 0.53 16.73 8.29
C GLY D 267 1.78 15.96 8.61
N MET D 268 1.94 14.83 7.96
CA MET D 268 3.14 14.04 8.10
C MET D 268 3.46 13.25 6.86
N LEU D 269 4.74 12.95 6.69
CA LEU D 269 5.16 12.17 5.56
C LEU D 269 6.13 11.07 5.92
N ARG D 270 6.24 10.11 5.03
CA ARG D 270 7.20 9.03 5.18
C ARG D 270 7.91 8.72 3.89
N ILE D 271 9.22 8.83 3.93
CA ILE D 271 10.06 8.50 2.82
C ILE D 271 10.50 7.05 2.96
N ALA D 272 10.02 6.20 2.05
CA ALA D 272 10.24 4.75 2.07
C ALA D 272 9.72 4.12 3.35
N GLN D 273 8.43 4.32 3.62
CA GLN D 273 7.73 3.71 4.73
C GLN D 273 8.09 2.23 4.77
N VAL D 274 8.05 1.62 3.61
CA VAL D 274 8.76 0.38 3.37
C VAL D 274 9.61 0.53 2.11
N PRO D 275 10.71 -0.23 2.04
CA PRO D 275 11.65 -0.06 0.94
C PRO D 275 11.23 -0.77 -0.34
N GLU D 276 10.21 -0.27 -1.02
CA GLU D 276 9.75 -0.86 -2.26
C GLU D 276 10.84 -0.94 -3.32
N LYS D 277 11.04 -2.13 -3.84
CA LYS D 277 12.08 -2.39 -4.83
C LYS D 277 11.76 -1.79 -6.19
N ASN D 278 10.52 -1.97 -6.61
CA ASN D 278 10.04 -1.54 -7.90
C ASN D 278 8.52 -1.42 -7.93
N LEU D 279 7.94 -1.50 -9.11
CA LEU D 279 6.50 -1.35 -9.27
C LEU D 279 5.76 -2.68 -9.23
N VAL D 280 6.48 -3.76 -9.02
CA VAL D 280 5.90 -5.09 -9.05
C VAL D 280 5.32 -5.53 -7.71
N THR D 281 4.09 -5.99 -7.74
CA THR D 281 3.46 -6.58 -6.58
C THR D 281 3.17 -8.05 -6.83
N VAL D 282 3.44 -8.90 -5.85
CA VAL D 282 3.31 -10.34 -6.00
C VAL D 282 2.23 -10.89 -5.07
N MET D 283 1.42 -11.79 -5.58
CA MET D 283 0.35 -12.36 -4.79
C MET D 283 0.39 -13.88 -4.86
N ASN D 284 0.55 -14.49 -3.70
CA ASN D 284 0.55 -15.93 -3.57
C ASN D 284 0.09 -16.39 -2.21
N GLU D 285 0.44 -17.61 -1.85
CA GLU D 285 -0.06 -18.23 -0.62
C GLU D 285 0.41 -17.54 0.67
N GLU D 286 1.45 -16.71 0.58
CA GLU D 286 1.90 -15.91 1.70
C GLU D 286 1.01 -14.69 1.93
N GLY D 287 0.36 -14.24 0.88
CA GLY D 287 -0.44 -13.04 0.89
C GLY D 287 -0.02 -12.11 -0.23
N ILE D 288 -0.17 -10.81 0.01
CA ILE D 288 0.31 -9.80 -0.90
C ILE D 288 1.74 -9.39 -0.55
N ILE D 289 2.63 -9.51 -1.51
CA ILE D 289 4.04 -9.28 -1.31
C ILE D 289 4.59 -8.12 -2.14
N ARG D 290 5.29 -7.21 -1.48
CA ARG D 290 6.11 -6.24 -2.17
C ARG D 290 7.58 -6.59 -1.99
N PRO D 291 8.26 -6.92 -3.09
CA PRO D 291 9.70 -7.08 -3.07
C PRO D 291 10.35 -5.79 -2.62
N THR D 292 11.52 -5.90 -2.03
CA THR D 292 12.19 -4.77 -1.41
C THR D 292 13.60 -4.55 -1.92
N SER D 293 14.10 -3.33 -1.75
CA SER D 293 15.48 -3.04 -2.05
C SER D 293 16.39 -3.69 -1.01
N GLN D 294 17.56 -4.11 -1.44
CA GLN D 294 18.38 -5.04 -0.67
C GLN D 294 19.61 -4.43 -0.06
N ASN D 295 20.08 -3.30 -0.58
CA ASN D 295 21.31 -2.70 -0.12
C ASN D 295 21.47 -1.28 -0.57
N PHE D 296 22.48 -0.61 -0.06
CA PHE D 296 22.70 0.79 -0.41
C PHE D 296 23.04 1.12 -1.87
N PRO D 297 23.77 0.26 -2.58
CA PRO D 297 24.00 0.63 -3.97
C PRO D 297 22.73 0.54 -4.81
N GLU D 298 21.85 -0.41 -4.50
CA GLU D 298 20.56 -0.48 -5.13
C GLU D 298 19.68 0.73 -4.82
N ARG D 299 19.38 0.93 -3.55
CA ARG D 299 18.49 1.98 -3.09
C ARG D 299 18.94 3.38 -3.50
N PHE D 300 20.24 3.64 -3.45
CA PHE D 300 20.75 4.97 -3.66
C PHE D 300 21.58 5.17 -4.92
N ALA D 301 21.44 4.25 -5.87
CA ALA D 301 22.15 4.33 -7.14
C ALA D 301 21.98 5.70 -7.80
N GLN D 302 20.76 6.18 -7.79
CA GLN D 302 20.42 7.46 -8.34
C GLN D 302 21.10 8.61 -7.60
N ALA D 303 21.04 8.57 -6.27
CA ALA D 303 21.67 9.55 -5.40
C ALA D 303 23.17 9.69 -5.65
N PHE D 304 23.88 8.57 -5.63
CA PHE D 304 25.30 8.54 -5.89
C PHE D 304 25.63 9.17 -7.24
N LEU D 305 24.87 8.82 -8.26
CA LEU D 305 25.06 9.41 -9.57
C LEU D 305 24.82 10.92 -9.56
N SER D 306 23.79 11.35 -8.86
CA SER D 306 23.45 12.76 -8.87
C SER D 306 24.48 13.59 -8.10
N GLU D 307 25.04 13.05 -7.03
CA GLU D 307 26.04 13.80 -6.29
C GLU D 307 27.34 13.95 -7.08
N GLU D 308 27.73 12.92 -7.82
CA GLU D 308 28.88 12.95 -8.71
C GLU D 308 28.73 14.02 -9.77
N GLN D 309 27.53 14.15 -10.32
CA GLN D 309 27.29 15.08 -11.41
C GLN D 309 27.17 16.50 -10.91
N ALA D 310 26.64 16.66 -9.70
CA ALA D 310 26.45 17.99 -9.14
C ALA D 310 27.80 18.63 -8.92
N PHE D 311 28.75 17.82 -8.50
CA PHE D 311 30.11 18.21 -8.22
C PHE D 311 30.76 18.75 -9.48
N VAL D 312 30.69 17.96 -10.53
CA VAL D 312 31.17 18.36 -11.82
C VAL D 312 30.48 19.63 -12.28
N ASN D 313 29.16 19.62 -12.35
CA ASN D 313 28.41 20.82 -12.71
C ASN D 313 28.82 22.04 -11.87
N SER D 314 29.20 21.79 -10.63
CA SER D 314 29.56 22.86 -9.70
C SER D 314 30.85 23.55 -10.12
N ILE D 315 31.79 22.78 -10.63
CA ILE D 315 33.00 23.32 -11.20
C ILE D 315 32.67 24.18 -12.42
N LEU D 316 32.05 23.57 -13.42
CA LEU D 316 31.68 24.23 -14.67
C LEU D 316 30.85 25.49 -14.53
N ASN D 317 30.06 25.58 -13.47
CA ASN D 317 29.20 26.75 -13.29
C ASN D 317 29.76 27.72 -12.26
N ASN D 318 30.87 27.34 -11.65
CA ASN D 318 31.39 28.01 -10.46
C ASN D 318 30.26 28.32 -9.51
N GLN D 319 29.66 27.27 -8.98
CA GLN D 319 28.51 27.41 -8.11
C GLN D 319 28.63 26.38 -7.02
N ASP D 320 28.36 26.78 -5.79
CA ASP D 320 28.60 25.88 -4.70
C ASP D 320 27.42 24.96 -4.44
N VAL D 321 27.72 23.71 -4.13
CA VAL D 321 26.69 22.73 -3.88
C VAL D 321 26.05 22.91 -2.51
N GLY D 322 26.84 23.14 -1.49
CA GLY D 322 26.30 23.50 -0.19
C GLY D 322 26.24 22.42 0.85
N ILE D 323 27.10 21.42 0.69
CA ILE D 323 27.27 20.36 1.67
C ILE D 323 28.66 20.55 2.25
N THR D 324 28.71 21.13 3.43
CA THR D 324 29.93 21.72 3.92
C THR D 324 30.70 20.88 4.92
N ALA D 325 31.91 21.35 5.20
CA ALA D 325 32.73 20.84 6.27
C ALA D 325 31.98 20.94 7.58
N GLU D 326 31.19 21.99 7.72
CA GLU D 326 30.40 22.20 8.91
C GLU D 326 29.31 21.14 9.05
N ASP D 327 28.74 20.73 7.93
CA ASP D 327 27.78 19.65 7.95
C ASP D 327 28.50 18.36 8.33
N GLY D 328 29.71 18.19 7.82
CA GLY D 328 30.54 17.08 8.21
C GLY D 328 30.85 17.10 9.68
N LEU D 329 31.16 18.29 10.18
CA LEU D 329 31.52 18.46 11.57
C LEU D 329 30.38 18.12 12.47
N GLN D 330 29.22 18.67 12.21
CA GLN D 330 28.09 18.45 13.10
C GLN D 330 27.59 17.01 13.05
N GLY D 331 27.79 16.35 11.92
CA GLY D 331 27.42 14.95 11.78
C GLY D 331 28.26 14.03 12.65
N THR D 332 29.57 14.13 12.53
CA THR D 332 30.44 13.31 13.34
C THR D 332 30.24 13.60 14.84
N LYS D 333 30.03 14.86 15.17
CA LYS D 333 29.85 15.30 16.53
C LYS D 333 28.61 14.69 17.17
N ALA D 334 27.50 14.71 16.45
CA ALA D 334 26.26 14.11 16.92
C ALA D 334 26.38 12.62 16.99
N ALA D 335 27.06 12.03 16.02
CA ALA D 335 27.27 10.60 16.03
C ALA D 335 28.15 10.16 17.21
N LEU D 336 29.20 10.92 17.47
CA LEU D 336 30.02 10.70 18.64
C LEU D 336 29.24 10.85 19.93
N ALA D 337 28.32 11.79 19.99
CA ALA D 337 27.48 11.98 21.16
C ALA D 337 26.55 10.80 21.40
N LEU D 338 26.04 10.22 20.32
CA LEU D 338 25.22 9.05 20.40
C LEU D 338 26.02 7.88 20.96
N GLN D 339 27.22 7.70 20.43
CA GLN D 339 28.08 6.58 20.79
C GLN D 339 28.42 6.65 22.25
N GLU D 340 28.68 7.86 22.75
CA GLU D 340 28.96 8.05 24.15
C GLU D 340 27.75 7.79 25.02
N ALA D 341 26.58 8.18 24.55
CA ALA D 341 25.37 7.93 25.29
C ALA D 341 25.03 6.44 25.37
N PHE D 342 25.43 5.69 24.34
CA PHE D 342 25.24 4.26 24.35
C PHE D 342 26.15 3.62 25.39
N GLU D 343 27.41 4.02 25.37
CA GLU D 343 28.41 3.46 26.27
C GLU D 343 28.06 3.76 27.74
N LYS D 344 27.70 5.00 28.03
CA LYS D 344 27.39 5.40 29.38
C LYS D 344 25.98 5.05 29.81
N ASN D 345 25.08 4.86 28.86
CA ASN D 345 23.66 4.69 29.14
C ASN D 345 23.14 5.86 29.96
N ASP D 346 23.38 7.05 29.43
CA ASP D 346 22.91 8.29 30.02
C ASP D 346 22.73 9.31 28.90
N ILE D 347 22.11 10.43 29.22
CA ILE D 347 21.96 11.52 28.26
C ILE D 347 23.28 12.22 28.07
N VAL D 348 23.60 12.56 26.83
CA VAL D 348 24.80 13.30 26.51
C VAL D 348 24.48 14.60 25.75
N GLN D 349 25.19 15.66 26.07
CA GLN D 349 25.07 16.92 25.35
C GLN D 349 26.03 16.91 24.19
N VAL D 350 25.54 17.33 23.03
CA VAL D 350 26.36 17.31 21.85
C VAL D 350 27.57 18.23 21.97
N ALA D 351 27.39 19.35 22.67
CA ALA D 351 28.47 20.32 22.81
C ALA D 351 29.63 19.81 23.66
N SER D 352 29.43 18.70 24.34
CA SER D 352 30.51 17.97 24.97
C SER D 352 30.90 16.73 24.14
#